data_3RJZ
# 
_entry.id   3RJZ 
# 
_audit_conform.dict_name       mmcif_pdbx.dic 
_audit_conform.dict_version    5.397 
_audit_conform.dict_location   http://mmcif.pdb.org/dictionaries/ascii/mmcif_pdbx.dic 
# 
loop_
_database_2.database_id 
_database_2.database_code 
_database_2.pdbx_database_accession 
_database_2.pdbx_DOI 
PDB   3RJZ         pdb_00003rjz 10.2210/pdb3rjz/pdb 
RCSB  RCSB065025   ?            ?                   
WWPDB D_1000065025 ?            ?                   
# 
loop_
_pdbx_audit_revision_history.ordinal 
_pdbx_audit_revision_history.data_content_type 
_pdbx_audit_revision_history.major_revision 
_pdbx_audit_revision_history.minor_revision 
_pdbx_audit_revision_history.revision_date 
1 'Structure model' 1 0 2011-05-11 
2 'Structure model' 1 1 2011-07-13 
3 'Structure model' 1 2 2012-01-11 
4 'Structure model' 1 3 2024-10-30 
# 
_pdbx_audit_revision_details.ordinal             1 
_pdbx_audit_revision_details.revision_ordinal    1 
_pdbx_audit_revision_details.data_content_type   'Structure model' 
_pdbx_audit_revision_details.provider            repository 
_pdbx_audit_revision_details.type                'Initial release' 
_pdbx_audit_revision_details.description         ? 
_pdbx_audit_revision_details.details             ? 
# 
loop_
_pdbx_audit_revision_group.ordinal 
_pdbx_audit_revision_group.revision_ordinal 
_pdbx_audit_revision_group.data_content_type 
_pdbx_audit_revision_group.group 
1 2 'Structure model' 'Version format compliance' 
2 3 'Structure model' 'Database references'       
3 4 'Structure model' 'Data collection'           
4 4 'Structure model' 'Database references'       
5 4 'Structure model' 'Derived calculations'      
6 4 'Structure model' 'Structure summary'         
# 
loop_
_pdbx_audit_revision_category.ordinal 
_pdbx_audit_revision_category.revision_ordinal 
_pdbx_audit_revision_category.data_content_type 
_pdbx_audit_revision_category.category 
1 4 'Structure model' chem_comp_atom            
2 4 'Structure model' chem_comp_bond            
3 4 'Structure model' database_2                
4 4 'Structure model' pdbx_entry_details        
5 4 'Structure model' pdbx_modification_feature 
6 4 'Structure model' struct_conn               
7 4 'Structure model' struct_ref_seq_dif        
# 
loop_
_pdbx_audit_revision_item.ordinal 
_pdbx_audit_revision_item.revision_ordinal 
_pdbx_audit_revision_item.data_content_type 
_pdbx_audit_revision_item.item 
1 4 'Structure model' '_database_2.pdbx_DOI'                
2 4 'Structure model' '_database_2.pdbx_database_accession' 
3 4 'Structure model' '_struct_conn.pdbx_leaving_atom_flag' 
4 4 'Structure model' '_struct_ref_seq_dif.details'         
# 
_pdbx_database_PDB_obs_spr.id               SPRSDE 
_pdbx_database_PDB_obs_spr.date             2011-06-01 
_pdbx_database_PDB_obs_spr.pdb_id           3RJZ 
_pdbx_database_PDB_obs_spr.replace_pdb_id   1RU8 
_pdbx_database_PDB_obs_spr.details          ? 
# 
_pdbx_database_status.status_code                     REL 
_pdbx_database_status.entry_id                        3RJZ 
_pdbx_database_status.recvd_initial_deposition_date   2011-04-16 
_pdbx_database_status.deposit_site                    RCSB 
_pdbx_database_status.process_site                    RCSB 
_pdbx_database_status.status_code_sf                  REL 
_pdbx_database_status.status_code_mr                  ? 
_pdbx_database_status.SG_entry                        Y 
_pdbx_database_status.status_code_cs                  ? 
_pdbx_database_status.pdb_format_compatible           Y 
_pdbx_database_status.status_code_nmr_data            ? 
_pdbx_database_status.methods_development_category    ? 
# 
loop_
_pdbx_database_related.db_name 
_pdbx_database_related.db_id 
_pdbx_database_related.details 
_pdbx_database_related.content_type 
TargetDB PfR23 .                                 unspecified 
PDB      3RK0  'This is the AMP-bound structure' unspecified 
PDB      3RK1  'This is the ATP-bound structure' unspecified 
# 
loop_
_audit_author.name 
_audit_author.pdbx_ordinal 
'Forouhar, F.'                                    1 
'Lee, I.'                                         2 
'Xiao, R.'                                        3 
'Acton, T.B.'                                     4 
'Montelione, G.T.'                                5 
'Hunt, J.'                                        6 
'Tong, L.'                                        7 
'Northeast Structural Genomics Consortium (NESG)' 8 
# 
_citation.id                        primary 
_citation.title                     
'A large conformational change in the putative ATP pyrophosphatase PF0828 induced by ATP binding.' 
_citation.journal_abbrev            'Acta Crystallogr.,Sect.F' 
_citation.journal_volume            67 
_citation.page_first                1323 
_citation.page_last                 1327 
_citation.year                      2011 
_citation.journal_id_ASTM           ? 
_citation.country                   DK 
_citation.journal_id_ISSN           1744-3091 
_citation.journal_id_CSD            ? 
_citation.book_publisher            ? 
_citation.pdbx_database_id_PubMed   22102225 
_citation.pdbx_database_id_DOI      10.1107/S1744309111031447 
# 
loop_
_citation_author.citation_id 
_citation_author.name 
_citation_author.ordinal 
_citation_author.identifier_ORCID 
primary 'Forouhar, F.'     1  ? 
primary 'Saadat, N.'       2  ? 
primary 'Hussain, M.'      3  ? 
primary 'Seetharaman, J.'  4  ? 
primary 'Lee, I.'          5  ? 
primary 'Janjua, H.'       6  ? 
primary 'Xiao, R.'         7  ? 
primary 'Shastry, R.'      8  ? 
primary 'Acton, T.B.'      9  ? 
primary 'Montelione, G.T.' 10 ? 
primary 'Tong, L.'         11 ? 
# 
loop_
_entity.id 
_entity.type 
_entity.src_method 
_entity.pdbx_description 
_entity.formula_weight 
_entity.pdbx_number_of_molecules 
_entity.pdbx_ec 
_entity.pdbx_mutation 
_entity.pdbx_fragment 
_entity.details 
1 polymer man 'N-type ATP pyrophosphatase superfamily' 27107.328 1  ? ? ? ? 
2 water   nat water                                    18.015    85 ? ? ? ? 
# 
_entity_poly.entity_id                      1 
_entity_poly.type                           'polypeptide(L)' 
_entity_poly.nstd_linkage                   no 
_entity_poly.nstd_monomer                   yes 
_entity_poly.pdbx_seq_one_letter_code       
;(MSE)VGLADVAVLYSGGKDSNYALYWAIKNRFSVKFLVT(MSE)VSENEESY(MSE)YHTINANLTDLQARALGIPLVK
GFTQGEKEKEVEDLKRVLSGLKIQGIVAGALASKYQRKRIEKVAKELGLEVYTPAWGRDAKEY(MSE)RELLNLGFKI
(MSE)VVGVSAYGLDESWLGRILDESALEELITLNEKYKVHVAGEGGEFETFVLD(MSE)PLFKYKIVVDKAKKVWEPCT
SSGKLIIEEAHLESKLEHHHHHH
;
_entity_poly.pdbx_seq_one_letter_code_can   
;MVGLADVAVLYSGGKDSNYALYWAIKNRFSVKFLVTMVSENEESYMYHTINANLTDLQARALGIPLVKGFTQGEKEKEVE
DLKRVLSGLKIQGIVAGALASKYQRKRIEKVAKELGLEVYTPAWGRDAKEYMRELLNLGFKIMVVGVSAYGLDESWLGRI
LDESALEELITLNEKYKVHVAGEGGEFETFVLDMPLFKYKIVVDKAKKVWEPCTSSGKLIIEEAHLESKLEHHHHHH
;
_entity_poly.pdbx_strand_id                 A 
_entity_poly.pdbx_target_identifier         PfR23 
# 
_pdbx_entity_nonpoly.entity_id   2 
_pdbx_entity_nonpoly.name        water 
_pdbx_entity_nonpoly.comp_id     HOH 
# 
loop_
_entity_poly_seq.entity_id 
_entity_poly_seq.num 
_entity_poly_seq.mon_id 
_entity_poly_seq.hetero 
1 1   MSE n 
1 2   VAL n 
1 3   GLY n 
1 4   LEU n 
1 5   ALA n 
1 6   ASP n 
1 7   VAL n 
1 8   ALA n 
1 9   VAL n 
1 10  LEU n 
1 11  TYR n 
1 12  SER n 
1 13  GLY n 
1 14  GLY n 
1 15  LYS n 
1 16  ASP n 
1 17  SER n 
1 18  ASN n 
1 19  TYR n 
1 20  ALA n 
1 21  LEU n 
1 22  TYR n 
1 23  TRP n 
1 24  ALA n 
1 25  ILE n 
1 26  LYS n 
1 27  ASN n 
1 28  ARG n 
1 29  PHE n 
1 30  SER n 
1 31  VAL n 
1 32  LYS n 
1 33  PHE n 
1 34  LEU n 
1 35  VAL n 
1 36  THR n 
1 37  MSE n 
1 38  VAL n 
1 39  SER n 
1 40  GLU n 
1 41  ASN n 
1 42  GLU n 
1 43  GLU n 
1 44  SER n 
1 45  TYR n 
1 46  MSE n 
1 47  TYR n 
1 48  HIS n 
1 49  THR n 
1 50  ILE n 
1 51  ASN n 
1 52  ALA n 
1 53  ASN n 
1 54  LEU n 
1 55  THR n 
1 56  ASP n 
1 57  LEU n 
1 58  GLN n 
1 59  ALA n 
1 60  ARG n 
1 61  ALA n 
1 62  LEU n 
1 63  GLY n 
1 64  ILE n 
1 65  PRO n 
1 66  LEU n 
1 67  VAL n 
1 68  LYS n 
1 69  GLY n 
1 70  PHE n 
1 71  THR n 
1 72  GLN n 
1 73  GLY n 
1 74  GLU n 
1 75  LYS n 
1 76  GLU n 
1 77  LYS n 
1 78  GLU n 
1 79  VAL n 
1 80  GLU n 
1 81  ASP n 
1 82  LEU n 
1 83  LYS n 
1 84  ARG n 
1 85  VAL n 
1 86  LEU n 
1 87  SER n 
1 88  GLY n 
1 89  LEU n 
1 90  LYS n 
1 91  ILE n 
1 92  GLN n 
1 93  GLY n 
1 94  ILE n 
1 95  VAL n 
1 96  ALA n 
1 97  GLY n 
1 98  ALA n 
1 99  LEU n 
1 100 ALA n 
1 101 SER n 
1 102 LYS n 
1 103 TYR n 
1 104 GLN n 
1 105 ARG n 
1 106 LYS n 
1 107 ARG n 
1 108 ILE n 
1 109 GLU n 
1 110 LYS n 
1 111 VAL n 
1 112 ALA n 
1 113 LYS n 
1 114 GLU n 
1 115 LEU n 
1 116 GLY n 
1 117 LEU n 
1 118 GLU n 
1 119 VAL n 
1 120 TYR n 
1 121 THR n 
1 122 PRO n 
1 123 ALA n 
1 124 TRP n 
1 125 GLY n 
1 126 ARG n 
1 127 ASP n 
1 128 ALA n 
1 129 LYS n 
1 130 GLU n 
1 131 TYR n 
1 132 MSE n 
1 133 ARG n 
1 134 GLU n 
1 135 LEU n 
1 136 LEU n 
1 137 ASN n 
1 138 LEU n 
1 139 GLY n 
1 140 PHE n 
1 141 LYS n 
1 142 ILE n 
1 143 MSE n 
1 144 VAL n 
1 145 VAL n 
1 146 GLY n 
1 147 VAL n 
1 148 SER n 
1 149 ALA n 
1 150 TYR n 
1 151 GLY n 
1 152 LEU n 
1 153 ASP n 
1 154 GLU n 
1 155 SER n 
1 156 TRP n 
1 157 LEU n 
1 158 GLY n 
1 159 ARG n 
1 160 ILE n 
1 161 LEU n 
1 162 ASP n 
1 163 GLU n 
1 164 SER n 
1 165 ALA n 
1 166 LEU n 
1 167 GLU n 
1 168 GLU n 
1 169 LEU n 
1 170 ILE n 
1 171 THR n 
1 172 LEU n 
1 173 ASN n 
1 174 GLU n 
1 175 LYS n 
1 176 TYR n 
1 177 LYS n 
1 178 VAL n 
1 179 HIS n 
1 180 VAL n 
1 181 ALA n 
1 182 GLY n 
1 183 GLU n 
1 184 GLY n 
1 185 GLY n 
1 186 GLU n 
1 187 PHE n 
1 188 GLU n 
1 189 THR n 
1 190 PHE n 
1 191 VAL n 
1 192 LEU n 
1 193 ASP n 
1 194 MSE n 
1 195 PRO n 
1 196 LEU n 
1 197 PHE n 
1 198 LYS n 
1 199 TYR n 
1 200 LYS n 
1 201 ILE n 
1 202 VAL n 
1 203 VAL n 
1 204 ASP n 
1 205 LYS n 
1 206 ALA n 
1 207 LYS n 
1 208 LYS n 
1 209 VAL n 
1 210 TRP n 
1 211 GLU n 
1 212 PRO n 
1 213 CYS n 
1 214 THR n 
1 215 SER n 
1 216 SER n 
1 217 GLY n 
1 218 LYS n 
1 219 LEU n 
1 220 ILE n 
1 221 ILE n 
1 222 GLU n 
1 223 GLU n 
1 224 ALA n 
1 225 HIS n 
1 226 LEU n 
1 227 GLU n 
1 228 SER n 
1 229 LYS n 
1 230 LEU n 
1 231 GLU n 
1 232 HIS n 
1 233 HIS n 
1 234 HIS n 
1 235 HIS n 
1 236 HIS n 
1 237 HIS n 
# 
_entity_src_gen.entity_id                          1 
_entity_src_gen.pdbx_src_id                        1 
_entity_src_gen.pdbx_alt_source_flag               sample 
_entity_src_gen.pdbx_seq_type                      ? 
_entity_src_gen.pdbx_beg_seq_num                   ? 
_entity_src_gen.pdbx_end_seq_num                   ? 
_entity_src_gen.gene_src_common_name               ? 
_entity_src_gen.gene_src_genus                     ? 
_entity_src_gen.pdbx_gene_src_gene                 PF0828 
_entity_src_gen.gene_src_species                   ? 
_entity_src_gen.gene_src_strain                    'DSM 3638' 
_entity_src_gen.gene_src_tissue                    ? 
_entity_src_gen.gene_src_tissue_fraction           ? 
_entity_src_gen.gene_src_details                   ? 
_entity_src_gen.pdbx_gene_src_fragment             ? 
_entity_src_gen.pdbx_gene_src_scientific_name      'Pyrococcus furiosus' 
_entity_src_gen.pdbx_gene_src_ncbi_taxonomy_id     186497 
_entity_src_gen.pdbx_gene_src_variant              ? 
_entity_src_gen.pdbx_gene_src_cell_line            ? 
_entity_src_gen.pdbx_gene_src_atcc                 ? 
_entity_src_gen.pdbx_gene_src_organ                ? 
_entity_src_gen.pdbx_gene_src_organelle            ? 
_entity_src_gen.pdbx_gene_src_cell                 ? 
_entity_src_gen.pdbx_gene_src_cellular_location    ? 
_entity_src_gen.host_org_common_name               ? 
_entity_src_gen.pdbx_host_org_scientific_name      'Escherichia coli' 
_entity_src_gen.pdbx_host_org_ncbi_taxonomy_id     469008 
_entity_src_gen.host_org_genus                     ? 
_entity_src_gen.pdbx_host_org_gene                 ? 
_entity_src_gen.pdbx_host_org_organ                ? 
_entity_src_gen.host_org_species                   ? 
_entity_src_gen.pdbx_host_org_tissue               ? 
_entity_src_gen.pdbx_host_org_tissue_fraction      ? 
_entity_src_gen.pdbx_host_org_strain               'BL21(DE3)+Magic' 
_entity_src_gen.pdbx_host_org_variant              ? 
_entity_src_gen.pdbx_host_org_cell_line            ? 
_entity_src_gen.pdbx_host_org_atcc                 ? 
_entity_src_gen.pdbx_host_org_culture_collection   ? 
_entity_src_gen.pdbx_host_org_cell                 ? 
_entity_src_gen.pdbx_host_org_organelle            ? 
_entity_src_gen.pdbx_host_org_cellular_location    ? 
_entity_src_gen.pdbx_host_org_vector_type          plasmid 
_entity_src_gen.pdbx_host_org_vector               ? 
_entity_src_gen.host_org_details                   ? 
_entity_src_gen.expression_system_id               ? 
_entity_src_gen.plasmid_name                       pET21 
_entity_src_gen.plasmid_details                    ? 
_entity_src_gen.pdbx_description                   ? 
# 
loop_
_chem_comp.id 
_chem_comp.type 
_chem_comp.mon_nstd_flag 
_chem_comp.name 
_chem_comp.pdbx_synonyms 
_chem_comp.formula 
_chem_comp.formula_weight 
ALA 'L-peptide linking' y ALANINE          ? 'C3 H7 N O2'     89.093  
ARG 'L-peptide linking' y ARGININE         ? 'C6 H15 N4 O2 1' 175.209 
ASN 'L-peptide linking' y ASPARAGINE       ? 'C4 H8 N2 O3'    132.118 
ASP 'L-peptide linking' y 'ASPARTIC ACID'  ? 'C4 H7 N O4'     133.103 
CYS 'L-peptide linking' y CYSTEINE         ? 'C3 H7 N O2 S'   121.158 
GLN 'L-peptide linking' y GLUTAMINE        ? 'C5 H10 N2 O3'   146.144 
GLU 'L-peptide linking' y 'GLUTAMIC ACID'  ? 'C5 H9 N O4'     147.129 
GLY 'peptide linking'   y GLYCINE          ? 'C2 H5 N O2'     75.067  
HIS 'L-peptide linking' y HISTIDINE        ? 'C6 H10 N3 O2 1' 156.162 
HOH non-polymer         . WATER            ? 'H2 O'           18.015  
ILE 'L-peptide linking' y ISOLEUCINE       ? 'C6 H13 N O2'    131.173 
LEU 'L-peptide linking' y LEUCINE          ? 'C6 H13 N O2'    131.173 
LYS 'L-peptide linking' y LYSINE           ? 'C6 H15 N2 O2 1' 147.195 
MSE 'L-peptide linking' n SELENOMETHIONINE ? 'C5 H11 N O2 Se' 196.106 
PHE 'L-peptide linking' y PHENYLALANINE    ? 'C9 H11 N O2'    165.189 
PRO 'L-peptide linking' y PROLINE          ? 'C5 H9 N O2'     115.130 
SER 'L-peptide linking' y SERINE           ? 'C3 H7 N O3'     105.093 
THR 'L-peptide linking' y THREONINE        ? 'C4 H9 N O3'     119.119 
TRP 'L-peptide linking' y TRYPTOPHAN       ? 'C11 H12 N2 O2'  204.225 
TYR 'L-peptide linking' y TYROSINE         ? 'C9 H11 N O3'    181.189 
VAL 'L-peptide linking' y VALINE           ? 'C5 H11 N O2'    117.146 
# 
loop_
_pdbx_poly_seq_scheme.asym_id 
_pdbx_poly_seq_scheme.entity_id 
_pdbx_poly_seq_scheme.seq_id 
_pdbx_poly_seq_scheme.mon_id 
_pdbx_poly_seq_scheme.ndb_seq_num 
_pdbx_poly_seq_scheme.pdb_seq_num 
_pdbx_poly_seq_scheme.auth_seq_num 
_pdbx_poly_seq_scheme.pdb_mon_id 
_pdbx_poly_seq_scheme.auth_mon_id 
_pdbx_poly_seq_scheme.pdb_strand_id 
_pdbx_poly_seq_scheme.pdb_ins_code 
_pdbx_poly_seq_scheme.hetero 
A 1 1   MSE 1   1   ?   ?   ?   A . n 
A 1 2   VAL 2   2   ?   ?   ?   A . n 
A 1 3   GLY 3   3   3   GLY GLY A . n 
A 1 4   LEU 4   4   4   LEU LEU A . n 
A 1 5   ALA 5   5   5   ALA ALA A . n 
A 1 6   ASP 6   6   6   ASP ASP A . n 
A 1 7   VAL 7   7   7   VAL VAL A . n 
A 1 8   ALA 8   8   8   ALA ALA A . n 
A 1 9   VAL 9   9   9   VAL VAL A . n 
A 1 10  LEU 10  10  10  LEU LEU A . n 
A 1 11  TYR 11  11  11  TYR TYR A . n 
A 1 12  SER 12  12  12  SER SER A . n 
A 1 13  GLY 13  13  13  GLY GLY A . n 
A 1 14  GLY 14  14  14  GLY GLY A . n 
A 1 15  LYS 15  15  15  LYS LYS A . n 
A 1 16  ASP 16  16  16  ASP ASP A . n 
A 1 17  SER 17  17  17  SER SER A . n 
A 1 18  ASN 18  18  18  ASN ASN A . n 
A 1 19  TYR 19  19  19  TYR TYR A . n 
A 1 20  ALA 20  20  20  ALA ALA A . n 
A 1 21  LEU 21  21  21  LEU LEU A . n 
A 1 22  TYR 22  22  22  TYR TYR A . n 
A 1 23  TRP 23  23  23  TRP TRP A . n 
A 1 24  ALA 24  24  24  ALA ALA A . n 
A 1 25  ILE 25  25  25  ILE ILE A . n 
A 1 26  LYS 26  26  26  LYS LYS A . n 
A 1 27  ASN 27  27  27  ASN ASN A . n 
A 1 28  ARG 28  28  28  ARG ARG A . n 
A 1 29  PHE 29  29  29  PHE PHE A . n 
A 1 30  SER 30  30  30  SER SER A . n 
A 1 31  VAL 31  31  31  VAL VAL A . n 
A 1 32  LYS 32  32  32  LYS LYS A . n 
A 1 33  PHE 33  33  33  PHE PHE A . n 
A 1 34  LEU 34  34  34  LEU LEU A . n 
A 1 35  VAL 35  35  35  VAL VAL A . n 
A 1 36  THR 36  36  36  THR THR A . n 
A 1 37  MSE 37  37  37  MSE MSE A . n 
A 1 38  VAL 38  38  38  VAL VAL A . n 
A 1 39  SER 39  39  39  SER SER A . n 
A 1 40  GLU 40  40  40  GLU GLU A . n 
A 1 41  ASN 41  41  ?   ?   ?   A . n 
A 1 42  GLU 42  42  ?   ?   ?   A . n 
A 1 43  GLU 43  43  ?   ?   ?   A . n 
A 1 44  SER 44  44  ?   ?   ?   A . n 
A 1 45  TYR 45  45  ?   ?   ?   A . n 
A 1 46  MSE 46  46  ?   ?   ?   A . n 
A 1 47  TYR 47  47  ?   ?   ?   A . n 
A 1 48  HIS 48  48  ?   ?   ?   A . n 
A 1 49  THR 49  49  49  THR THR A . n 
A 1 50  ILE 50  50  50  ILE ILE A . n 
A 1 51  ASN 51  51  51  ASN ASN A . n 
A 1 52  ALA 52  52  52  ALA ALA A . n 
A 1 53  ASN 53  53  53  ASN ASN A . n 
A 1 54  LEU 54  54  54  LEU LEU A . n 
A 1 55  THR 55  55  55  THR THR A . n 
A 1 56  ASP 56  56  56  ASP ASP A . n 
A 1 57  LEU 57  57  57  LEU LEU A . n 
A 1 58  GLN 58  58  58  GLN GLN A . n 
A 1 59  ALA 59  59  59  ALA ALA A . n 
A 1 60  ARG 60  60  60  ARG ARG A . n 
A 1 61  ALA 61  61  61  ALA ALA A . n 
A 1 62  LEU 62  62  62  LEU LEU A . n 
A 1 63  GLY 63  63  63  GLY GLY A . n 
A 1 64  ILE 64  64  64  ILE ILE A . n 
A 1 65  PRO 65  65  65  PRO PRO A . n 
A 1 66  LEU 66  66  66  LEU LEU A . n 
A 1 67  VAL 67  67  67  VAL VAL A . n 
A 1 68  LYS 68  68  68  LYS LYS A . n 
A 1 69  GLY 69  69  69  GLY GLY A . n 
A 1 70  PHE 70  70  70  PHE PHE A . n 
A 1 71  THR 71  71  71  THR THR A . n 
A 1 72  GLN 72  72  ?   ?   ?   A . n 
A 1 73  GLY 73  73  ?   ?   ?   A . n 
A 1 74  GLU 74  74  ?   ?   ?   A . n 
A 1 75  LYS 75  75  ?   ?   ?   A . n 
A 1 76  GLU 76  76  ?   ?   ?   A . n 
A 1 77  LYS 77  77  ?   ?   ?   A . n 
A 1 78  GLU 78  78  78  GLU GLU A . n 
A 1 79  VAL 79  79  79  VAL VAL A . n 
A 1 80  GLU 80  80  80  GLU GLU A . n 
A 1 81  ASP 81  81  81  ASP ASP A . n 
A 1 82  LEU 82  82  82  LEU LEU A . n 
A 1 83  LYS 83  83  83  LYS LYS A . n 
A 1 84  ARG 84  84  84  ARG ARG A . n 
A 1 85  VAL 85  85  85  VAL VAL A . n 
A 1 86  LEU 86  86  86  LEU LEU A . n 
A 1 87  SER 87  87  87  SER SER A . n 
A 1 88  GLY 88  88  88  GLY GLY A . n 
A 1 89  LEU 89  89  89  LEU LEU A . n 
A 1 90  LYS 90  90  90  LYS LYS A . n 
A 1 91  ILE 91  91  91  ILE ILE A . n 
A 1 92  GLN 92  92  92  GLN GLN A . n 
A 1 93  GLY 93  93  93  GLY GLY A . n 
A 1 94  ILE 94  94  94  ILE ILE A . n 
A 1 95  VAL 95  95  95  VAL VAL A . n 
A 1 96  ALA 96  96  96  ALA ALA A . n 
A 1 97  GLY 97  97  97  GLY GLY A . n 
A 1 98  ALA 98  98  ?   ?   ?   A . n 
A 1 99  LEU 99  99  ?   ?   ?   A . n 
A 1 100 ALA 100 100 ?   ?   ?   A . n 
A 1 101 SER 101 101 101 SER SER A . n 
A 1 102 LYS 102 102 102 LYS LYS A . n 
A 1 103 TYR 103 103 103 TYR TYR A . n 
A 1 104 GLN 104 104 104 GLN GLN A . n 
A 1 105 ARG 105 105 105 ARG ARG A . n 
A 1 106 LYS 106 106 106 LYS LYS A . n 
A 1 107 ARG 107 107 107 ARG ARG A . n 
A 1 108 ILE 108 108 108 ILE ILE A . n 
A 1 109 GLU 109 109 109 GLU GLU A . n 
A 1 110 LYS 110 110 110 LYS LYS A . n 
A 1 111 VAL 111 111 111 VAL VAL A . n 
A 1 112 ALA 112 112 112 ALA ALA A . n 
A 1 113 LYS 113 113 113 LYS LYS A . n 
A 1 114 GLU 114 114 114 GLU GLU A . n 
A 1 115 LEU 115 115 115 LEU LEU A . n 
A 1 116 GLY 116 116 116 GLY GLY A . n 
A 1 117 LEU 117 117 117 LEU LEU A . n 
A 1 118 GLU 118 118 118 GLU GLU A . n 
A 1 119 VAL 119 119 119 VAL VAL A . n 
A 1 120 TYR 120 120 120 TYR TYR A . n 
A 1 121 THR 121 121 121 THR THR A . n 
A 1 122 PRO 122 122 122 PRO PRO A . n 
A 1 123 ALA 123 123 123 ALA ALA A . n 
A 1 124 TRP 124 124 124 TRP TRP A . n 
A 1 125 GLY 125 125 125 GLY GLY A . n 
A 1 126 ARG 126 126 126 ARG ARG A . n 
A 1 127 ASP 127 127 127 ASP ASP A . n 
A 1 128 ALA 128 128 128 ALA ALA A . n 
A 1 129 LYS 129 129 129 LYS LYS A . n 
A 1 130 GLU 130 130 130 GLU GLU A . n 
A 1 131 TYR 131 131 131 TYR TYR A . n 
A 1 132 MSE 132 132 132 MSE MSE A . n 
A 1 133 ARG 133 133 133 ARG ARG A . n 
A 1 134 GLU 134 134 134 GLU GLU A . n 
A 1 135 LEU 135 135 135 LEU LEU A . n 
A 1 136 LEU 136 136 136 LEU LEU A . n 
A 1 137 ASN 137 137 137 ASN ASN A . n 
A 1 138 LEU 138 138 138 LEU LEU A . n 
A 1 139 GLY 139 139 139 GLY GLY A . n 
A 1 140 PHE 140 140 140 PHE PHE A . n 
A 1 141 LYS 141 141 141 LYS LYS A . n 
A 1 142 ILE 142 142 142 ILE ILE A . n 
A 1 143 MSE 143 143 143 MSE MSE A . n 
A 1 144 VAL 144 144 144 VAL VAL A . n 
A 1 145 VAL 145 145 145 VAL VAL A . n 
A 1 146 GLY 146 146 146 GLY GLY A . n 
A 1 147 VAL 147 147 147 VAL VAL A . n 
A 1 148 SER 148 148 148 SER SER A . n 
A 1 149 ALA 149 149 149 ALA ALA A . n 
A 1 150 TYR 150 150 150 TYR TYR A . n 
A 1 151 GLY 151 151 151 GLY GLY A . n 
A 1 152 LEU 152 152 152 LEU LEU A . n 
A 1 153 ASP 153 153 153 ASP ASP A . n 
A 1 154 GLU 154 154 154 GLU GLU A . n 
A 1 155 SER 155 155 155 SER SER A . n 
A 1 156 TRP 156 156 156 TRP TRP A . n 
A 1 157 LEU 157 157 157 LEU LEU A . n 
A 1 158 GLY 158 158 158 GLY GLY A . n 
A 1 159 ARG 159 159 159 ARG ARG A . n 
A 1 160 ILE 160 160 160 ILE ILE A . n 
A 1 161 LEU 161 161 161 LEU LEU A . n 
A 1 162 ASP 162 162 162 ASP ASP A . n 
A 1 163 GLU 163 163 163 GLU GLU A . n 
A 1 164 SER 164 164 164 SER SER A . n 
A 1 165 ALA 165 165 165 ALA ALA A . n 
A 1 166 LEU 166 166 166 LEU LEU A . n 
A 1 167 GLU 167 167 167 GLU GLU A . n 
A 1 168 GLU 168 168 168 GLU GLU A . n 
A 1 169 LEU 169 169 169 LEU LEU A . n 
A 1 170 ILE 170 170 170 ILE ILE A . n 
A 1 171 THR 171 171 171 THR THR A . n 
A 1 172 LEU 172 172 172 LEU LEU A . n 
A 1 173 ASN 173 173 173 ASN ASN A . n 
A 1 174 GLU 174 174 174 GLU GLU A . n 
A 1 175 LYS 175 175 175 LYS LYS A . n 
A 1 176 TYR 176 176 176 TYR TYR A . n 
A 1 177 LYS 177 177 177 LYS LYS A . n 
A 1 178 VAL 178 178 178 VAL VAL A . n 
A 1 179 HIS 179 179 179 HIS HIS A . n 
A 1 180 VAL 180 180 180 VAL VAL A . n 
A 1 181 ALA 181 181 181 ALA ALA A . n 
A 1 182 GLY 182 182 182 GLY GLY A . n 
A 1 183 GLU 183 183 183 GLU GLU A . n 
A 1 184 GLY 184 184 184 GLY GLY A . n 
A 1 185 GLY 185 185 185 GLY GLY A . n 
A 1 186 GLU 186 186 186 GLU GLU A . n 
A 1 187 PHE 187 187 187 PHE PHE A . n 
A 1 188 GLU 188 188 188 GLU GLU A . n 
A 1 189 THR 189 189 189 THR THR A . n 
A 1 190 PHE 190 190 190 PHE PHE A . n 
A 1 191 VAL 191 191 191 VAL VAL A . n 
A 1 192 LEU 192 192 192 LEU LEU A . n 
A 1 193 ASP 193 193 193 ASP ASP A . n 
A 1 194 MSE 194 194 194 MSE MSE A . n 
A 1 195 PRO 195 195 195 PRO PRO A . n 
A 1 196 LEU 196 196 196 LEU LEU A . n 
A 1 197 PHE 197 197 197 PHE PHE A . n 
A 1 198 LYS 198 198 198 LYS LYS A . n 
A 1 199 TYR 199 199 199 TYR TYR A . n 
A 1 200 LYS 200 200 200 LYS LYS A . n 
A 1 201 ILE 201 201 201 ILE ILE A . n 
A 1 202 VAL 202 202 202 VAL VAL A . n 
A 1 203 VAL 203 203 203 VAL VAL A . n 
A 1 204 ASP 204 204 204 ASP ASP A . n 
A 1 205 LYS 205 205 205 LYS LYS A . n 
A 1 206 ALA 206 206 206 ALA ALA A . n 
A 1 207 LYS 207 207 207 LYS LYS A . n 
A 1 208 LYS 208 208 208 LYS LYS A . n 
A 1 209 VAL 209 209 209 VAL VAL A . n 
A 1 210 TRP 210 210 ?   ?   ?   A . n 
A 1 211 GLU 211 211 ?   ?   ?   A . n 
A 1 212 PRO 212 212 212 PRO PRO A . n 
A 1 213 CYS 213 213 213 CYS CYS A . n 
A 1 214 THR 214 214 214 THR THR A . n 
A 1 215 SER 215 215 215 SER SER A . n 
A 1 216 SER 216 216 216 SER SER A . n 
A 1 217 GLY 217 217 217 GLY GLY A . n 
A 1 218 LYS 218 218 218 LYS LYS A . n 
A 1 219 LEU 219 219 219 LEU LEU A . n 
A 1 220 ILE 220 220 220 ILE ILE A . n 
A 1 221 ILE 221 221 221 ILE ILE A . n 
A 1 222 GLU 222 222 222 GLU GLU A . n 
A 1 223 GLU 223 223 223 GLU GLU A . n 
A 1 224 ALA 224 224 224 ALA ALA A . n 
A 1 225 HIS 225 225 225 HIS HIS A . n 
A 1 226 LEU 226 226 226 LEU LEU A . n 
A 1 227 GLU 227 227 227 GLU GLU A . n 
A 1 228 SER 228 228 228 SER SER A . n 
A 1 229 LYS 229 229 229 LYS LYS A . n 
A 1 230 LEU 230 230 230 LEU LEU A . n 
A 1 231 GLU 231 231 231 GLU GLU A . n 
A 1 232 HIS 232 232 ?   ?   ?   A . n 
A 1 233 HIS 233 233 ?   ?   ?   A . n 
A 1 234 HIS 234 234 ?   ?   ?   A . n 
A 1 235 HIS 235 235 ?   ?   ?   A . n 
A 1 236 HIS 236 236 ?   ?   ?   A . n 
A 1 237 HIS 237 237 ?   ?   ?   A . n 
# 
loop_
_pdbx_nonpoly_scheme.asym_id 
_pdbx_nonpoly_scheme.entity_id 
_pdbx_nonpoly_scheme.mon_id 
_pdbx_nonpoly_scheme.ndb_seq_num 
_pdbx_nonpoly_scheme.pdb_seq_num 
_pdbx_nonpoly_scheme.auth_seq_num 
_pdbx_nonpoly_scheme.pdb_mon_id 
_pdbx_nonpoly_scheme.auth_mon_id 
_pdbx_nonpoly_scheme.pdb_strand_id 
_pdbx_nonpoly_scheme.pdb_ins_code 
B 2 HOH 1  301 301 HOH HOH A . 
B 2 HOH 2  302 302 HOH HOH A . 
B 2 HOH 3  303 303 HOH HOH A . 
B 2 HOH 4  304 304 HOH HOH A . 
B 2 HOH 5  305 305 HOH HOH A . 
B 2 HOH 6  306 306 HOH HOH A . 
B 2 HOH 7  307 307 HOH HOH A . 
B 2 HOH 8  308 308 HOH HOH A . 
B 2 HOH 9  309 309 HOH HOH A . 
B 2 HOH 10 310 310 HOH HOH A . 
B 2 HOH 11 311 311 HOH HOH A . 
B 2 HOH 12 312 312 HOH HOH A . 
B 2 HOH 13 313 313 HOH HOH A . 
B 2 HOH 14 314 314 HOH HOH A . 
B 2 HOH 15 315 315 HOH HOH A . 
B 2 HOH 16 316 316 HOH HOH A . 
B 2 HOH 17 317 317 HOH HOH A . 
B 2 HOH 18 318 318 HOH HOH A . 
B 2 HOH 19 319 319 HOH HOH A . 
B 2 HOH 20 320 320 HOH HOH A . 
B 2 HOH 21 321 321 HOH HOH A . 
B 2 HOH 22 322 322 HOH HOH A . 
B 2 HOH 23 323 323 HOH HOH A . 
B 2 HOH 24 324 324 HOH HOH A . 
B 2 HOH 25 325 325 HOH HOH A . 
B 2 HOH 26 326 326 HOH HOH A . 
B 2 HOH 27 327 327 HOH HOH A . 
B 2 HOH 28 328 328 HOH HOH A . 
B 2 HOH 29 329 329 HOH HOH A . 
B 2 HOH 30 330 330 HOH HOH A . 
B 2 HOH 31 331 331 HOH HOH A . 
B 2 HOH 32 332 332 HOH HOH A . 
B 2 HOH 33 333 333 HOH HOH A . 
B 2 HOH 34 334 334 HOH HOH A . 
B 2 HOH 35 335 335 HOH HOH A . 
B 2 HOH 36 336 336 HOH HOH A . 
B 2 HOH 37 337 337 HOH HOH A . 
B 2 HOH 38 338 338 HOH HOH A . 
B 2 HOH 39 339 339 HOH HOH A . 
B 2 HOH 40 340 340 HOH HOH A . 
B 2 HOH 41 341 341 HOH HOH A . 
B 2 HOH 42 342 342 HOH HOH A . 
B 2 HOH 43 343 343 HOH HOH A . 
B 2 HOH 44 344 344 HOH HOH A . 
B 2 HOH 45 345 345 HOH HOH A . 
B 2 HOH 46 346 346 HOH HOH A . 
B 2 HOH 47 347 347 HOH HOH A . 
B 2 HOH 48 348 348 HOH HOH A . 
B 2 HOH 49 349 349 HOH HOH A . 
B 2 HOH 50 350 350 HOH HOH A . 
B 2 HOH 51 351 351 HOH HOH A . 
B 2 HOH 52 352 352 HOH HOH A . 
B 2 HOH 53 353 353 HOH HOH A . 
B 2 HOH 54 354 354 HOH HOH A . 
B 2 HOH 55 355 355 HOH HOH A . 
B 2 HOH 56 356 356 HOH HOH A . 
B 2 HOH 57 357 357 HOH HOH A . 
B 2 HOH 58 358 358 HOH HOH A . 
B 2 HOH 59 359 359 HOH HOH A . 
B 2 HOH 60 360 360 HOH HOH A . 
B 2 HOH 61 361 361 HOH HOH A . 
B 2 HOH 62 362 362 HOH HOH A . 
B 2 HOH 63 363 363 HOH HOH A . 
B 2 HOH 64 364 364 HOH HOH A . 
B 2 HOH 65 365 365 HOH HOH A . 
B 2 HOH 66 366 366 HOH HOH A . 
B 2 HOH 67 367 367 HOH HOH A . 
B 2 HOH 68 368 368 HOH HOH A . 
B 2 HOH 69 369 369 HOH HOH A . 
B 2 HOH 70 370 370 HOH HOH A . 
B 2 HOH 71 371 371 HOH HOH A . 
B 2 HOH 72 372 372 HOH HOH A . 
B 2 HOH 73 373 373 HOH HOH A . 
B 2 HOH 74 374 374 HOH HOH A . 
B 2 HOH 75 375 375 HOH HOH A . 
B 2 HOH 76 376 376 HOH HOH A . 
B 2 HOH 77 377 377 HOH HOH A . 
B 2 HOH 78 378 378 HOH HOH A . 
B 2 HOH 79 379 379 HOH HOH A . 
B 2 HOH 80 380 380 HOH HOH A . 
B 2 HOH 81 381 381 HOH HOH A . 
B 2 HOH 82 382 382 HOH HOH A . 
B 2 HOH 83 383 383 HOH HOH A . 
B 2 HOH 84 384 384 HOH HOH A . 
B 2 HOH 85 385 385 HOH HOH A . 
# 
loop_
_software.name 
_software.classification 
_software.version 
_software.citation_id 
_software.pdbx_ordinal 
ADSC      'data collection' Quantum              ? 1 
SnB       phasing           'then SOLVE/RESOLVE' ? 2 
CNS       refinement        '1.2 & XtalView'     ? 3 
DENZO     'data reduction'  .                    ? 4 
SCALEPACK 'data scaling'    .                    ? 5 
# 
_cell.entry_id           3RJZ 
_cell.length_a           85.036 
_cell.length_b           85.036 
_cell.length_c           74.502 
_cell.angle_alpha        90.00 
_cell.angle_beta         90.00 
_cell.angle_gamma        90.00 
_cell.Z_PDB              8 
_cell.pdbx_unique_axis   ? 
_cell.length_a_esd       ? 
_cell.length_b_esd       ? 
_cell.length_c_esd       ? 
_cell.angle_alpha_esd    ? 
_cell.angle_beta_esd     ? 
_cell.angle_gamma_esd    ? 
# 
_symmetry.entry_id                         3RJZ 
_symmetry.space_group_name_H-M             'P 41 21 2' 
_symmetry.pdbx_full_space_group_name_H-M   ? 
_symmetry.cell_setting                     ? 
_symmetry.Int_Tables_number                92 
_symmetry.space_group_name_Hall            ? 
# 
_exptl.entry_id          3RJZ 
_exptl.method            'X-RAY DIFFRACTION' 
_exptl.crystals_number   1 
# 
_exptl_crystal.id                    1 
_exptl_crystal.density_meas          ? 
_exptl_crystal.density_Matthews      2.48 
_exptl_crystal.density_percent_sol   50.49 
_exptl_crystal.description           ? 
_exptl_crystal.F_000                 ? 
_exptl_crystal.preparation           ? 
# 
_exptl_crystal_grow.crystal_id      1 
_exptl_crystal_grow.method          'VAPOR DIFFUSION, HANGING DROP' 
_exptl_crystal_grow.temp            277 
_exptl_crystal_grow.temp_details    ? 
_exptl_crystal_grow.pH              7.5 
_exptl_crystal_grow.pdbx_details    
;Protein solution: 10 mM Tris (pH 7.5), 100 mM sodium chloride, 5 mM DTT, and 0.02% NaN3. Reservoir solution: 380 mM K/NaTartrate, , VAPOR DIFFUSION, HANGING DROP, temperature 277K
;
_exptl_crystal_grow.pdbx_pH_range   ? 
# 
_diffrn.id                     1 
_diffrn.ambient_temp           100 
_diffrn.ambient_temp_details   ? 
_diffrn.crystal_id             1 
# 
_diffrn_detector.diffrn_id              1 
_diffrn_detector.detector               CCD 
_diffrn_detector.type                   'ADSC QUANTUM 4' 
_diffrn_detector.pdbx_collection_date   2003-06-16 
_diffrn_detector.details                mirrors 
# 
_diffrn_radiation.diffrn_id                        1 
_diffrn_radiation.wavelength_id                    1 
_diffrn_radiation.pdbx_monochromatic_or_laue_m_l   M 
_diffrn_radiation.monochromator                    'Si 111 CHANNEL' 
_diffrn_radiation.pdbx_diffrn_protocol             'SINGLE WAVELENGTH' 
_diffrn_radiation.pdbx_scattering_type             x-ray 
# 
_diffrn_radiation_wavelength.id           1 
_diffrn_radiation_wavelength.wavelength   0.92927 
_diffrn_radiation_wavelength.wt           1.0 
# 
_diffrn_source.diffrn_id                   1 
_diffrn_source.source                      SYNCHROTRON 
_diffrn_source.type                        'NSLS BEAMLINE X4A' 
_diffrn_source.pdbx_synchrotron_site       NSLS 
_diffrn_source.pdbx_synchrotron_beamline   X4A 
_diffrn_source.pdbx_wavelength             ? 
_diffrn_source.pdbx_wavelength_list        0.92927 
# 
_reflns.entry_id                     3RJZ 
_reflns.observed_criterion_sigma_I   0 
_reflns.observed_criterion_sigma_F   0 
_reflns.d_resolution_low             30 
_reflns.d_resolution_high            2.30 
_reflns.number_obs                   23091 
_reflns.number_all                   23183 
_reflns.percent_possible_obs         99.6 
_reflns.pdbx_Rmerge_I_obs            0.082 
_reflns.pdbx_Rsym_value              0.072 
_reflns.pdbx_netI_over_sigmaI        26.9 
_reflns.B_iso_Wilson_estimate        17.4 
_reflns.pdbx_redundancy              6.4 
_reflns.R_free_details               ? 
_reflns.limit_h_max                  ? 
_reflns.limit_h_min                  ? 
_reflns.limit_k_max                  ? 
_reflns.limit_k_min                  ? 
_reflns.limit_l_max                  ? 
_reflns.limit_l_min                  ? 
_reflns.observed_criterion_F_max     ? 
_reflns.observed_criterion_F_min     ? 
_reflns.pdbx_chi_squared             ? 
_reflns.pdbx_scaling_rejects         ? 
_reflns.pdbx_ordinal                 1 
_reflns.pdbx_diffrn_id               1 
# 
_reflns_shell.d_res_high             2.3 
_reflns_shell.d_res_low              2.38 
_reflns_shell.percent_possible_all   100 
_reflns_shell.Rmerge_I_obs           0.247 
_reflns_shell.pdbx_Rsym_value        0.220 
_reflns_shell.meanI_over_sigI_obs    6.1 
_reflns_shell.pdbx_redundancy        4.9 
_reflns_shell.percent_possible_obs   ? 
_reflns_shell.number_unique_all      2300 
_reflns_shell.number_measured_all    ? 
_reflns_shell.number_measured_obs    ? 
_reflns_shell.number_unique_obs      ? 
_reflns_shell.pdbx_chi_squared       ? 
_reflns_shell.pdbx_ordinal           1 
_reflns_shell.pdbx_diffrn_id         1 
# 
_refine.entry_id                                 3RJZ 
_refine.ls_number_reflns_obs                     21129 
_refine.ls_number_reflns_all                     23142 
_refine.pdbx_ls_sigma_I                          2.0 
_refine.pdbx_ls_sigma_F                          2.0 
_refine.pdbx_data_cutoff_high_absF               267007.46 
_refine.pdbx_data_cutoff_low_absF                0.000000 
_refine.pdbx_data_cutoff_high_rms_absF           ? 
_refine.ls_d_res_low                             19.93 
_refine.ls_d_res_high                            2.30 
_refine.ls_percent_reflns_obs                    91.3 
_refine.ls_R_factor_obs                          0.239 
_refine.ls_R_factor_all                          0.242 
_refine.ls_R_factor_R_work                       0.239 
_refine.ls_R_factor_R_free                       0.273 
_refine.ls_R_factor_R_free_error                 0.006 
_refine.ls_R_factor_R_free_error_details         ? 
_refine.ls_percent_reflns_R_free                 9.3 
_refine.ls_number_reflns_R_free                  1971 
_refine.ls_number_parameters                     ? 
_refine.ls_number_restraints                     ? 
_refine.occupancy_min                            ? 
_refine.occupancy_max                            ? 
_refine.correlation_coeff_Fo_to_Fc               ? 
_refine.correlation_coeff_Fo_to_Fc_free          ? 
_refine.B_iso_mean                               34.3 
_refine.aniso_B[1][1]                            2.76 
_refine.aniso_B[2][2]                            2.76 
_refine.aniso_B[3][3]                            -5.53 
_refine.aniso_B[1][2]                            0.00 
_refine.aniso_B[1][3]                            0.00 
_refine.aniso_B[2][3]                            0.00 
_refine.solvent_model_details                    'FLAT MODEL' 
_refine.solvent_model_param_ksol                 0.4 
_refine.solvent_model_param_bsol                 49.7501 
_refine.pdbx_solvent_vdw_probe_radii             ? 
_refine.pdbx_solvent_ion_probe_radii             ? 
_refine.pdbx_solvent_shrinkage_radii             ? 
_refine.pdbx_ls_cross_valid_method               THROUGHOUT 
_refine.details                                  ? 
_refine.pdbx_starting_model                      ? 
_refine.pdbx_method_to_determine_struct          SAD 
_refine.pdbx_isotropic_thermal_model             RESTRAINED 
_refine.pdbx_stereochemistry_target_values       'Engh & Huber' 
_refine.pdbx_stereochem_target_val_spec_case     ? 
_refine.pdbx_R_Free_selection_details            RANDOM 
_refine.pdbx_overall_ESU_R_Free                  ? 
_refine.overall_SU_ML                            ? 
_refine.overall_SU_B                             ? 
_refine.overall_SU_R_Cruickshank_DPI             ? 
_refine.ls_redundancy_reflns_obs                 ? 
_refine.B_iso_min                                ? 
_refine.B_iso_max                                ? 
_refine.overall_SU_R_free                        ? 
_refine.ls_wR_factor_R_free                      ? 
_refine.ls_wR_factor_R_work                      ? 
_refine.overall_FOM_free_R_set                   ? 
_refine.overall_FOM_work_R_set                   ? 
_refine.pdbx_overall_phase_error                 ? 
_refine.pdbx_refine_id                           'X-RAY DIFFRACTION' 
_refine.pdbx_overall_ESU_R                       ? 
_refine.pdbx_diffrn_id                           1 
_refine.pdbx_TLS_residual_ADP_flag               ? 
_refine.pdbx_overall_SU_R_free_Cruickshank_DPI   ? 
_refine.pdbx_overall_SU_R_Blow_DPI               ? 
_refine.pdbx_overall_SU_R_free_Blow_DPI          ? 
# 
_refine_analyze.entry_id                        3RJZ 
_refine_analyze.Luzzati_coordinate_error_obs    0.30 
_refine_analyze.Luzzati_sigma_a_obs             0.20 
_refine_analyze.Luzzati_d_res_low_obs           5.00 
_refine_analyze.Luzzati_coordinate_error_free   0.39 
_refine_analyze.Luzzati_sigma_a_free            0.32 
_refine_analyze.Luzzati_d_res_low_free          ? 
_refine_analyze.number_disordered_residues      ? 
_refine_analyze.occupancy_sum_hydrogen          ? 
_refine_analyze.occupancy_sum_non_hydrogen      ? 
_refine_analyze.pdbx_Luzzati_d_res_high_obs     ? 
_refine_analyze.pdbx_refine_id                  'X-RAY DIFFRACTION' 
# 
_refine_hist.pdbx_refine_id                   'X-RAY DIFFRACTION' 
_refine_hist.cycle_id                         LAST 
_refine_hist.pdbx_number_atoms_protein        1649 
_refine_hist.pdbx_number_atoms_nucleic_acid   0 
_refine_hist.pdbx_number_atoms_ligand         0 
_refine_hist.number_atoms_solvent             85 
_refine_hist.number_atoms_total               1734 
_refine_hist.d_res_high                       2.30 
_refine_hist.d_res_low                        19.93 
# 
loop_
_refine_ls_restr.type 
_refine_ls_restr.dev_ideal 
_refine_ls_restr.dev_ideal_target 
_refine_ls_restr.weight 
_refine_ls_restr.number 
_refine_ls_restr.pdbx_restraint_function 
_refine_ls_restr.pdbx_refine_id 
c_bond_d           0.008 ? ? ? ? 'X-RAY DIFFRACTION' 
c_angle_deg        1.1   ? ? ? ? 'X-RAY DIFFRACTION' 
c_dihedral_angle_d 23.6  ? ? ? ? 'X-RAY DIFFRACTION' 
c_improper_angle_d 0.68  ? ? ? ? 'X-RAY DIFFRACTION' 
# 
_refine_ls_shell.pdbx_total_number_of_bins_used   10 
_refine_ls_shell.d_res_high                       2.30 
_refine_ls_shell.d_res_low                        2.38 
_refine_ls_shell.number_reflns_R_work             1599 
_refine_ls_shell.R_factor_R_work                  0.227 
_refine_ls_shell.percent_reflns_obs               75.8 
_refine_ls_shell.R_factor_R_free                  0.297 
_refine_ls_shell.R_factor_R_free_error            0.024 
_refine_ls_shell.percent_reflns_R_free            8.6 
_refine_ls_shell.number_reflns_R_free             150 
_refine_ls_shell.number_reflns_all                ? 
_refine_ls_shell.R_factor_all                     ? 
_refine_ls_shell.number_reflns_obs                1599 
_refine_ls_shell.redundancy_reflns_obs            ? 
_refine_ls_shell.pdbx_refine_id                   'X-RAY DIFFRACTION' 
# 
_struct.entry_id                  3RJZ 
_struct.title                     
;X-ray crystal structure of the putative n-type atp pyrophosphatase from pyrococcus furiosus, the northeast structural genomics target pfr23
;
_struct.pdbx_model_details        ? 
_struct.pdbx_CASP_flag            ? 
_struct.pdbx_model_type_details   ? 
# 
_struct_keywords.entry_id        3RJZ 
_struct_keywords.pdbx_keywords   HYDROLASE 
_struct_keywords.text            
;Structural Genomics, PSI-Biology, Northeast Structural Genomics Consortium, NESG, alpha-beta protein, n-type ATP pyrophosphatase, HYDROLASE
;
# 
loop_
_struct_asym.id 
_struct_asym.pdbx_blank_PDB_chainid_flag 
_struct_asym.pdbx_modified 
_struct_asym.entity_id 
_struct_asym.details 
A N N 1 ? 
B N N 2 ? 
# 
_struct_ref.id                         1 
_struct_ref.db_name                    UNP 
_struct_ref.db_code                    Q8U2K6_PYRFU 
_struct_ref.pdbx_db_accession          Q8U2K6 
_struct_ref.entity_id                  1 
_struct_ref.pdbx_seq_one_letter_code   
;MVGLADVAVLYSGGKDSNYALYWAIKNRFSVKFLVTMVSENEESYMYHTINANLTDLQARALGIPLVKGFTQGEKEKEVE
DLKRVLSGLKIQGIVAGALASKYQRKRIEKVAKELGLEVYTPAWGRDAKEYMRELLNLGFKIMVVGVSAYGLDESWLGRI
LDESALEELITLNEKYKVHVAGEGGEFETFVLDMPLFKYKIVVDKAKKVWEPCTSSGKLIIEEAHLESK
;
_struct_ref.pdbx_align_begin           1 
_struct_ref.pdbx_db_isoform            ? 
# 
_struct_ref_seq.align_id                      1 
_struct_ref_seq.ref_id                        1 
_struct_ref_seq.pdbx_PDB_id_code              3RJZ 
_struct_ref_seq.pdbx_strand_id                A 
_struct_ref_seq.seq_align_beg                 1 
_struct_ref_seq.pdbx_seq_align_beg_ins_code   ? 
_struct_ref_seq.seq_align_end                 229 
_struct_ref_seq.pdbx_seq_align_end_ins_code   ? 
_struct_ref_seq.pdbx_db_accession             Q8U2K6 
_struct_ref_seq.db_align_beg                  1 
_struct_ref_seq.pdbx_db_align_beg_ins_code    ? 
_struct_ref_seq.db_align_end                  229 
_struct_ref_seq.pdbx_db_align_end_ins_code    ? 
_struct_ref_seq.pdbx_auth_seq_align_beg       1 
_struct_ref_seq.pdbx_auth_seq_align_end       229 
# 
loop_
_struct_ref_seq_dif.align_id 
_struct_ref_seq_dif.pdbx_pdb_id_code 
_struct_ref_seq_dif.mon_id 
_struct_ref_seq_dif.pdbx_pdb_strand_id 
_struct_ref_seq_dif.seq_num 
_struct_ref_seq_dif.pdbx_pdb_ins_code 
_struct_ref_seq_dif.pdbx_seq_db_name 
_struct_ref_seq_dif.pdbx_seq_db_accession_code 
_struct_ref_seq_dif.db_mon_id 
_struct_ref_seq_dif.pdbx_seq_db_seq_num 
_struct_ref_seq_dif.details 
_struct_ref_seq_dif.pdbx_auth_seq_num 
_struct_ref_seq_dif.pdbx_ordinal 
1 3RJZ LEU A 230 ? UNP Q8U2K6 ? ? 'expression tag' 230 1 
1 3RJZ GLU A 231 ? UNP Q8U2K6 ? ? 'expression tag' 231 2 
1 3RJZ HIS A 232 ? UNP Q8U2K6 ? ? 'expression tag' 232 3 
1 3RJZ HIS A 233 ? UNP Q8U2K6 ? ? 'expression tag' 233 4 
1 3RJZ HIS A 234 ? UNP Q8U2K6 ? ? 'expression tag' 234 5 
1 3RJZ HIS A 235 ? UNP Q8U2K6 ? ? 'expression tag' 235 6 
1 3RJZ HIS A 236 ? UNP Q8U2K6 ? ? 'expression tag' 236 7 
1 3RJZ HIS A 237 ? UNP Q8U2K6 ? ? 'expression tag' 237 8 
# 
_pdbx_struct_assembly.id                   1 
_pdbx_struct_assembly.details              author_and_software_defined_assembly 
_pdbx_struct_assembly.method_details       PISA 
_pdbx_struct_assembly.oligomeric_details   dimeric 
_pdbx_struct_assembly.oligomeric_count     2 
# 
loop_
_pdbx_struct_assembly_prop.biol_id 
_pdbx_struct_assembly_prop.type 
_pdbx_struct_assembly_prop.value 
_pdbx_struct_assembly_prop.details 
1 'ABSA (A^2)' 1960  ? 
1 MORE         -8    ? 
1 'SSA (A^2)'  20110 ? 
# 
_pdbx_struct_assembly_gen.assembly_id       1 
_pdbx_struct_assembly_gen.oper_expression   1,2 
_pdbx_struct_assembly_gen.asym_id_list      A,B 
# 
loop_
_pdbx_struct_oper_list.id 
_pdbx_struct_oper_list.type 
_pdbx_struct_oper_list.name 
_pdbx_struct_oper_list.symmetry_operation 
_pdbx_struct_oper_list.matrix[1][1] 
_pdbx_struct_oper_list.matrix[1][2] 
_pdbx_struct_oper_list.matrix[1][3] 
_pdbx_struct_oper_list.vector[1] 
_pdbx_struct_oper_list.matrix[2][1] 
_pdbx_struct_oper_list.matrix[2][2] 
_pdbx_struct_oper_list.matrix[2][3] 
_pdbx_struct_oper_list.vector[2] 
_pdbx_struct_oper_list.matrix[3][1] 
_pdbx_struct_oper_list.matrix[3][2] 
_pdbx_struct_oper_list.matrix[3][3] 
_pdbx_struct_oper_list.vector[3] 
1 'identity operation'         1_555 x,y,z            1.0000000000  0.0000000000 0.0000000000 0.0000000000  0.0000000000 1.0000000000  0.0000000000 0.0000000000   0.0000000000 0.0000000000 1.0000000000 0.0000000000 
2 'crystal symmetry operation' 8_665 -y+1,-x+1,-z+1/2 -0.5891066740 0.3665889284 0.7201151882 12.0168212628 0.3665889284 -0.6729383664 0.6424690752 -28.8468353794 0.7201151882 0.6424690752 0.2620450404 7.8283292802 
# 
_struct_biol.id        1 
_struct_biol.details   ? 
# 
loop_
_struct_conf.conf_type_id 
_struct_conf.id 
_struct_conf.pdbx_PDB_helix_id 
_struct_conf.beg_label_comp_id 
_struct_conf.beg_label_asym_id 
_struct_conf.beg_label_seq_id 
_struct_conf.pdbx_beg_PDB_ins_code 
_struct_conf.end_label_comp_id 
_struct_conf.end_label_asym_id 
_struct_conf.end_label_seq_id 
_struct_conf.pdbx_end_PDB_ins_code 
_struct_conf.beg_auth_comp_id 
_struct_conf.beg_auth_asym_id 
_struct_conf.beg_auth_seq_id 
_struct_conf.end_auth_comp_id 
_struct_conf.end_auth_asym_id 
_struct_conf.end_auth_seq_id 
_struct_conf.pdbx_PDB_helix_class 
_struct_conf.details 
_struct_conf.pdbx_PDB_helix_length 
HELX_P HELX_P1 1 GLY A 14  ? ASN A 27  ? GLY A 14  ASN A 27  1 ? 14 
HELX_P HELX_P2 2 ASN A 53  ? GLY A 63  ? ASN A 53  GLY A 63  1 ? 11 
HELX_P HELX_P3 3 GLU A 78  ? SER A 87  ? GLU A 78  SER A 87  1 ? 10 
HELX_P HELX_P4 4 TYR A 103 ? LEU A 115 ? TYR A 103 LEU A 115 1 ? 13 
HELX_P HELX_P5 5 ASP A 127 ? LEU A 138 ? ASP A 127 LEU A 138 1 ? 12 
HELX_P HELX_P6 6 ASP A 153 ? LEU A 157 ? ASP A 153 LEU A 157 5 ? 5  
HELX_P HELX_P7 7 ASP A 162 ? LYS A 177 ? ASP A 162 LYS A 177 1 ? 16 
# 
_struct_conf_type.id          HELX_P 
_struct_conf_type.criteria    ? 
_struct_conf_type.reference   ? 
# 
loop_
_struct_conn.id 
_struct_conn.conn_type_id 
_struct_conn.pdbx_leaving_atom_flag 
_struct_conn.pdbx_PDB_id 
_struct_conn.ptnr1_label_asym_id 
_struct_conn.ptnr1_label_comp_id 
_struct_conn.ptnr1_label_seq_id 
_struct_conn.ptnr1_label_atom_id 
_struct_conn.pdbx_ptnr1_label_alt_id 
_struct_conn.pdbx_ptnr1_PDB_ins_code 
_struct_conn.pdbx_ptnr1_standard_comp_id 
_struct_conn.ptnr1_symmetry 
_struct_conn.ptnr2_label_asym_id 
_struct_conn.ptnr2_label_comp_id 
_struct_conn.ptnr2_label_seq_id 
_struct_conn.ptnr2_label_atom_id 
_struct_conn.pdbx_ptnr2_label_alt_id 
_struct_conn.pdbx_ptnr2_PDB_ins_code 
_struct_conn.ptnr1_auth_asym_id 
_struct_conn.ptnr1_auth_comp_id 
_struct_conn.ptnr1_auth_seq_id 
_struct_conn.ptnr2_auth_asym_id 
_struct_conn.ptnr2_auth_comp_id 
_struct_conn.ptnr2_auth_seq_id 
_struct_conn.ptnr2_symmetry 
_struct_conn.pdbx_ptnr3_label_atom_id 
_struct_conn.pdbx_ptnr3_label_seq_id 
_struct_conn.pdbx_ptnr3_label_comp_id 
_struct_conn.pdbx_ptnr3_label_asym_id 
_struct_conn.pdbx_ptnr3_label_alt_id 
_struct_conn.pdbx_ptnr3_PDB_ins_code 
_struct_conn.details 
_struct_conn.pdbx_dist_value 
_struct_conn.pdbx_value_order 
_struct_conn.pdbx_role 
covale1 covale both ? A THR 36  C ? ? ? 1_555 A MSE 37  N ? ? A THR 36  A MSE 37  1_555 ? ? ? ? ? ? ? 1.328 ? ? 
covale2 covale both ? A MSE 37  C ? ? ? 1_555 A VAL 38  N ? ? A MSE 37  A VAL 38  1_555 ? ? ? ? ? ? ? 1.330 ? ? 
covale3 covale both ? A TYR 131 C ? ? ? 1_555 A MSE 132 N ? ? A TYR 131 A MSE 132 1_555 ? ? ? ? ? ? ? 1.329 ? ? 
covale4 covale both ? A MSE 132 C ? ? ? 1_555 A ARG 133 N ? ? A MSE 132 A ARG 133 1_555 ? ? ? ? ? ? ? 1.327 ? ? 
covale5 covale both ? A ILE 142 C ? ? ? 1_555 A MSE 143 N ? ? A ILE 142 A MSE 143 1_555 ? ? ? ? ? ? ? 1.330 ? ? 
covale6 covale both ? A MSE 143 C ? ? ? 1_555 A VAL 144 N ? ? A MSE 143 A VAL 144 1_555 ? ? ? ? ? ? ? 1.327 ? ? 
covale7 covale both ? A ASP 193 C ? ? ? 1_555 A MSE 194 N ? ? A ASP 193 A MSE 194 1_555 ? ? ? ? ? ? ? 1.321 ? ? 
covale8 covale both ? A MSE 194 C ? ? ? 1_555 A PRO 195 N ? ? A MSE 194 A PRO 195 1_555 ? ? ? ? ? ? ? 1.340 ? ? 
# 
_struct_conn_type.id          covale 
_struct_conn_type.criteria    ? 
_struct_conn_type.reference   ? 
# 
loop_
_pdbx_modification_feature.ordinal 
_pdbx_modification_feature.label_comp_id 
_pdbx_modification_feature.label_asym_id 
_pdbx_modification_feature.label_seq_id 
_pdbx_modification_feature.label_alt_id 
_pdbx_modification_feature.modified_residue_label_comp_id 
_pdbx_modification_feature.modified_residue_label_asym_id 
_pdbx_modification_feature.modified_residue_label_seq_id 
_pdbx_modification_feature.modified_residue_label_alt_id 
_pdbx_modification_feature.auth_comp_id 
_pdbx_modification_feature.auth_asym_id 
_pdbx_modification_feature.auth_seq_id 
_pdbx_modification_feature.PDB_ins_code 
_pdbx_modification_feature.symmetry 
_pdbx_modification_feature.modified_residue_auth_comp_id 
_pdbx_modification_feature.modified_residue_auth_asym_id 
_pdbx_modification_feature.modified_residue_auth_seq_id 
_pdbx_modification_feature.modified_residue_PDB_ins_code 
_pdbx_modification_feature.modified_residue_symmetry 
_pdbx_modification_feature.comp_id_linking_atom 
_pdbx_modification_feature.modified_residue_id_linking_atom 
_pdbx_modification_feature.modified_residue_id 
_pdbx_modification_feature.ref_pcm_id 
_pdbx_modification_feature.ref_comp_id 
_pdbx_modification_feature.type 
_pdbx_modification_feature.category 
1 MSE A 37  ? . . . . MSE A 37  ? 1_555 . . . . . . . MET 1 MSE Selenomethionine 'Named protein modification' 
2 MSE A 132 ? . . . . MSE A 132 ? 1_555 . . . . . . . MET 1 MSE Selenomethionine 'Named protein modification' 
3 MSE A 143 ? . . . . MSE A 143 ? 1_555 . . . . . . . MET 1 MSE Selenomethionine 'Named protein modification' 
4 MSE A 194 ? . . . . MSE A 194 ? 1_555 . . . . . . . MET 1 MSE Selenomethionine 'Named protein modification' 
# 
loop_
_struct_sheet.id 
_struct_sheet.type 
_struct_sheet.number_strands 
_struct_sheet.details 
A ? 5 ? 
B ? 4 ? 
# 
loop_
_struct_sheet_order.sheet_id 
_struct_sheet_order.range_id_1 
_struct_sheet_order.range_id_2 
_struct_sheet_order.offset 
_struct_sheet_order.sense 
A 1 2 ? parallel      
A 2 3 ? parallel      
A 3 4 ? parallel      
A 4 5 ? parallel      
B 1 2 ? anti-parallel 
B 2 3 ? anti-parallel 
B 3 4 ? anti-parallel 
# 
loop_
_struct_sheet_range.sheet_id 
_struct_sheet_range.id 
_struct_sheet_range.beg_label_comp_id 
_struct_sheet_range.beg_label_asym_id 
_struct_sheet_range.beg_label_seq_id 
_struct_sheet_range.pdbx_beg_PDB_ins_code 
_struct_sheet_range.end_label_comp_id 
_struct_sheet_range.end_label_asym_id 
_struct_sheet_range.end_label_seq_id 
_struct_sheet_range.pdbx_end_PDB_ins_code 
_struct_sheet_range.beg_auth_comp_id 
_struct_sheet_range.beg_auth_asym_id 
_struct_sheet_range.beg_auth_seq_id 
_struct_sheet_range.end_auth_comp_id 
_struct_sheet_range.end_auth_asym_id 
_struct_sheet_range.end_auth_seq_id 
A 1 LEU A 66  ? THR A 71  ? LEU A 66  THR A 71  
A 2 SER A 30  ? SER A 39  ? SER A 30  SER A 39  
A 3 ASP A 6   ? LEU A 10  ? ASP A 6   LEU A 10  
A 4 GLY A 93  ? VAL A 95  ? GLY A 93  VAL A 95  
A 5 GLU A 118 ? TYR A 120 ? GLU A 118 TYR A 120 
B 1 PHE A 187 ? ASP A 193 ? PHE A 187 ASP A 193 
B 2 LYS A 141 ? SER A 148 ? LYS A 141 SER A 148 
B 3 SER A 216 ? SER A 228 ? SER A 216 SER A 228 
B 4 TYR A 199 ? VAL A 209 ? TYR A 199 VAL A 209 
# 
loop_
_pdbx_struct_sheet_hbond.sheet_id 
_pdbx_struct_sheet_hbond.range_id_1 
_pdbx_struct_sheet_hbond.range_id_2 
_pdbx_struct_sheet_hbond.range_1_label_atom_id 
_pdbx_struct_sheet_hbond.range_1_label_comp_id 
_pdbx_struct_sheet_hbond.range_1_label_asym_id 
_pdbx_struct_sheet_hbond.range_1_label_seq_id 
_pdbx_struct_sheet_hbond.range_1_PDB_ins_code 
_pdbx_struct_sheet_hbond.range_1_auth_atom_id 
_pdbx_struct_sheet_hbond.range_1_auth_comp_id 
_pdbx_struct_sheet_hbond.range_1_auth_asym_id 
_pdbx_struct_sheet_hbond.range_1_auth_seq_id 
_pdbx_struct_sheet_hbond.range_2_label_atom_id 
_pdbx_struct_sheet_hbond.range_2_label_comp_id 
_pdbx_struct_sheet_hbond.range_2_label_asym_id 
_pdbx_struct_sheet_hbond.range_2_label_seq_id 
_pdbx_struct_sheet_hbond.range_2_PDB_ins_code 
_pdbx_struct_sheet_hbond.range_2_auth_atom_id 
_pdbx_struct_sheet_hbond.range_2_auth_comp_id 
_pdbx_struct_sheet_hbond.range_2_auth_asym_id 
_pdbx_struct_sheet_hbond.range_2_auth_seq_id 
A 1 2 O VAL A 67  ? O VAL A 67  N LEU A 34  ? N LEU A 34  
A 2 3 O VAL A 35  ? O VAL A 35  N VAL A 9   ? N VAL A 9   
A 3 4 N LEU A 10  ? N LEU A 10  O VAL A 95  ? O VAL A 95  
A 4 5 N ILE A 94  ? N ILE A 94  O TYR A 120 ? O TYR A 120 
B 1 2 O GLU A 188 ? O GLU A 188 N VAL A 145 ? N VAL A 145 
B 2 3 N VAL A 147 ? N VAL A 147 O GLY A 217 ? O GLY A 217 
B 3 4 O HIS A 225 ? O HIS A 225 N VAL A 202 ? N VAL A 202 
# 
_pdbx_entry_details.entry_id                   3RJZ 
_pdbx_entry_details.compound_details           ? 
_pdbx_entry_details.source_details             ? 
_pdbx_entry_details.nonpolymer_details         ? 
_pdbx_entry_details.sequence_details           ? 
_pdbx_entry_details.has_ligand_of_interest     ? 
_pdbx_entry_details.has_protein_modification   Y 
# 
loop_
_pdbx_validate_torsion.id 
_pdbx_validate_torsion.PDB_model_num 
_pdbx_validate_torsion.auth_comp_id 
_pdbx_validate_torsion.auth_asym_id 
_pdbx_validate_torsion.auth_seq_id 
_pdbx_validate_torsion.PDB_ins_code 
_pdbx_validate_torsion.label_alt_id 
_pdbx_validate_torsion.phi 
_pdbx_validate_torsion.psi 
1 1 TRP A 124 ? ? -136.31 -95.83  
2 1 SER A 148 ? ? -146.95 58.35   
3 1 LYS A 175 ? ? -136.70 -60.25  
4 1 THR A 214 ? ? -82.46  -134.43 
5 1 SER A 215 ? ? -150.02 26.03   
# 
_pdbx_SG_project.id                    1 
_pdbx_SG_project.project_name          PSI:Biology 
_pdbx_SG_project.full_name_of_center   'Northeast Structural Genomics Consortium' 
_pdbx_SG_project.initial_of_center     NESG 
# 
loop_
_pdbx_struct_mod_residue.id 
_pdbx_struct_mod_residue.label_asym_id 
_pdbx_struct_mod_residue.label_comp_id 
_pdbx_struct_mod_residue.label_seq_id 
_pdbx_struct_mod_residue.auth_asym_id 
_pdbx_struct_mod_residue.auth_comp_id 
_pdbx_struct_mod_residue.auth_seq_id 
_pdbx_struct_mod_residue.PDB_ins_code 
_pdbx_struct_mod_residue.parent_comp_id 
_pdbx_struct_mod_residue.details 
1 A MSE 37  A MSE 37  ? MET SELENOMETHIONINE 
2 A MSE 132 A MSE 132 ? MET SELENOMETHIONINE 
3 A MSE 143 A MSE 143 ? MET SELENOMETHIONINE 
4 A MSE 194 A MSE 194 ? MET SELENOMETHIONINE 
# 
loop_
_pdbx_unobs_or_zero_occ_residues.id 
_pdbx_unobs_or_zero_occ_residues.PDB_model_num 
_pdbx_unobs_or_zero_occ_residues.polymer_flag 
_pdbx_unobs_or_zero_occ_residues.occupancy_flag 
_pdbx_unobs_or_zero_occ_residues.auth_asym_id 
_pdbx_unobs_or_zero_occ_residues.auth_comp_id 
_pdbx_unobs_or_zero_occ_residues.auth_seq_id 
_pdbx_unobs_or_zero_occ_residues.PDB_ins_code 
_pdbx_unobs_or_zero_occ_residues.label_asym_id 
_pdbx_unobs_or_zero_occ_residues.label_comp_id 
_pdbx_unobs_or_zero_occ_residues.label_seq_id 
1  1 Y 1 A MSE 1   ? A MSE 1   
2  1 Y 1 A VAL 2   ? A VAL 2   
3  1 Y 1 A ASN 41  ? A ASN 41  
4  1 Y 1 A GLU 42  ? A GLU 42  
5  1 Y 1 A GLU 43  ? A GLU 43  
6  1 Y 1 A SER 44  ? A SER 44  
7  1 Y 1 A TYR 45  ? A TYR 45  
8  1 Y 1 A MSE 46  ? A MSE 46  
9  1 Y 1 A TYR 47  ? A TYR 47  
10 1 Y 1 A HIS 48  ? A HIS 48  
11 1 Y 1 A GLN 72  ? A GLN 72  
12 1 Y 1 A GLY 73  ? A GLY 73  
13 1 Y 1 A GLU 74  ? A GLU 74  
14 1 Y 1 A LYS 75  ? A LYS 75  
15 1 Y 1 A GLU 76  ? A GLU 76  
16 1 Y 1 A LYS 77  ? A LYS 77  
17 1 Y 1 A ALA 98  ? A ALA 98  
18 1 Y 1 A LEU 99  ? A LEU 99  
19 1 Y 1 A ALA 100 ? A ALA 100 
20 1 Y 1 A TRP 210 ? A TRP 210 
21 1 Y 1 A GLU 211 ? A GLU 211 
22 1 Y 1 A HIS 232 ? A HIS 232 
23 1 Y 1 A HIS 233 ? A HIS 233 
24 1 Y 1 A HIS 234 ? A HIS 234 
25 1 Y 1 A HIS 235 ? A HIS 235 
26 1 Y 1 A HIS 236 ? A HIS 236 
27 1 Y 1 A HIS 237 ? A HIS 237 
# 
loop_
_chem_comp_atom.comp_id 
_chem_comp_atom.atom_id 
_chem_comp_atom.type_symbol 
_chem_comp_atom.pdbx_aromatic_flag 
_chem_comp_atom.pdbx_stereo_config 
_chem_comp_atom.pdbx_ordinal 
ALA N    N  N N 1   
ALA CA   C  N S 2   
ALA C    C  N N 3   
ALA O    O  N N 4   
ALA CB   C  N N 5   
ALA OXT  O  N N 6   
ALA H    H  N N 7   
ALA H2   H  N N 8   
ALA HA   H  N N 9   
ALA HB1  H  N N 10  
ALA HB2  H  N N 11  
ALA HB3  H  N N 12  
ALA HXT  H  N N 13  
ARG N    N  N N 14  
ARG CA   C  N S 15  
ARG C    C  N N 16  
ARG O    O  N N 17  
ARG CB   C  N N 18  
ARG CG   C  N N 19  
ARG CD   C  N N 20  
ARG NE   N  N N 21  
ARG CZ   C  N N 22  
ARG NH1  N  N N 23  
ARG NH2  N  N N 24  
ARG OXT  O  N N 25  
ARG H    H  N N 26  
ARG H2   H  N N 27  
ARG HA   H  N N 28  
ARG HB2  H  N N 29  
ARG HB3  H  N N 30  
ARG HG2  H  N N 31  
ARG HG3  H  N N 32  
ARG HD2  H  N N 33  
ARG HD3  H  N N 34  
ARG HE   H  N N 35  
ARG HH11 H  N N 36  
ARG HH12 H  N N 37  
ARG HH21 H  N N 38  
ARG HH22 H  N N 39  
ARG HXT  H  N N 40  
ASN N    N  N N 41  
ASN CA   C  N S 42  
ASN C    C  N N 43  
ASN O    O  N N 44  
ASN CB   C  N N 45  
ASN CG   C  N N 46  
ASN OD1  O  N N 47  
ASN ND2  N  N N 48  
ASN OXT  O  N N 49  
ASN H    H  N N 50  
ASN H2   H  N N 51  
ASN HA   H  N N 52  
ASN HB2  H  N N 53  
ASN HB3  H  N N 54  
ASN HD21 H  N N 55  
ASN HD22 H  N N 56  
ASN HXT  H  N N 57  
ASP N    N  N N 58  
ASP CA   C  N S 59  
ASP C    C  N N 60  
ASP O    O  N N 61  
ASP CB   C  N N 62  
ASP CG   C  N N 63  
ASP OD1  O  N N 64  
ASP OD2  O  N N 65  
ASP OXT  O  N N 66  
ASP H    H  N N 67  
ASP H2   H  N N 68  
ASP HA   H  N N 69  
ASP HB2  H  N N 70  
ASP HB3  H  N N 71  
ASP HD2  H  N N 72  
ASP HXT  H  N N 73  
CYS N    N  N N 74  
CYS CA   C  N R 75  
CYS C    C  N N 76  
CYS O    O  N N 77  
CYS CB   C  N N 78  
CYS SG   S  N N 79  
CYS OXT  O  N N 80  
CYS H    H  N N 81  
CYS H2   H  N N 82  
CYS HA   H  N N 83  
CYS HB2  H  N N 84  
CYS HB3  H  N N 85  
CYS HG   H  N N 86  
CYS HXT  H  N N 87  
GLN N    N  N N 88  
GLN CA   C  N S 89  
GLN C    C  N N 90  
GLN O    O  N N 91  
GLN CB   C  N N 92  
GLN CG   C  N N 93  
GLN CD   C  N N 94  
GLN OE1  O  N N 95  
GLN NE2  N  N N 96  
GLN OXT  O  N N 97  
GLN H    H  N N 98  
GLN H2   H  N N 99  
GLN HA   H  N N 100 
GLN HB2  H  N N 101 
GLN HB3  H  N N 102 
GLN HG2  H  N N 103 
GLN HG3  H  N N 104 
GLN HE21 H  N N 105 
GLN HE22 H  N N 106 
GLN HXT  H  N N 107 
GLU N    N  N N 108 
GLU CA   C  N S 109 
GLU C    C  N N 110 
GLU O    O  N N 111 
GLU CB   C  N N 112 
GLU CG   C  N N 113 
GLU CD   C  N N 114 
GLU OE1  O  N N 115 
GLU OE2  O  N N 116 
GLU OXT  O  N N 117 
GLU H    H  N N 118 
GLU H2   H  N N 119 
GLU HA   H  N N 120 
GLU HB2  H  N N 121 
GLU HB3  H  N N 122 
GLU HG2  H  N N 123 
GLU HG3  H  N N 124 
GLU HE2  H  N N 125 
GLU HXT  H  N N 126 
GLY N    N  N N 127 
GLY CA   C  N N 128 
GLY C    C  N N 129 
GLY O    O  N N 130 
GLY OXT  O  N N 131 
GLY H    H  N N 132 
GLY H2   H  N N 133 
GLY HA2  H  N N 134 
GLY HA3  H  N N 135 
GLY HXT  H  N N 136 
HIS N    N  N N 137 
HIS CA   C  N S 138 
HIS C    C  N N 139 
HIS O    O  N N 140 
HIS CB   C  N N 141 
HIS CG   C  Y N 142 
HIS ND1  N  Y N 143 
HIS CD2  C  Y N 144 
HIS CE1  C  Y N 145 
HIS NE2  N  Y N 146 
HIS OXT  O  N N 147 
HIS H    H  N N 148 
HIS H2   H  N N 149 
HIS HA   H  N N 150 
HIS HB2  H  N N 151 
HIS HB3  H  N N 152 
HIS HD1  H  N N 153 
HIS HD2  H  N N 154 
HIS HE1  H  N N 155 
HIS HE2  H  N N 156 
HIS HXT  H  N N 157 
HOH O    O  N N 158 
HOH H1   H  N N 159 
HOH H2   H  N N 160 
ILE N    N  N N 161 
ILE CA   C  N S 162 
ILE C    C  N N 163 
ILE O    O  N N 164 
ILE CB   C  N S 165 
ILE CG1  C  N N 166 
ILE CG2  C  N N 167 
ILE CD1  C  N N 168 
ILE OXT  O  N N 169 
ILE H    H  N N 170 
ILE H2   H  N N 171 
ILE HA   H  N N 172 
ILE HB   H  N N 173 
ILE HG12 H  N N 174 
ILE HG13 H  N N 175 
ILE HG21 H  N N 176 
ILE HG22 H  N N 177 
ILE HG23 H  N N 178 
ILE HD11 H  N N 179 
ILE HD12 H  N N 180 
ILE HD13 H  N N 181 
ILE HXT  H  N N 182 
LEU N    N  N N 183 
LEU CA   C  N S 184 
LEU C    C  N N 185 
LEU O    O  N N 186 
LEU CB   C  N N 187 
LEU CG   C  N N 188 
LEU CD1  C  N N 189 
LEU CD2  C  N N 190 
LEU OXT  O  N N 191 
LEU H    H  N N 192 
LEU H2   H  N N 193 
LEU HA   H  N N 194 
LEU HB2  H  N N 195 
LEU HB3  H  N N 196 
LEU HG   H  N N 197 
LEU HD11 H  N N 198 
LEU HD12 H  N N 199 
LEU HD13 H  N N 200 
LEU HD21 H  N N 201 
LEU HD22 H  N N 202 
LEU HD23 H  N N 203 
LEU HXT  H  N N 204 
LYS N    N  N N 205 
LYS CA   C  N S 206 
LYS C    C  N N 207 
LYS O    O  N N 208 
LYS CB   C  N N 209 
LYS CG   C  N N 210 
LYS CD   C  N N 211 
LYS CE   C  N N 212 
LYS NZ   N  N N 213 
LYS OXT  O  N N 214 
LYS H    H  N N 215 
LYS H2   H  N N 216 
LYS HA   H  N N 217 
LYS HB2  H  N N 218 
LYS HB3  H  N N 219 
LYS HG2  H  N N 220 
LYS HG3  H  N N 221 
LYS HD2  H  N N 222 
LYS HD3  H  N N 223 
LYS HE2  H  N N 224 
LYS HE3  H  N N 225 
LYS HZ1  H  N N 226 
LYS HZ2  H  N N 227 
LYS HZ3  H  N N 228 
LYS HXT  H  N N 229 
MSE N    N  N N 230 
MSE CA   C  N S 231 
MSE C    C  N N 232 
MSE O    O  N N 233 
MSE OXT  O  N N 234 
MSE CB   C  N N 235 
MSE CG   C  N N 236 
MSE SE   SE N N 237 
MSE CE   C  N N 238 
MSE H    H  N N 239 
MSE H2   H  N N 240 
MSE HA   H  N N 241 
MSE HXT  H  N N 242 
MSE HB2  H  N N 243 
MSE HB3  H  N N 244 
MSE HG2  H  N N 245 
MSE HG3  H  N N 246 
MSE HE1  H  N N 247 
MSE HE2  H  N N 248 
MSE HE3  H  N N 249 
PHE N    N  N N 250 
PHE CA   C  N S 251 
PHE C    C  N N 252 
PHE O    O  N N 253 
PHE CB   C  N N 254 
PHE CG   C  Y N 255 
PHE CD1  C  Y N 256 
PHE CD2  C  Y N 257 
PHE CE1  C  Y N 258 
PHE CE2  C  Y N 259 
PHE CZ   C  Y N 260 
PHE OXT  O  N N 261 
PHE H    H  N N 262 
PHE H2   H  N N 263 
PHE HA   H  N N 264 
PHE HB2  H  N N 265 
PHE HB3  H  N N 266 
PHE HD1  H  N N 267 
PHE HD2  H  N N 268 
PHE HE1  H  N N 269 
PHE HE2  H  N N 270 
PHE HZ   H  N N 271 
PHE HXT  H  N N 272 
PRO N    N  N N 273 
PRO CA   C  N S 274 
PRO C    C  N N 275 
PRO O    O  N N 276 
PRO CB   C  N N 277 
PRO CG   C  N N 278 
PRO CD   C  N N 279 
PRO OXT  O  N N 280 
PRO H    H  N N 281 
PRO HA   H  N N 282 
PRO HB2  H  N N 283 
PRO HB3  H  N N 284 
PRO HG2  H  N N 285 
PRO HG3  H  N N 286 
PRO HD2  H  N N 287 
PRO HD3  H  N N 288 
PRO HXT  H  N N 289 
SER N    N  N N 290 
SER CA   C  N S 291 
SER C    C  N N 292 
SER O    O  N N 293 
SER CB   C  N N 294 
SER OG   O  N N 295 
SER OXT  O  N N 296 
SER H    H  N N 297 
SER H2   H  N N 298 
SER HA   H  N N 299 
SER HB2  H  N N 300 
SER HB3  H  N N 301 
SER HG   H  N N 302 
SER HXT  H  N N 303 
THR N    N  N N 304 
THR CA   C  N S 305 
THR C    C  N N 306 
THR O    O  N N 307 
THR CB   C  N R 308 
THR OG1  O  N N 309 
THR CG2  C  N N 310 
THR OXT  O  N N 311 
THR H    H  N N 312 
THR H2   H  N N 313 
THR HA   H  N N 314 
THR HB   H  N N 315 
THR HG1  H  N N 316 
THR HG21 H  N N 317 
THR HG22 H  N N 318 
THR HG23 H  N N 319 
THR HXT  H  N N 320 
TRP N    N  N N 321 
TRP CA   C  N S 322 
TRP C    C  N N 323 
TRP O    O  N N 324 
TRP CB   C  N N 325 
TRP CG   C  Y N 326 
TRP CD1  C  Y N 327 
TRP CD2  C  Y N 328 
TRP NE1  N  Y N 329 
TRP CE2  C  Y N 330 
TRP CE3  C  Y N 331 
TRP CZ2  C  Y N 332 
TRP CZ3  C  Y N 333 
TRP CH2  C  Y N 334 
TRP OXT  O  N N 335 
TRP H    H  N N 336 
TRP H2   H  N N 337 
TRP HA   H  N N 338 
TRP HB2  H  N N 339 
TRP HB3  H  N N 340 
TRP HD1  H  N N 341 
TRP HE1  H  N N 342 
TRP HE3  H  N N 343 
TRP HZ2  H  N N 344 
TRP HZ3  H  N N 345 
TRP HH2  H  N N 346 
TRP HXT  H  N N 347 
TYR N    N  N N 348 
TYR CA   C  N S 349 
TYR C    C  N N 350 
TYR O    O  N N 351 
TYR CB   C  N N 352 
TYR CG   C  Y N 353 
TYR CD1  C  Y N 354 
TYR CD2  C  Y N 355 
TYR CE1  C  Y N 356 
TYR CE2  C  Y N 357 
TYR CZ   C  Y N 358 
TYR OH   O  N N 359 
TYR OXT  O  N N 360 
TYR H    H  N N 361 
TYR H2   H  N N 362 
TYR HA   H  N N 363 
TYR HB2  H  N N 364 
TYR HB3  H  N N 365 
TYR HD1  H  N N 366 
TYR HD2  H  N N 367 
TYR HE1  H  N N 368 
TYR HE2  H  N N 369 
TYR HH   H  N N 370 
TYR HXT  H  N N 371 
VAL N    N  N N 372 
VAL CA   C  N S 373 
VAL C    C  N N 374 
VAL O    O  N N 375 
VAL CB   C  N N 376 
VAL CG1  C  N N 377 
VAL CG2  C  N N 378 
VAL OXT  O  N N 379 
VAL H    H  N N 380 
VAL H2   H  N N 381 
VAL HA   H  N N 382 
VAL HB   H  N N 383 
VAL HG11 H  N N 384 
VAL HG12 H  N N 385 
VAL HG13 H  N N 386 
VAL HG21 H  N N 387 
VAL HG22 H  N N 388 
VAL HG23 H  N N 389 
VAL HXT  H  N N 390 
# 
loop_
_chem_comp_bond.comp_id 
_chem_comp_bond.atom_id_1 
_chem_comp_bond.atom_id_2 
_chem_comp_bond.value_order 
_chem_comp_bond.pdbx_aromatic_flag 
_chem_comp_bond.pdbx_stereo_config 
_chem_comp_bond.pdbx_ordinal 
ALA N   CA   sing N N 1   
ALA N   H    sing N N 2   
ALA N   H2   sing N N 3   
ALA CA  C    sing N N 4   
ALA CA  CB   sing N N 5   
ALA CA  HA   sing N N 6   
ALA C   O    doub N N 7   
ALA C   OXT  sing N N 8   
ALA CB  HB1  sing N N 9   
ALA CB  HB2  sing N N 10  
ALA CB  HB3  sing N N 11  
ALA OXT HXT  sing N N 12  
ARG N   CA   sing N N 13  
ARG N   H    sing N N 14  
ARG N   H2   sing N N 15  
ARG CA  C    sing N N 16  
ARG CA  CB   sing N N 17  
ARG CA  HA   sing N N 18  
ARG C   O    doub N N 19  
ARG C   OXT  sing N N 20  
ARG CB  CG   sing N N 21  
ARG CB  HB2  sing N N 22  
ARG CB  HB3  sing N N 23  
ARG CG  CD   sing N N 24  
ARG CG  HG2  sing N N 25  
ARG CG  HG3  sing N N 26  
ARG CD  NE   sing N N 27  
ARG CD  HD2  sing N N 28  
ARG CD  HD3  sing N N 29  
ARG NE  CZ   sing N N 30  
ARG NE  HE   sing N N 31  
ARG CZ  NH1  sing N N 32  
ARG CZ  NH2  doub N N 33  
ARG NH1 HH11 sing N N 34  
ARG NH1 HH12 sing N N 35  
ARG NH2 HH21 sing N N 36  
ARG NH2 HH22 sing N N 37  
ARG OXT HXT  sing N N 38  
ASN N   CA   sing N N 39  
ASN N   H    sing N N 40  
ASN N   H2   sing N N 41  
ASN CA  C    sing N N 42  
ASN CA  CB   sing N N 43  
ASN CA  HA   sing N N 44  
ASN C   O    doub N N 45  
ASN C   OXT  sing N N 46  
ASN CB  CG   sing N N 47  
ASN CB  HB2  sing N N 48  
ASN CB  HB3  sing N N 49  
ASN CG  OD1  doub N N 50  
ASN CG  ND2  sing N N 51  
ASN ND2 HD21 sing N N 52  
ASN ND2 HD22 sing N N 53  
ASN OXT HXT  sing N N 54  
ASP N   CA   sing N N 55  
ASP N   H    sing N N 56  
ASP N   H2   sing N N 57  
ASP CA  C    sing N N 58  
ASP CA  CB   sing N N 59  
ASP CA  HA   sing N N 60  
ASP C   O    doub N N 61  
ASP C   OXT  sing N N 62  
ASP CB  CG   sing N N 63  
ASP CB  HB2  sing N N 64  
ASP CB  HB3  sing N N 65  
ASP CG  OD1  doub N N 66  
ASP CG  OD2  sing N N 67  
ASP OD2 HD2  sing N N 68  
ASP OXT HXT  sing N N 69  
CYS N   CA   sing N N 70  
CYS N   H    sing N N 71  
CYS N   H2   sing N N 72  
CYS CA  C    sing N N 73  
CYS CA  CB   sing N N 74  
CYS CA  HA   sing N N 75  
CYS C   O    doub N N 76  
CYS C   OXT  sing N N 77  
CYS CB  SG   sing N N 78  
CYS CB  HB2  sing N N 79  
CYS CB  HB3  sing N N 80  
CYS SG  HG   sing N N 81  
CYS OXT HXT  sing N N 82  
GLN N   CA   sing N N 83  
GLN N   H    sing N N 84  
GLN N   H2   sing N N 85  
GLN CA  C    sing N N 86  
GLN CA  CB   sing N N 87  
GLN CA  HA   sing N N 88  
GLN C   O    doub N N 89  
GLN C   OXT  sing N N 90  
GLN CB  CG   sing N N 91  
GLN CB  HB2  sing N N 92  
GLN CB  HB3  sing N N 93  
GLN CG  CD   sing N N 94  
GLN CG  HG2  sing N N 95  
GLN CG  HG3  sing N N 96  
GLN CD  OE1  doub N N 97  
GLN CD  NE2  sing N N 98  
GLN NE2 HE21 sing N N 99  
GLN NE2 HE22 sing N N 100 
GLN OXT HXT  sing N N 101 
GLU N   CA   sing N N 102 
GLU N   H    sing N N 103 
GLU N   H2   sing N N 104 
GLU CA  C    sing N N 105 
GLU CA  CB   sing N N 106 
GLU CA  HA   sing N N 107 
GLU C   O    doub N N 108 
GLU C   OXT  sing N N 109 
GLU CB  CG   sing N N 110 
GLU CB  HB2  sing N N 111 
GLU CB  HB3  sing N N 112 
GLU CG  CD   sing N N 113 
GLU CG  HG2  sing N N 114 
GLU CG  HG3  sing N N 115 
GLU CD  OE1  doub N N 116 
GLU CD  OE2  sing N N 117 
GLU OE2 HE2  sing N N 118 
GLU OXT HXT  sing N N 119 
GLY N   CA   sing N N 120 
GLY N   H    sing N N 121 
GLY N   H2   sing N N 122 
GLY CA  C    sing N N 123 
GLY CA  HA2  sing N N 124 
GLY CA  HA3  sing N N 125 
GLY C   O    doub N N 126 
GLY C   OXT  sing N N 127 
GLY OXT HXT  sing N N 128 
HIS N   CA   sing N N 129 
HIS N   H    sing N N 130 
HIS N   H2   sing N N 131 
HIS CA  C    sing N N 132 
HIS CA  CB   sing N N 133 
HIS CA  HA   sing N N 134 
HIS C   O    doub N N 135 
HIS C   OXT  sing N N 136 
HIS CB  CG   sing N N 137 
HIS CB  HB2  sing N N 138 
HIS CB  HB3  sing N N 139 
HIS CG  ND1  sing Y N 140 
HIS CG  CD2  doub Y N 141 
HIS ND1 CE1  doub Y N 142 
HIS ND1 HD1  sing N N 143 
HIS CD2 NE2  sing Y N 144 
HIS CD2 HD2  sing N N 145 
HIS CE1 NE2  sing Y N 146 
HIS CE1 HE1  sing N N 147 
HIS NE2 HE2  sing N N 148 
HIS OXT HXT  sing N N 149 
HOH O   H1   sing N N 150 
HOH O   H2   sing N N 151 
ILE N   CA   sing N N 152 
ILE N   H    sing N N 153 
ILE N   H2   sing N N 154 
ILE CA  C    sing N N 155 
ILE CA  CB   sing N N 156 
ILE CA  HA   sing N N 157 
ILE C   O    doub N N 158 
ILE C   OXT  sing N N 159 
ILE CB  CG1  sing N N 160 
ILE CB  CG2  sing N N 161 
ILE CB  HB   sing N N 162 
ILE CG1 CD1  sing N N 163 
ILE CG1 HG12 sing N N 164 
ILE CG1 HG13 sing N N 165 
ILE CG2 HG21 sing N N 166 
ILE CG2 HG22 sing N N 167 
ILE CG2 HG23 sing N N 168 
ILE CD1 HD11 sing N N 169 
ILE CD1 HD12 sing N N 170 
ILE CD1 HD13 sing N N 171 
ILE OXT HXT  sing N N 172 
LEU N   CA   sing N N 173 
LEU N   H    sing N N 174 
LEU N   H2   sing N N 175 
LEU CA  C    sing N N 176 
LEU CA  CB   sing N N 177 
LEU CA  HA   sing N N 178 
LEU C   O    doub N N 179 
LEU C   OXT  sing N N 180 
LEU CB  CG   sing N N 181 
LEU CB  HB2  sing N N 182 
LEU CB  HB3  sing N N 183 
LEU CG  CD1  sing N N 184 
LEU CG  CD2  sing N N 185 
LEU CG  HG   sing N N 186 
LEU CD1 HD11 sing N N 187 
LEU CD1 HD12 sing N N 188 
LEU CD1 HD13 sing N N 189 
LEU CD2 HD21 sing N N 190 
LEU CD2 HD22 sing N N 191 
LEU CD2 HD23 sing N N 192 
LEU OXT HXT  sing N N 193 
LYS N   CA   sing N N 194 
LYS N   H    sing N N 195 
LYS N   H2   sing N N 196 
LYS CA  C    sing N N 197 
LYS CA  CB   sing N N 198 
LYS CA  HA   sing N N 199 
LYS C   O    doub N N 200 
LYS C   OXT  sing N N 201 
LYS CB  CG   sing N N 202 
LYS CB  HB2  sing N N 203 
LYS CB  HB3  sing N N 204 
LYS CG  CD   sing N N 205 
LYS CG  HG2  sing N N 206 
LYS CG  HG3  sing N N 207 
LYS CD  CE   sing N N 208 
LYS CD  HD2  sing N N 209 
LYS CD  HD3  sing N N 210 
LYS CE  NZ   sing N N 211 
LYS CE  HE2  sing N N 212 
LYS CE  HE3  sing N N 213 
LYS NZ  HZ1  sing N N 214 
LYS NZ  HZ2  sing N N 215 
LYS NZ  HZ3  sing N N 216 
LYS OXT HXT  sing N N 217 
MSE N   CA   sing N N 218 
MSE N   H    sing N N 219 
MSE N   H2   sing N N 220 
MSE CA  C    sing N N 221 
MSE CA  CB   sing N N 222 
MSE CA  HA   sing N N 223 
MSE C   O    doub N N 224 
MSE C   OXT  sing N N 225 
MSE OXT HXT  sing N N 226 
MSE CB  CG   sing N N 227 
MSE CB  HB2  sing N N 228 
MSE CB  HB3  sing N N 229 
MSE CG  SE   sing N N 230 
MSE CG  HG2  sing N N 231 
MSE CG  HG3  sing N N 232 
MSE SE  CE   sing N N 233 
MSE CE  HE1  sing N N 234 
MSE CE  HE2  sing N N 235 
MSE CE  HE3  sing N N 236 
PHE N   CA   sing N N 237 
PHE N   H    sing N N 238 
PHE N   H2   sing N N 239 
PHE CA  C    sing N N 240 
PHE CA  CB   sing N N 241 
PHE CA  HA   sing N N 242 
PHE C   O    doub N N 243 
PHE C   OXT  sing N N 244 
PHE CB  CG   sing N N 245 
PHE CB  HB2  sing N N 246 
PHE CB  HB3  sing N N 247 
PHE CG  CD1  doub Y N 248 
PHE CG  CD2  sing Y N 249 
PHE CD1 CE1  sing Y N 250 
PHE CD1 HD1  sing N N 251 
PHE CD2 CE2  doub Y N 252 
PHE CD2 HD2  sing N N 253 
PHE CE1 CZ   doub Y N 254 
PHE CE1 HE1  sing N N 255 
PHE CE2 CZ   sing Y N 256 
PHE CE2 HE2  sing N N 257 
PHE CZ  HZ   sing N N 258 
PHE OXT HXT  sing N N 259 
PRO N   CA   sing N N 260 
PRO N   CD   sing N N 261 
PRO N   H    sing N N 262 
PRO CA  C    sing N N 263 
PRO CA  CB   sing N N 264 
PRO CA  HA   sing N N 265 
PRO C   O    doub N N 266 
PRO C   OXT  sing N N 267 
PRO CB  CG   sing N N 268 
PRO CB  HB2  sing N N 269 
PRO CB  HB3  sing N N 270 
PRO CG  CD   sing N N 271 
PRO CG  HG2  sing N N 272 
PRO CG  HG3  sing N N 273 
PRO CD  HD2  sing N N 274 
PRO CD  HD3  sing N N 275 
PRO OXT HXT  sing N N 276 
SER N   CA   sing N N 277 
SER N   H    sing N N 278 
SER N   H2   sing N N 279 
SER CA  C    sing N N 280 
SER CA  CB   sing N N 281 
SER CA  HA   sing N N 282 
SER C   O    doub N N 283 
SER C   OXT  sing N N 284 
SER CB  OG   sing N N 285 
SER CB  HB2  sing N N 286 
SER CB  HB3  sing N N 287 
SER OG  HG   sing N N 288 
SER OXT HXT  sing N N 289 
THR N   CA   sing N N 290 
THR N   H    sing N N 291 
THR N   H2   sing N N 292 
THR CA  C    sing N N 293 
THR CA  CB   sing N N 294 
THR CA  HA   sing N N 295 
THR C   O    doub N N 296 
THR C   OXT  sing N N 297 
THR CB  OG1  sing N N 298 
THR CB  CG2  sing N N 299 
THR CB  HB   sing N N 300 
THR OG1 HG1  sing N N 301 
THR CG2 HG21 sing N N 302 
THR CG2 HG22 sing N N 303 
THR CG2 HG23 sing N N 304 
THR OXT HXT  sing N N 305 
TRP N   CA   sing N N 306 
TRP N   H    sing N N 307 
TRP N   H2   sing N N 308 
TRP CA  C    sing N N 309 
TRP CA  CB   sing N N 310 
TRP CA  HA   sing N N 311 
TRP C   O    doub N N 312 
TRP C   OXT  sing N N 313 
TRP CB  CG   sing N N 314 
TRP CB  HB2  sing N N 315 
TRP CB  HB3  sing N N 316 
TRP CG  CD1  doub Y N 317 
TRP CG  CD2  sing Y N 318 
TRP CD1 NE1  sing Y N 319 
TRP CD1 HD1  sing N N 320 
TRP CD2 CE2  doub Y N 321 
TRP CD2 CE3  sing Y N 322 
TRP NE1 CE2  sing Y N 323 
TRP NE1 HE1  sing N N 324 
TRP CE2 CZ2  sing Y N 325 
TRP CE3 CZ3  doub Y N 326 
TRP CE3 HE3  sing N N 327 
TRP CZ2 CH2  doub Y N 328 
TRP CZ2 HZ2  sing N N 329 
TRP CZ3 CH2  sing Y N 330 
TRP CZ3 HZ3  sing N N 331 
TRP CH2 HH2  sing N N 332 
TRP OXT HXT  sing N N 333 
TYR N   CA   sing N N 334 
TYR N   H    sing N N 335 
TYR N   H2   sing N N 336 
TYR CA  C    sing N N 337 
TYR CA  CB   sing N N 338 
TYR CA  HA   sing N N 339 
TYR C   O    doub N N 340 
TYR C   OXT  sing N N 341 
TYR CB  CG   sing N N 342 
TYR CB  HB2  sing N N 343 
TYR CB  HB3  sing N N 344 
TYR CG  CD1  doub Y N 345 
TYR CG  CD2  sing Y N 346 
TYR CD1 CE1  sing Y N 347 
TYR CD1 HD1  sing N N 348 
TYR CD2 CE2  doub Y N 349 
TYR CD2 HD2  sing N N 350 
TYR CE1 CZ   doub Y N 351 
TYR CE1 HE1  sing N N 352 
TYR CE2 CZ   sing Y N 353 
TYR CE2 HE2  sing N N 354 
TYR CZ  OH   sing N N 355 
TYR OH  HH   sing N N 356 
TYR OXT HXT  sing N N 357 
VAL N   CA   sing N N 358 
VAL N   H    sing N N 359 
VAL N   H2   sing N N 360 
VAL CA  C    sing N N 361 
VAL CA  CB   sing N N 362 
VAL CA  HA   sing N N 363 
VAL C   O    doub N N 364 
VAL C   OXT  sing N N 365 
VAL CB  CG1  sing N N 366 
VAL CB  CG2  sing N N 367 
VAL CB  HB   sing N N 368 
VAL CG1 HG11 sing N N 369 
VAL CG1 HG12 sing N N 370 
VAL CG1 HG13 sing N N 371 
VAL CG2 HG21 sing N N 372 
VAL CG2 HG22 sing N N 373 
VAL CG2 HG23 sing N N 374 
VAL OXT HXT  sing N N 375 
# 
_atom_sites.entry_id                    3RJZ 
_atom_sites.fract_transf_matrix[1][1]   -0.01114028 
_atom_sites.fract_transf_matrix[1][2]   -0.00244229 
_atom_sites.fract_transf_matrix[1][3]   -0.00286828 
_atom_sites.fract_transf_matrix[2][1]   -0.00360201 
_atom_sites.fract_transf_matrix[2][2]   0.00428318 
_atom_sites.fract_transf_matrix[2][3]   0.01034300 
_atom_sites.fract_transf_matrix[3][1]   -0.00125926 
_atom_sites.fract_transf_matrix[3][2]   0.01218535 
_atom_sites.fract_transf_matrix[3][3]   -0.00548467 
_atom_sites.fract_transf_vector[1]      0.762861 
_atom_sites.fract_transf_vector[2]      0.323034 
_atom_sites.fract_transf_vector[3]      0.454780 
# 
loop_
_atom_type.symbol 
C  
N  
O  
S  
SE 
# 
loop_
_atom_site.group_PDB 
_atom_site.id 
_atom_site.type_symbol 
_atom_site.label_atom_id 
_atom_site.label_alt_id 
_atom_site.label_comp_id 
_atom_site.label_asym_id 
_atom_site.label_entity_id 
_atom_site.label_seq_id 
_atom_site.pdbx_PDB_ins_code 
_atom_site.Cartn_x 
_atom_site.Cartn_y 
_atom_site.Cartn_z 
_atom_site.occupancy 
_atom_site.B_iso_or_equiv 
_atom_site.pdbx_formal_charge 
_atom_site.auth_seq_id 
_atom_site.auth_comp_id 
_atom_site.auth_asym_id 
_atom_site.auth_atom_id 
_atom_site.pdbx_PDB_model_num 
ATOM   1    N  N   . GLY A 1 3   ? -14.218 -18.495 -9.728  1.00 57.23 ? 3   GLY A N   1 
ATOM   2    C  CA  . GLY A 1 3   ? -13.914 -19.312 -10.936 1.00 57.97 ? 3   GLY A CA  1 
ATOM   3    C  C   . GLY A 1 3   ? -13.399 -18.476 -12.094 1.00 57.62 ? 3   GLY A C   1 
ATOM   4    O  O   . GLY A 1 3   ? -12.509 -18.905 -12.833 1.00 58.41 ? 3   GLY A O   1 
ATOM   5    N  N   . LEU A 1 4   ? -13.958 -17.280 -12.253 1.00 56.35 ? 4   LEU A N   1 
ATOM   6    C  CA  . LEU A 1 4   ? -13.551 -16.379 -13.331 1.00 55.42 ? 4   LEU A CA  1 
ATOM   7    C  C   . LEU A 1 4   ? -13.310 -14.977 -12.768 1.00 52.55 ? 4   LEU A C   1 
ATOM   8    O  O   . LEU A 1 4   ? -13.017 -14.034 -13.506 1.00 53.07 ? 4   LEU A O   1 
ATOM   9    C  CB  . LEU A 1 4   ? -14.640 -16.323 -14.413 1.00 58.03 ? 4   LEU A CB  1 
ATOM   10   C  CG  . LEU A 1 4   ? -14.220 -15.834 -15.805 1.00 59.57 ? 4   LEU A CG  1 
ATOM   11   C  CD1 . LEU A 1 4   ? -13.273 -16.862 -16.421 1.00 60.81 ? 4   LEU A CD1 1 
ATOM   12   C  CD2 . LEU A 1 4   ? -15.446 -15.648 -16.699 1.00 59.60 ? 4   LEU A CD2 1 
ATOM   13   N  N   . ALA A 1 5   ? -13.444 -14.854 -11.452 1.00 48.14 ? 5   ALA A N   1 
ATOM   14   C  CA  . ALA A 1 5   ? -13.241 -13.589 -10.757 1.00 42.38 ? 5   ALA A CA  1 
ATOM   15   C  C   . ALA A 1 5   ? -12.011 -13.737 -9.862  1.00 37.73 ? 5   ALA A C   1 
ATOM   16   O  O   . ALA A 1 5   ? -11.765 -12.926 -8.976  1.00 35.01 ? 5   ALA A O   1 
ATOM   17   C  CB  . ALA A 1 5   ? -14.473 -13.256 -9.913  1.00 40.06 ? 5   ALA A CB  1 
ATOM   18   N  N   . ASP A 1 6   ? -11.251 -14.793 -10.109 1.00 34.50 ? 6   ASP A N   1 
ATOM   19   C  CA  . ASP A 1 6   ? -10.050 -15.087 -9.342  1.00 32.18 ? 6   ASP A CA  1 
ATOM   20   C  C   . ASP A 1 6   ? -8.941  -14.103 -9.672  1.00 29.02 ? 6   ASP A C   1 
ATOM   21   O  O   . ASP A 1 6   ? -8.577  -13.932 -10.836 1.00 28.32 ? 6   ASP A O   1 
ATOM   22   C  CB  . ASP A 1 6   ? -9.595  -16.505 -9.648  1.00 33.41 ? 6   ASP A CB  1 
ATOM   23   C  CG  . ASP A 1 6   ? -10.699 -17.508 -9.451  1.00 35.44 ? 6   ASP A CG  1 
ATOM   24   O  OD1 . ASP A 1 6   ? -10.750 -18.496 -10.218 1.00 35.31 ? 6   ASP A OD1 1 
ATOM   25   O  OD2 . ASP A 1 6   ? -11.517 -17.306 -8.523  1.00 36.77 ? 6   ASP A OD2 1 
ATOM   26   N  N   . VAL A 1 7   ? -8.403  -13.457 -8.642  1.00 25.78 ? 7   VAL A N   1 
ATOM   27   C  CA  . VAL A 1 7   ? -7.343  -12.485 -8.847  1.00 23.75 ? 7   VAL A CA  1 
ATOM   28   C  C   . VAL A 1 7   ? -6.317  -12.443 -7.729  1.00 22.45 ? 7   VAL A C   1 
ATOM   29   O  O   . VAL A 1 7   ? -6.548  -12.918 -6.617  1.00 23.20 ? 7   VAL A O   1 
ATOM   30   C  CB  . VAL A 1 7   ? -7.892  -11.042 -8.962  1.00 23.24 ? 7   VAL A CB  1 
ATOM   31   C  CG1 . VAL A 1 7   ? -8.854  -10.915 -10.135 1.00 19.63 ? 7   VAL A CG1 1 
ATOM   32   C  CG2 . VAL A 1 7   ? -8.556  -10.650 -7.643  1.00 19.69 ? 7   VAL A CG2 1 
ATOM   33   N  N   . ALA A 1 8   ? -5.184  -11.829 -8.041  1.00 19.59 ? 8   ALA A N   1 
ATOM   34   C  CA  . ALA A 1 8   ? -4.118  -11.642 -7.071  1.00 19.59 ? 8   ALA A CA  1 
ATOM   35   C  C   . ALA A 1 8   ? -4.007  -10.139 -6.864  1.00 17.48 ? 8   ALA A C   1 
ATOM   36   O  O   . ALA A 1 8   ? -4.249  -9.366  -7.788  1.00 17.91 ? 8   ALA A O   1 
ATOM   37   C  CB  . ALA A 1 8   ? -2.819  -12.182 -7.607  1.00 19.97 ? 8   ALA A CB  1 
ATOM   38   N  N   . VAL A 1 9   ? -3.676  -9.706  -5.660  1.00 12.10 ? 9   VAL A N   1 
ATOM   39   C  CA  . VAL A 1 9   ? -3.519  -8.277  -5.461  1.00 11.10 ? 9   VAL A CA  1 
ATOM   40   C  C   . VAL A 1 9   ? -2.035  -7.930  -5.223  1.00 10.00 ? 9   VAL A C   1 
ATOM   41   O  O   . VAL A 1 9   ? -1.376  -8.568  -4.399  1.00 9.76  ? 9   VAL A O   1 
ATOM   42   C  CB  . VAL A 1 9   ? -4.381  -7.783  -4.277  1.00 9.28  ? 9   VAL A CB  1 
ATOM   43   C  CG1 . VAL A 1 9   ? -4.168  -6.322  -4.075  1.00 5.81  ? 9   VAL A CG1 1 
ATOM   44   C  CG2 . VAL A 1 9   ? -5.868  -8.075  -4.532  1.00 8.22  ? 9   VAL A CG2 1 
ATOM   45   N  N   . LEU A 1 10  ? -1.506  -6.967  -5.982  1.00 7.82  ? 10  LEU A N   1 
ATOM   46   C  CA  . LEU A 1 10  ? -0.125  -6.520  -5.800  1.00 10.77 ? 10  LEU A CA  1 
ATOM   47   C  C   . LEU A 1 10  ? -0.179  -5.723  -4.490  1.00 12.29 ? 10  LEU A C   1 
ATOM   48   O  O   . LEU A 1 10  ? -0.742  -4.623  -4.432  1.00 13.05 ? 10  LEU A O   1 
ATOM   49   C  CB  . LEU A 1 10  ? 0.351   -5.636  -6.967  1.00 12.31 ? 10  LEU A CB  1 
ATOM   50   C  CG  . LEU A 1 10  ? 0.502   -6.377  -8.316  1.00 19.13 ? 10  LEU A CG  1 
ATOM   51   C  CD1 . LEU A 1 10  ? 1.083   -5.463  -9.424  1.00 17.31 ? 10  LEU A CD1 1 
ATOM   52   C  CD2 . LEU A 1 10  ? 1.418   -7.567  -8.102  1.00 17.87 ? 10  LEU A CD2 1 
ATOM   53   N  N   . TYR A 1 11  ? 0.399   -6.313  -3.449  1.00 9.74  ? 11  TYR A N   1 
ATOM   54   C  CA  . TYR A 1 11  ? 0.372   -5.772  -2.100  1.00 10.92 ? 11  TYR A CA  1 
ATOM   55   C  C   . TYR A 1 11  ? 1.741   -5.339  -1.568  1.00 10.03 ? 11  TYR A C   1 
ATOM   56   O  O   . TYR A 1 11  ? 2.604   -6.175  -1.319  1.00 13.11 ? 11  TYR A O   1 
ATOM   57   C  CB  . TYR A 1 11  ? -0.243  -6.849  -1.186  1.00 9.64  ? 11  TYR A CB  1 
ATOM   58   C  CG  . TYR A 1 11  ? -0.763  -6.345  0.131   1.00 9.56  ? 11  TYR A CG  1 
ATOM   59   C  CD1 . TYR A 1 11  ? -1.918  -5.546  0.192   1.00 8.05  ? 11  TYR A CD1 1 
ATOM   60   C  CD2 . TYR A 1 11  ? -0.109  -6.647  1.315   1.00 6.96  ? 11  TYR A CD2 1 
ATOM   61   C  CE1 . TYR A 1 11  ? -2.395  -5.068  1.408   1.00 11.96 ? 11  TYR A CE1 1 
ATOM   62   C  CE2 . TYR A 1 11  ? -0.576  -6.172  2.529   1.00 11.11 ? 11  TYR A CE2 1 
ATOM   63   C  CZ  . TYR A 1 11  ? -1.710  -5.386  2.579   1.00 10.95 ? 11  TYR A CZ  1 
ATOM   64   O  OH  . TYR A 1 11  ? -2.141  -4.894  3.793   1.00 16.06 ? 11  TYR A OH  1 
ATOM   65   N  N   . SER A 1 12  ? 1.932   -4.033  -1.413  1.00 9.51  ? 12  SER A N   1 
ATOM   66   C  CA  . SER A 1 12  ? 3.180   -3.472  -0.900  1.00 11.39 ? 12  SER A CA  1 
ATOM   67   C  C   . SER A 1 12  ? 2.985   -3.034  0.562   1.00 12.31 ? 12  SER A C   1 
ATOM   68   O  O   . SER A 1 12  ? 3.931   -2.599  1.230   1.00 14.58 ? 12  SER A O   1 
ATOM   69   C  CB  . SER A 1 12  ? 3.601   -2.259  -1.734  1.00 11.10 ? 12  SER A CB  1 
ATOM   70   O  OG  . SER A 1 12  ? 2.847   -1.097  -1.380  1.00 15.49 ? 12  SER A OG  1 
ATOM   71   N  N   . GLY A 1 13  ? 1.750   -3.132  1.045   1.00 10.24 ? 13  GLY A N   1 
ATOM   72   C  CA  . GLY A 1 13  ? 1.457   -2.768  2.422   1.00 11.12 ? 13  GLY A CA  1 
ATOM   73   C  C   . GLY A 1 13  ? 1.048   -1.320  2.655   1.00 12.28 ? 13  GLY A C   1 
ATOM   74   O  O   . GLY A 1 13  ? 0.734   -0.939  3.780   1.00 15.74 ? 13  GLY A O   1 
ATOM   75   N  N   . GLY A 1 14  ? 1.051   -0.510  1.600   1.00 11.49 ? 14  GLY A N   1 
ATOM   76   C  CA  . GLY A 1 14  ? 0.671   0.886   1.739   1.00 11.28 ? 14  GLY A CA  1 
ATOM   77   C  C   . GLY A 1 14  ? -0.816  1.108   1.524   1.00 11.72 ? 14  GLY A C   1 
ATOM   78   O  O   . GLY A 1 14  ? -1.571  0.155   1.343   1.00 10.35 ? 14  GLY A O   1 
ATOM   79   N  N   . LYS A 1 15  ? -1.233  2.374   1.536   1.00 11.93 ? 15  LYS A N   1 
ATOM   80   C  CA  . LYS A 1 15  ? -2.637  2.731   1.363   1.00 10.98 ? 15  LYS A CA  1 
ATOM   81   C  C   . LYS A 1 15  ? -3.208  2.329   -0.001  1.00 13.03 ? 15  LYS A C   1 
ATOM   82   O  O   . LYS A 1 15  ? -4.377  1.940   -0.098  1.00 13.73 ? 15  LYS A O   1 
ATOM   83   C  CB  . LYS A 1 15  ? -2.819  4.239   1.566   1.00 12.99 ? 15  LYS A CB  1 
ATOM   84   C  CG  . LYS A 1 15  ? -2.019  5.121   0.591   1.00 12.89 ? 15  LYS A CG  1 
ATOM   85   C  CD  . LYS A 1 15  ? -2.262  6.606   0.844   1.00 11.28 ? 15  LYS A CD  1 
ATOM   86   C  CE  . LYS A 1 15  ? -1.333  7.530   0.024   1.00 15.21 ? 15  LYS A CE  1 
ATOM   87   N  NZ  . LYS A 1 15  ? -1.084  7.154   -1.395  1.00 12.30 ? 15  LYS A NZ  1 
ATOM   88   N  N   . ASP A 1 16  ? -2.383  2.411   -1.041  1.00 9.80  ? 16  ASP A N   1 
ATOM   89   C  CA  . ASP A 1 16  ? -2.816  2.077   -2.390  1.00 10.37 ? 16  ASP A CA  1 
ATOM   90   C  C   . ASP A 1 16  ? -3.006  0.561   -2.575  1.00 13.00 ? 16  ASP A C   1 
ATOM   91   O  O   . ASP A 1 16  ? -3.982  0.132   -3.204  1.00 12.68 ? 16  ASP A O   1 
ATOM   92   C  CB  . ASP A 1 16  ? -1.817  2.665   -3.385  1.00 8.31  ? 16  ASP A CB  1 
ATOM   93   C  CG  . ASP A 1 16  ? -1.632  4.170   -3.196  1.00 11.95 ? 16  ASP A CG  1 
ATOM   94   O  OD1 . ASP A 1 16  ? -0.488  4.662   -3.234  1.00 18.46 ? 16  ASP A OD1 1 
ATOM   95   O  OD2 . ASP A 1 16  ? -2.637  4.863   -2.984  1.00 14.73 ? 16  ASP A OD2 1 
ATOM   96   N  N   . SER A 1 17  ? -2.091  -0.232  -2.008  1.00 10.87 ? 17  SER A N   1 
ATOM   97   C  CA  . SER A 1 17  ? -2.193  -1.687  -2.073  1.00 12.58 ? 17  SER A CA  1 
ATOM   98   C  C   . SER A 1 17  ? -3.462  -2.103  -1.349  1.00 10.47 ? 17  SER A C   1 
ATOM   99   O  O   . SER A 1 17  ? -4.237  -2.920  -1.842  1.00 11.63 ? 17  SER A O   1 
ATOM   100  C  CB  . SER A 1 17  ? -0.986  -2.360  -1.399  1.00 11.99 ? 17  SER A CB  1 
ATOM   101  O  OG  . SER A 1 17  ? 0.193   -2.138  -2.143  1.00 19.00 ? 17  SER A OG  1 
ATOM   102  N  N   . ASN A 1 18  ? -3.673  -1.526  -0.173  1.00 9.19  ? 18  ASN A N   1 
ATOM   103  C  CA  . ASN A 1 18  ? -4.853  -1.860  0.615   1.00 10.10 ? 18  ASN A CA  1 
ATOM   104  C  C   . ASN A 1 18  ? -6.152  -1.358  -0.002  1.00 9.80  ? 18  ASN A C   1 
ATOM   105  O  O   . ASN A 1 18  ? -7.187  -2.012  0.124   1.00 10.05 ? 18  ASN A O   1 
ATOM   106  C  CB  . ASN A 1 18  ? -4.671  -1.378  2.048   1.00 8.17  ? 18  ASN A CB  1 
ATOM   107  C  CG  . ASN A 1 18  ? -3.783  -2.334  2.860   1.00 13.75 ? 18  ASN A CG  1 
ATOM   108  O  OD1 . ASN A 1 18  ? -4.271  -3.352  3.342   1.00 12.63 ? 18  ASN A OD1 1 
ATOM   109  N  ND2 . ASN A 1 18  ? -2.471  -2.025  2.980   1.00 7.74  ? 18  ASN A ND2 1 
ATOM   110  N  N   . TYR A 1 19  ? -6.102  -0.213  -0.669  1.00 8.59  ? 19  TYR A N   1 
ATOM   111  C  CA  . TYR A 1 19  ? -7.286  0.272   -1.329  1.00 10.26 ? 19  TYR A CA  1 
ATOM   112  C  C   . TYR A 1 19  ? -7.613  -0.697  -2.470  1.00 10.27 ? 19  TYR A C   1 
ATOM   113  O  O   . TYR A 1 19  ? -8.765  -1.099  -2.643  1.00 13.43 ? 19  TYR A O   1 
ATOM   114  C  CB  . TYR A 1 19  ? -7.072  1.682   -1.868  1.00 9.56  ? 19  TYR A CB  1 
ATOM   115  C  CG  . TYR A 1 19  ? -8.269  2.161   -2.629  1.00 13.89 ? 19  TYR A CG  1 
ATOM   116  C  CD1 . TYR A 1 19  ? -8.248  2.225   -4.026  1.00 16.08 ? 19  TYR A CD1 1 
ATOM   117  C  CD2 . TYR A 1 19  ? -9.457  2.474   -1.962  1.00 13.50 ? 19  TYR A CD2 1 
ATOM   118  C  CE1 . TYR A 1 19  ? -9.378  2.589   -4.742  1.00 18.20 ? 19  TYR A CE1 1 
ATOM   119  C  CE2 . TYR A 1 19  ? -10.593 2.831   -2.657  1.00 16.06 ? 19  TYR A CE2 1 
ATOM   120  C  CZ  . TYR A 1 19  ? -10.550 2.890   -4.050  1.00 18.95 ? 19  TYR A CZ  1 
ATOM   121  O  OH  . TYR A 1 19  ? -11.664 3.265   -4.741  1.00 21.67 ? 19  TYR A OH  1 
ATOM   122  N  N   . ALA A 1 20  ? -6.601  -1.077  -3.243  1.00 11.03 ? 20  ALA A N   1 
ATOM   123  C  CA  . ALA A 1 20  ? -6.806  -2.020  -4.346  1.00 12.88 ? 20  ALA A CA  1 
ATOM   124  C  C   . ALA A 1 20  ? -7.420  -3.323  -3.805  1.00 13.32 ? 20  ALA A C   1 
ATOM   125  O  O   . ALA A 1 20  ? -8.240  -3.954  -4.472  1.00 14.51 ? 20  ALA A O   1 
ATOM   126  C  CB  . ALA A 1 20  ? -5.469  -2.313  -5.066  1.00 12.71 ? 20  ALA A CB  1 
ATOM   127  N  N   . LEU A 1 21  ? -7.036  -3.719  -2.593  1.00 11.57 ? 21  LEU A N   1 
ATOM   128  C  CA  . LEU A 1 21  ? -7.591  -4.932  -1.993  1.00 12.37 ? 21  LEU A CA  1 
ATOM   129  C  C   . LEU A 1 21  ? -9.054  -4.724  -1.632  1.00 12.12 ? 21  LEU A C   1 
ATOM   130  O  O   . LEU A 1 21  ? -9.899  -5.570  -1.910  1.00 14.09 ? 21  LEU A O   1 
ATOM   131  C  CB  . LEU A 1 21  ? -6.813  -5.328  -0.727  1.00 12.66 ? 21  LEU A CB  1 
ATOM   132  C  CG  . LEU A 1 21  ? -7.334  -6.493  0.128   1.00 12.30 ? 21  LEU A CG  1 
ATOM   133  C  CD1 . LEU A 1 21  ? -7.611  -7.710  -0.726  1.00 13.20 ? 21  LEU A CD1 1 
ATOM   134  C  CD2 . LEU A 1 21  ? -6.316  -6.815  1.203   1.00 13.96 ? 21  LEU A CD2 1 
ATOM   135  N  N   . TYR A 1 22  ? -9.344  -3.596  -1.000  1.00 12.32 ? 22  TYR A N   1 
ATOM   136  C  CA  . TYR A 1 22  ? -10.707 -3.278  -0.602  1.00 13.28 ? 22  TYR A CA  1 
ATOM   137  C  C   . TYR A 1 22  ? -11.605 -3.204  -1.831  1.00 13.19 ? 22  TYR A C   1 
ATOM   138  O  O   . TYR A 1 22  ? -12.683 -3.787  -1.852  1.00 13.49 ? 22  TYR A O   1 
ATOM   139  C  CB  . TYR A 1 22  ? -10.748 -1.940  0.114   1.00 14.11 ? 22  TYR A CB  1 
ATOM   140  C  CG  . TYR A 1 22  ? -12.097 -1.636  0.699   1.00 17.11 ? 22  TYR A CG  1 
ATOM   141  C  CD1 . TYR A 1 22  ? -12.512 -2.248  1.879   1.00 20.59 ? 22  TYR A CD1 1 
ATOM   142  C  CD2 . TYR A 1 22  ? -12.966 -0.754  0.069   1.00 17.67 ? 22  TYR A CD2 1 
ATOM   143  C  CE1 . TYR A 1 22  ? -13.757 -1.990  2.422   1.00 23.97 ? 22  TYR A CE1 1 
ATOM   144  C  CE2 . TYR A 1 22  ? -14.217 -0.487  0.597   1.00 20.59 ? 22  TYR A CE2 1 
ATOM   145  C  CZ  . TYR A 1 22  ? -14.607 -1.106  1.774   1.00 22.98 ? 22  TYR A CZ  1 
ATOM   146  O  OH  . TYR A 1 22  ? -15.833 -0.832  2.323   1.00 27.24 ? 22  TYR A OH  1 
ATOM   147  N  N   . TRP A 1 23  ? -11.144 -2.482  -2.848  1.00 13.89 ? 23  TRP A N   1 
ATOM   148  C  CA  . TRP A 1 23  ? -11.888 -2.333  -4.088  1.00 15.28 ? 23  TRP A CA  1 
ATOM   149  C  C   . TRP A 1 23  ? -12.233 -3.694  -4.696  1.00 14.11 ? 23  TRP A C   1 
ATOM   150  O  O   . TRP A 1 23  ? -13.356 -3.923  -5.132  1.00 17.87 ? 23  TRP A O   1 
ATOM   151  C  CB  . TRP A 1 23  ? -11.075 -1.527  -5.099  1.00 13.70 ? 23  TRP A CB  1 
ATOM   152  C  CG  . TRP A 1 23  ? -11.726 -1.420  -6.433  1.00 17.12 ? 23  TRP A CG  1 
ATOM   153  C  CD1 . TRP A 1 23  ? -12.648 -0.483  -6.830  1.00 18.72 ? 23  TRP A CD1 1 
ATOM   154  C  CD2 . TRP A 1 23  ? -11.532 -2.284  -7.551  1.00 16.91 ? 23  TRP A CD2 1 
ATOM   155  N  NE1 . TRP A 1 23  ? -13.036 -0.715  -8.125  1.00 17.87 ? 23  TRP A NE1 1 
ATOM   156  C  CE2 . TRP A 1 23  ? -12.366 -1.814  -8.597  1.00 18.13 ? 23  TRP A CE2 1 
ATOM   157  C  CE3 . TRP A 1 23  ? -10.732 -3.413  -7.781  1.00 17.06 ? 23  TRP A CE3 1 
ATOM   158  C  CZ2 . TRP A 1 23  ? -12.423 -2.435  -9.856  1.00 17.47 ? 23  TRP A CZ2 1 
ATOM   159  C  CZ3 . TRP A 1 23  ? -10.791 -4.031  -9.036  1.00 16.15 ? 23  TRP A CZ3 1 
ATOM   160  C  CH2 . TRP A 1 23  ? -11.629 -3.540  -10.052 1.00 15.22 ? 23  TRP A CH2 1 
ATOM   161  N  N   . ALA A 1 24  ? -11.248 -4.583  -4.727  1.00 14.63 ? 24  ALA A N   1 
ATOM   162  C  CA  . ALA A 1 24  ? -11.409 -5.920  -5.284  1.00 15.74 ? 24  ALA A CA  1 
ATOM   163  C  C   . ALA A 1 24  ? -12.504 -6.710  -4.573  1.00 16.08 ? 24  ALA A C   1 
ATOM   164  O  O   . ALA A 1 24  ? -13.403 -7.266  -5.215  1.00 17.22 ? 24  ALA A O   1 
ATOM   165  C  CB  . ALA A 1 24  ? -10.086 -6.683  -5.210  1.00 15.06 ? 24  ALA A CB  1 
ATOM   166  N  N   . ILE A 1 25  ? -12.436 -6.749  -3.250  1.00 15.17 ? 25  ILE A N   1 
ATOM   167  C  CA  . ILE A 1 25  ? -13.426 -7.478  -2.486  1.00 17.75 ? 25  ILE A CA  1 
ATOM   168  C  C   . ILE A 1 25  ? -14.821 -6.886  -2.661  1.00 18.40 ? 25  ILE A C   1 
ATOM   169  O  O   . ILE A 1 25  ? -15.777 -7.621  -2.902  1.00 20.76 ? 25  ILE A O   1 
ATOM   170  C  CB  . ILE A 1 25  ? -13.065 -7.515  -0.984  1.00 17.49 ? 25  ILE A CB  1 
ATOM   171  C  CG1 . ILE A 1 25  ? -11.722 -8.229  -0.794  1.00 17.14 ? 25  ILE A CG1 1 
ATOM   172  C  CG2 . ILE A 1 25  ? -14.153 -8.272  -0.198  1.00 14.09 ? 25  ILE A CG2 1 
ATOM   173  C  CD1 . ILE A 1 25  ? -11.761 -9.705  -1.111  1.00 18.06 ? 25  ILE A CD1 1 
ATOM   174  N  N   . LYS A 1 26  ? -14.944 -5.568  -2.555  1.00 19.84 ? 26  LYS A N   1 
ATOM   175  C  CA  . LYS A 1 26  ? -16.250 -4.937  -2.707  1.00 22.82 ? 26  LYS A CA  1 
ATOM   176  C  C   . LYS A 1 26  ? -16.818 -5.052  -4.113  1.00 22.03 ? 26  LYS A C   1 
ATOM   177  O  O   . LYS A 1 26  ? -18.015 -4.861  -4.320  1.00 21.51 ? 26  LYS A O   1 
ATOM   178  C  CB  . LYS A 1 26  ? -16.195 -3.472  -2.284  1.00 24.66 ? 26  LYS A CB  1 
ATOM   179  C  CG  . LYS A 1 26  ? -16.016 -3.303  -0.794  1.00 31.52 ? 26  LYS A CG  1 
ATOM   180  C  CD  . LYS A 1 26  ? -17.138 -3.980  -0.017  1.00 36.26 ? 26  LYS A CD  1 
ATOM   181  C  CE  . LYS A 1 26  ? -16.937 -3.820  1.484   1.00 37.61 ? 26  LYS A CE  1 
ATOM   182  N  NZ  . LYS A 1 26  ? -18.132 -4.248  2.252   1.00 40.24 ? 26  LYS A NZ  1 
ATOM   183  N  N   . ASN A 1 27  ? -15.969 -5.365  -5.083  1.00 22.26 ? 27  ASN A N   1 
ATOM   184  C  CA  . ASN A 1 27  ? -16.449 -5.522  -6.448  1.00 22.10 ? 27  ASN A CA  1 
ATOM   185  C  C   . ASN A 1 27  ? -16.668 -7.007  -6.801  1.00 21.49 ? 27  ASN A C   1 
ATOM   186  O  O   . ASN A 1 27  ? -16.644 -7.388  -7.962  1.00 20.97 ? 27  ASN A O   1 
ATOM   187  C  CB  . ASN A 1 27  ? -15.486 -4.834  -7.422  1.00 21.28 ? 27  ASN A CB  1 
ATOM   188  C  CG  . ASN A 1 27  ? -15.755 -3.341  -7.544  1.00 22.24 ? 27  ASN A CG  1 
ATOM   189  O  OD1 . ASN A 1 27  ? -16.717 -2.928  -8.182  1.00 22.81 ? 27  ASN A OD1 1 
ATOM   190  N  ND2 . ASN A 1 27  ? -14.914 -2.528  -6.918  1.00 21.79 ? 27  ASN A ND2 1 
ATOM   191  N  N   . ARG A 1 28  ? -16.886 -7.834  -5.778  1.00 23.33 ? 28  ARG A N   1 
ATOM   192  C  CA  . ARG A 1 28  ? -17.159 -9.269  -5.958  1.00 25.57 ? 28  ARG A CA  1 
ATOM   193  C  C   . ARG A 1 28  ? -16.012 -10.073 -6.547  1.00 23.38 ? 28  ARG A C   1 
ATOM   194  O  O   . ARG A 1 28  ? -16.235 -11.147 -7.096  1.00 23.50 ? 28  ARG A O   1 
ATOM   195  C  CB  . ARG A 1 28  ? -18.385 -9.485  -6.860  1.00 29.60 ? 28  ARG A CB  1 
ATOM   196  C  CG  . ARG A 1 28  ? -19.670 -8.838  -6.394  1.00 35.46 ? 28  ARG A CG  1 
ATOM   197  C  CD  . ARG A 1 28  ? -20.256 -9.568  -5.213  1.00 40.39 ? 28  ARG A CD  1 
ATOM   198  N  NE  . ARG A 1 28  ? -21.388 -8.851  -4.637  1.00 45.30 ? 28  ARG A NE  1 
ATOM   199  C  CZ  . ARG A 1 28  ? -22.003 -9.228  -3.522  1.00 48.63 ? 28  ARG A CZ  1 
ATOM   200  N  NH1 . ARG A 1 28  ? -21.588 -10.312 -2.877  1.00 49.53 ? 28  ARG A NH1 1 
ATOM   201  N  NH2 . ARG A 1 28  ? -23.025 -8.524  -3.048  1.00 50.02 ? 28  ARG A NH2 1 
ATOM   202  N  N   . PHE A 1 29  ? -14.793 -9.564  -6.458  1.00 21.76 ? 29  PHE A N   1 
ATOM   203  C  CA  . PHE A 1 29  ? -13.671 -10.314 -6.987  1.00 19.28 ? 29  PHE A CA  1 
ATOM   204  C  C   . PHE A 1 29  ? -13.267 -11.339 -5.951  1.00 19.42 ? 29  PHE A C   1 
ATOM   205  O  O   . PHE A 1 29  ? -13.509 -11.159 -4.761  1.00 19.73 ? 29  PHE A O   1 
ATOM   206  C  CB  . PHE A 1 29  ? -12.496 -9.393  -7.297  1.00 20.55 ? 29  PHE A CB  1 
ATOM   207  C  CG  . PHE A 1 29  ? -12.574 -8.762  -8.648  1.00 20.42 ? 29  PHE A CG  1 
ATOM   208  C  CD1 . PHE A 1 29  ? -12.281 -9.505  -9.783  1.00 20.02 ? 29  PHE A CD1 1 
ATOM   209  C  CD2 . PHE A 1 29  ? -12.970 -7.434  -8.791  1.00 19.13 ? 29  PHE A CD2 1 
ATOM   210  C  CE1 . PHE A 1 29  ? -12.388 -8.944  -11.050 1.00 19.51 ? 29  PHE A CE1 1 
ATOM   211  C  CE2 . PHE A 1 29  ? -13.081 -6.859  -10.055 1.00 19.48 ? 29  PHE A CE2 1 
ATOM   212  C  CZ  . PHE A 1 29  ? -12.787 -7.614  -11.191 1.00 20.22 ? 29  PHE A CZ  1 
ATOM   213  N  N   . SER A 1 30  ? -12.676 -12.434 -6.399  1.00 18.29 ? 30  SER A N   1 
ATOM   214  C  CA  . SER A 1 30  ? -12.242 -13.455 -5.466  1.00 20.20 ? 30  SER A CA  1 
ATOM   215  C  C   . SER A 1 30  ? -10.727 -13.329 -5.340  1.00 19.41 ? 30  SER A C   1 
ATOM   216  O  O   . SER A 1 30  ? -9.988  -13.756 -6.235  1.00 18.58 ? 30  SER A O   1 
ATOM   217  C  CB  . SER A 1 30  ? -12.638 -14.841 -5.976  1.00 20.26 ? 30  SER A CB  1 
ATOM   218  O  OG  . SER A 1 30  ? -12.260 -15.835 -5.046  1.00 22.72 ? 30  SER A OG  1 
ATOM   219  N  N   . VAL A 1 31  ? -10.271 -12.717 -4.245  1.00 17.43 ? 31  VAL A N   1 
ATOM   220  C  CA  . VAL A 1 31  ? -8.838  -12.521 -4.023  1.00 19.10 ? 31  VAL A CA  1 
ATOM   221  C  C   . VAL A 1 31  ? -8.180  -13.803 -3.523  1.00 18.97 ? 31  VAL A C   1 
ATOM   222  O  O   . VAL A 1 31  ? -8.308  -14.165 -2.359  1.00 18.66 ? 31  VAL A O   1 
ATOM   223  C  CB  . VAL A 1 31  ? -8.546  -11.360 -3.014  1.00 18.54 ? 31  VAL A CB  1 
ATOM   224  C  CG1 . VAL A 1 31  ? -7.049  -11.228 -2.793  1.00 17.52 ? 31  VAL A CG1 1 
ATOM   225  C  CG2 . VAL A 1 31  ? -9.098  -10.033 -3.548  1.00 16.74 ? 31  VAL A CG2 1 
ATOM   226  N  N   . LYS A 1 32  ? -7.477  -14.486 -4.416  1.00 16.93 ? 32  LYS A N   1 
ATOM   227  C  CA  . LYS A 1 32  ? -6.807  -15.723 -4.055  1.00 17.91 ? 32  LYS A CA  1 
ATOM   228  C  C   . LYS A 1 32  ? -5.471  -15.465 -3.363  1.00 14.77 ? 32  LYS A C   1 
ATOM   229  O  O   . LYS A 1 32  ? -5.106  -16.188 -2.449  1.00 13.47 ? 32  LYS A O   1 
ATOM   230  C  CB  . LYS A 1 32  ? -6.601  -16.601 -5.302  1.00 20.56 ? 32  LYS A CB  1 
ATOM   231  C  CG  . LYS A 1 32  ? -7.911  -17.035 -5.971  1.00 23.31 ? 32  LYS A CG  1 
ATOM   232  C  CD  . LYS A 1 32  ? -8.834  -17.704 -4.958  1.00 26.69 ? 32  LYS A CD  1 
ATOM   233  C  CE  . LYS A 1 32  ? -10.219 -18.012 -5.521  1.00 30.71 ? 32  LYS A CE  1 
ATOM   234  N  NZ  . LYS A 1 32  ? -11.106 -18.564 -4.440  1.00 30.33 ? 32  LYS A NZ  1 
ATOM   235  N  N   . PHE A 1 33  ? -4.757  -14.423 -3.780  1.00 14.41 ? 33  PHE A N   1 
ATOM   236  C  CA  . PHE A 1 33  ? -3.456  -14.137 -3.196  1.00 15.37 ? 33  PHE A CA  1 
ATOM   237  C  C   . PHE A 1 33  ? -3.051  -12.665 -3.179  1.00 13.17 ? 33  PHE A C   1 
ATOM   238  O  O   . PHE A 1 33  ? -3.499  -11.864 -4.000  1.00 14.65 ? 33  PHE A O   1 
ATOM   239  C  CB  . PHE A 1 33  ? -2.338  -14.899 -3.940  1.00 14.63 ? 33  PHE A CB  1 
ATOM   240  C  CG  . PHE A 1 33  ? -2.523  -16.402 -3.993  1.00 16.61 ? 33  PHE A CG  1 
ATOM   241  C  CD1 . PHE A 1 33  ? -3.044  -17.018 -5.135  1.00 17.51 ? 33  PHE A CD1 1 
ATOM   242  C  CD2 . PHE A 1 33  ? -2.142  -17.204 -2.920  1.00 16.97 ? 33  PHE A CD2 1 
ATOM   243  C  CE1 . PHE A 1 33  ? -3.181  -18.407 -5.204  1.00 18.08 ? 33  PHE A CE1 1 
ATOM   244  C  CE2 . PHE A 1 33  ? -2.278  -18.599 -2.979  1.00 17.26 ? 33  PHE A CE2 1 
ATOM   245  C  CZ  . PHE A 1 33  ? -2.798  -19.200 -4.126  1.00 17.22 ? 33  PHE A CZ  1 
ATOM   246  N  N   . LEU A 1 34  ? -2.212  -12.315 -2.214  1.00 9.85  ? 34  LEU A N   1 
ATOM   247  C  CA  . LEU A 1 34  ? -1.656  -10.974 -2.144  1.00 9.72  ? 34  LEU A CA  1 
ATOM   248  C  C   . LEU A 1 34  ? -0.240  -11.294 -2.620  1.00 9.48  ? 34  LEU A C   1 
ATOM   249  O  O   . LEU A 1 34  ? 0.327   -12.327 -2.254  1.00 11.51 ? 34  LEU A O   1 
ATOM   250  C  CB  . LEU A 1 34  ? -1.634  -10.462 -0.708  1.00 7.19  ? 34  LEU A CB  1 
ATOM   251  C  CG  . LEU A 1 34  ? -2.984  -10.346 0.035   1.00 6.83  ? 34  LEU A CG  1 
ATOM   252  C  CD1 . LEU A 1 34  ? -2.686  -9.950  1.482   1.00 8.48  ? 34  LEU A CD1 1 
ATOM   253  C  CD2 . LEU A 1 34  ? -3.896  -9.326  -0.633  1.00 4.40  ? 34  LEU A CD2 1 
ATOM   254  N  N   . VAL A 1 35  ? 0.327   -10.447 -3.452  1.00 8.71  ? 35  VAL A N   1 
ATOM   255  C  CA  . VAL A 1 35  ? 1.659   -10.721 -3.965  1.00 10.07 ? 35  VAL A CA  1 
ATOM   256  C  C   . VAL A 1 35  ? 2.624   -9.580  -3.667  1.00 11.14 ? 35  VAL A C   1 
ATOM   257  O  O   . VAL A 1 35  ? 2.370   -8.430  -4.014  1.00 12.02 ? 35  VAL A O   1 
ATOM   258  C  CB  . VAL A 1 35  ? 1.599   -11.004 -5.493  1.00 9.22  ? 35  VAL A CB  1 
ATOM   259  C  CG1 . VAL A 1 35  ? 2.982   -11.284 -6.035  1.00 9.10  ? 35  VAL A CG1 1 
ATOM   260  C  CG2 . VAL A 1 35  ? 0.674   -12.219 -5.761  1.00 7.25  ? 35  VAL A CG2 1 
ATOM   261  N  N   . THR A 1 36  ? 3.721   -9.900  -2.991  1.00 11.49 ? 36  THR A N   1 
ATOM   262  C  CA  . THR A 1 36  ? 4.721   -8.902  -2.662  1.00 15.67 ? 36  THR A CA  1 
ATOM   263  C  C   . THR A 1 36  ? 6.058   -9.366  -3.220  1.00 17.01 ? 36  THR A C   1 
ATOM   264  O  O   . THR A 1 36  ? 6.408   -10.546 -3.116  1.00 18.12 ? 36  THR A O   1 
ATOM   265  C  CB  . THR A 1 36  ? 4.885   -8.719  -1.134  1.00 17.55 ? 36  THR A CB  1 
ATOM   266  O  OG1 . THR A 1 36  ? 3.599   -8.629  -0.512  1.00 22.19 ? 36  THR A OG1 1 
ATOM   267  C  CG2 . THR A 1 36  ? 5.665   -7.445  -0.836  1.00 17.87 ? 36  THR A CG2 1 
HETATM 268  N  N   . MSE A 1 37  ? 6.799   -8.449  -3.832  1.00 18.22 ? 37  MSE A N   1 
HETATM 269  C  CA  . MSE A 1 37  ? 8.120   -8.786  -4.361  1.00 19.50 ? 37  MSE A CA  1 
HETATM 270  C  C   . MSE A 1 37  ? 9.166   -8.153  -3.453  1.00 20.75 ? 37  MSE A C   1 
HETATM 271  O  O   . MSE A 1 37  ? 9.000   -7.022  -3.006  1.00 19.44 ? 37  MSE A O   1 
HETATM 272  C  CB  . MSE A 1 37  ? 8.295   -8.261  -5.788  1.00 18.47 ? 37  MSE A CB  1 
HETATM 273  C  CG  . MSE A 1 37  ? 7.342   -8.880  -6.796  1.00 24.76 ? 37  MSE A CG  1 
HETATM 274  SE SE  . MSE A 1 37  ? 7.530   -10.818 -6.924  1.00 38.46 ? 37  MSE A SE  1 
HETATM 275  C  CE  . MSE A 1 37  ? 9.051   -10.860 -8.104  1.00 30.81 ? 37  MSE A CE  1 
ATOM   276  N  N   . VAL A 1 38  ? 10.231  -8.898  -3.172  1.00 24.87 ? 38  VAL A N   1 
ATOM   277  C  CA  . VAL A 1 38  ? 11.319  -8.415  -2.326  1.00 28.40 ? 38  VAL A CA  1 
ATOM   278  C  C   . VAL A 1 38  ? 12.636  -8.484  -3.088  1.00 30.23 ? 38  VAL A C   1 
ATOM   279  O  O   . VAL A 1 38  ? 13.005  -9.538  -3.614  1.00 29.56 ? 38  VAL A O   1 
ATOM   280  C  CB  . VAL A 1 38  ? 11.474  -9.262  -1.033  1.00 29.69 ? 38  VAL A CB  1 
ATOM   281  C  CG1 . VAL A 1 38  ? 12.643  -8.741  -0.216  1.00 29.54 ? 38  VAL A CG1 1 
ATOM   282  C  CG2 . VAL A 1 38  ? 10.206  -9.205  -0.209  1.00 29.58 ? 38  VAL A CG2 1 
ATOM   283  N  N   . SER A 1 39  ? 13.343  -7.358  -3.137  1.00 32.99 ? 39  SER A N   1 
ATOM   284  C  CA  . SER A 1 39  ? 14.624  -7.276  -3.830  1.00 35.94 ? 39  SER A CA  1 
ATOM   285  C  C   . SER A 1 39  ? 15.804  -7.147  -2.866  1.00 36.00 ? 39  SER A C   1 
ATOM   286  O  O   . SER A 1 39  ? 15.651  -6.668  -1.746  1.00 34.58 ? 39  SER A O   1 
ATOM   287  C  CB  . SER A 1 39  ? 14.611  -6.098  -4.814  1.00 37.03 ? 39  SER A CB  1 
ATOM   288  O  OG  . SER A 1 39  ? 13.990  -4.964  -4.241  1.00 37.97 ? 39  SER A OG  1 
ATOM   289  N  N   . GLU A 1 40  ? 16.978  -7.580  -3.319  1.00 38.72 ? 40  GLU A N   1 
ATOM   290  C  CA  . GLU A 1 40  ? 18.206  -7.553  -2.527  1.00 41.04 ? 40  GLU A CA  1 
ATOM   291  C  C   . GLU A 1 40  ? 18.828  -6.159  -2.452  1.00 41.64 ? 40  GLU A C   1 
ATOM   292  O  O   . GLU A 1 40  ? 18.167  -5.182  -2.100  1.00 42.85 ? 40  GLU A O   1 
ATOM   293  C  CB  . GLU A 1 40  ? 19.214  -8.541  -3.129  1.00 42.51 ? 40  GLU A CB  1 
ATOM   294  C  CG  . GLU A 1 40  ? 18.658  -9.955  -3.293  1.00 45.33 ? 40  GLU A CG  1 
ATOM   295  C  CD  . GLU A 1 40  ? 19.453  -10.811 -4.266  1.00 47.22 ? 40  GLU A CD  1 
ATOM   296  O  OE1 . GLU A 1 40  ? 19.644  -10.382 -5.427  1.00 49.42 ? 40  GLU A OE1 1 
ATOM   297  O  OE2 . GLU A 1 40  ? 19.875  -11.924 -3.879  1.00 47.01 ? 40  GLU A OE2 1 
ATOM   298  N  N   . THR A 1 49  ? 13.946  -9.492  11.604  1.00 59.12 ? 49  THR A N   1 
ATOM   299  C  CA  . THR A 1 49  ? 13.186  -8.262  11.808  1.00 59.32 ? 49  THR A CA  1 
ATOM   300  C  C   . THR A 1 49  ? 11.800  -8.312  11.169  1.00 58.40 ? 49  THR A C   1 
ATOM   301  O  O   . THR A 1 49  ? 11.559  -9.091  10.245  1.00 59.28 ? 49  THR A O   1 
ATOM   302  C  CB  . THR A 1 49  ? 13.935  -7.042  11.231  1.00 60.07 ? 49  THR A CB  1 
ATOM   303  O  OG1 . THR A 1 49  ? 13.135  -5.867  11.408  1.00 61.19 ? 49  THR A OG1 1 
ATOM   304  C  CG2 . THR A 1 49  ? 14.213  -7.236  9.744   1.00 60.36 ? 49  THR A CG2 1 
ATOM   305  N  N   . ILE A 1 50  ? 10.889  -7.474  11.657  1.00 57.17 ? 50  ILE A N   1 
ATOM   306  C  CA  . ILE A 1 50  ? 9.531   -7.439  11.112  1.00 55.50 ? 50  ILE A CA  1 
ATOM   307  C  C   . ILE A 1 50  ? 9.380   -6.314  10.086  1.00 54.29 ? 50  ILE A C   1 
ATOM   308  O  O   . ILE A 1 50  ? 8.351   -6.209  9.417   1.00 54.34 ? 50  ILE A O   1 
ATOM   309  C  CB  . ILE A 1 50  ? 8.469   -7.244  12.228  1.00 54.33 ? 50  ILE A CB  1 
ATOM   310  C  CG1 . ILE A 1 50  ? 7.076   -7.579  11.684  1.00 54.08 ? 50  ILE A CG1 1 
ATOM   311  C  CG2 . ILE A 1 50  ? 8.505   -5.819  12.755  1.00 53.43 ? 50  ILE A CG2 1 
ATOM   312  C  CD1 . ILE A 1 50  ? 6.879   -9.053  11.350  1.00 52.24 ? 50  ILE A CD1 1 
ATOM   313  N  N   . ASN A 1 51  ? 10.411  -5.484  9.959   1.00 52.56 ? 51  ASN A N   1 
ATOM   314  C  CA  . ASN A 1 51  ? 10.380  -4.373  9.016   1.00 51.39 ? 51  ASN A CA  1 
ATOM   315  C  C   . ASN A 1 51  ? 10.375  -4.878  7.568   1.00 49.84 ? 51  ASN A C   1 
ATOM   316  O  O   . ASN A 1 51  ? 10.056  -4.130  6.642   1.00 50.71 ? 51  ASN A O   1 
ATOM   317  C  CB  . ASN A 1 51  ? 11.585  -3.453  9.256   1.00 51.54 ? 51  ASN A CB  1 
ATOM   318  C  CG  . ASN A 1 51  ? 11.483  -2.135  8.499   1.00 52.53 ? 51  ASN A CG  1 
ATOM   319  O  OD1 . ASN A 1 51  ? 10.518  -1.380  8.664   1.00 53.05 ? 51  ASN A OD1 1 
ATOM   320  N  ND2 . ASN A 1 51  ? 12.485  -1.847  7.675   1.00 51.10 ? 51  ASN A ND2 1 
ATOM   321  N  N   . ALA A 1 52  ? 10.715  -6.148  7.379   1.00 47.42 ? 52  ALA A N   1 
ATOM   322  C  CA  . ALA A 1 52  ? 10.751  -6.735  6.040   1.00 45.38 ? 52  ALA A CA  1 
ATOM   323  C  C   . ALA A 1 52  ? 9.555   -7.646  5.800   1.00 42.91 ? 52  ALA A C   1 
ATOM   324  O  O   . ALA A 1 52  ? 9.229   -7.988  4.661   1.00 44.07 ? 52  ALA A O   1 
ATOM   325  C  CB  . ALA A 1 52  ? 12.036  -7.524  5.855   1.00 45.73 ? 52  ALA A CB  1 
ATOM   326  N  N   . ASN A 1 53  ? 8.912   -8.037  6.892   1.00 39.08 ? 53  ASN A N   1 
ATOM   327  C  CA  . ASN A 1 53  ? 7.763   -8.919  6.835   1.00 35.51 ? 53  ASN A CA  1 
ATOM   328  C  C   . ASN A 1 53  ? 6.488   -8.176  7.243   1.00 31.77 ? 53  ASN A C   1 
ATOM   329  O  O   . ASN A 1 53  ? 5.569   -8.777  7.795   1.00 30.18 ? 53  ASN A O   1 
ATOM   330  C  CB  . ASN A 1 53  ? 7.995   -10.120 7.766   1.00 36.91 ? 53  ASN A CB  1 
ATOM   331  C  CG  . ASN A 1 53  ? 9.154   -11.000 7.322   1.00 37.44 ? 53  ASN A CG  1 
ATOM   332  O  OD1 . ASN A 1 53  ? 9.085   -11.653 6.283   1.00 40.92 ? 53  ASN A OD1 1 
ATOM   333  N  ND2 . ASN A 1 53  ? 10.224  -11.022 8.110   1.00 37.84 ? 53  ASN A ND2 1 
ATOM   334  N  N   . LEU A 1 54  ? 6.436   -6.874  6.972   1.00 28.06 ? 54  LEU A N   1 
ATOM   335  C  CA  . LEU A 1 54  ? 5.265   -6.082  7.328   1.00 25.05 ? 54  LEU A CA  1 
ATOM   336  C  C   . LEU A 1 54  ? 4.026   -6.590  6.605   1.00 22.25 ? 54  LEU A C   1 
ATOM   337  O  O   . LEU A 1 54  ? 2.969   -6.732  7.217   1.00 22.18 ? 54  LEU A O   1 
ATOM   338  C  CB  . LEU A 1 54  ? 5.494   -4.599  7.020   1.00 24.67 ? 54  LEU A CB  1 
ATOM   339  C  CG  . LEU A 1 54  ? 6.514   -3.885  7.924   1.00 26.04 ? 54  LEU A CG  1 
ATOM   340  C  CD1 . LEU A 1 54  ? 6.835   -2.483  7.378   1.00 24.30 ? 54  LEU A CD1 1 
ATOM   341  C  CD2 . LEU A 1 54  ? 5.961   -3.792  9.336   1.00 23.76 ? 54  LEU A CD2 1 
ATOM   342  N  N   . THR A 1 55  ? 4.142   -6.889  5.318   1.00 20.59 ? 55  THR A N   1 
ATOM   343  C  CA  . THR A 1 55  ? 2.983   -7.393  4.607   1.00 19.82 ? 55  THR A CA  1 
ATOM   344  C  C   . THR A 1 55  ? 2.570   -8.753  5.186   1.00 19.06 ? 55  THR A C   1 
ATOM   345  O  O   . THR A 1 55  ? 1.407   -9.139  5.094   1.00 20.25 ? 55  THR A O   1 
ATOM   346  C  CB  . THR A 1 55  ? 3.222   -7.486  3.058   1.00 20.38 ? 55  THR A CB  1 
ATOM   347  O  OG1 . THR A 1 55  ? 4.403   -8.248  2.769   1.00 21.84 ? 55  THR A OG1 1 
ATOM   348  C  CG2 . THR A 1 55  ? 3.333   -6.093  2.456   1.00 18.56 ? 55  THR A CG2 1 
ATOM   349  N  N   . ASP A 1 56  ? 3.505   -9.486  5.786   1.00 19.78 ? 56  ASP A N   1 
ATOM   350  C  CA  . ASP A 1 56  ? 3.143   -10.774 6.391   1.00 21.15 ? 56  ASP A CA  1 
ATOM   351  C  C   . ASP A 1 56  ? 2.220   -10.473 7.556   1.00 20.07 ? 56  ASP A C   1 
ATOM   352  O  O   . ASP A 1 56  ? 1.197   -11.117 7.743   1.00 20.21 ? 56  ASP A O   1 
ATOM   353  C  CB  . ASP A 1 56  ? 4.362   -11.531 6.946   1.00 24.36 ? 56  ASP A CB  1 
ATOM   354  C  CG  . ASP A 1 56  ? 5.210   -12.147 5.872   1.00 28.77 ? 56  ASP A CG  1 
ATOM   355  O  OD1 . ASP A 1 56  ? 5.875   -11.385 5.139   1.00 31.51 ? 56  ASP A OD1 1 
ATOM   356  O  OD2 . ASP A 1 56  ? 5.215   -13.396 5.755   1.00 32.00 ? 56  ASP A OD2 1 
ATOM   357  N  N   . LEU A 1 57  ? 2.601   -9.479  8.345   1.00 19.98 ? 57  LEU A N   1 
ATOM   358  C  CA  . LEU A 1 57  ? 1.812   -9.103  9.493   1.00 20.65 ? 57  LEU A CA  1 
ATOM   359  C  C   . LEU A 1 57  ? 0.411   -8.727  9.042   1.00 18.29 ? 57  LEU A C   1 
ATOM   360  O  O   . LEU A 1 57  ? -0.575  -9.091  9.678   1.00 21.18 ? 57  LEU A O   1 
ATOM   361  C  CB  . LEU A 1 57  ? 2.487   -7.946  10.218  1.00 21.63 ? 57  LEU A CB  1 
ATOM   362  C  CG  . LEU A 1 57  ? 2.182   -7.804  11.709  1.00 21.93 ? 57  LEU A CG  1 
ATOM   363  C  CD1 . LEU A 1 57  ? 2.656   -9.034  12.508  1.00 20.14 ? 57  LEU A CD1 1 
ATOM   364  C  CD2 . LEU A 1 57  ? 2.891   -6.561  12.176  1.00 20.90 ? 57  LEU A CD2 1 
ATOM   365  N  N   . GLN A 1 58  ? 0.320   -8.021  7.921   1.00 17.36 ? 58  GLN A N   1 
ATOM   366  C  CA  . GLN A 1 58  ? -0.976  -7.627  7.394   1.00 16.04 ? 58  GLN A CA  1 
ATOM   367  C  C   . GLN A 1 58  ? -1.717  -8.836  6.824   1.00 15.99 ? 58  GLN A C   1 
ATOM   368  O  O   . GLN A 1 58  ? -2.937  -8.954  6.972   1.00 16.14 ? 58  GLN A O   1 
ATOM   369  C  CB  . GLN A 1 58  ? -0.804  -6.566  6.310   1.00 14.54 ? 58  GLN A CB  1 
ATOM   370  C  CG  . GLN A 1 58  ? -0.263  -5.251  6.808   1.00 11.08 ? 58  GLN A CG  1 
ATOM   371  C  CD  . GLN A 1 58  ? 0.162   -4.364  5.661   1.00 11.63 ? 58  GLN A CD  1 
ATOM   372  O  OE1 . GLN A 1 58  ? 0.952   -4.784  4.823   1.00 16.31 ? 58  GLN A OE1 1 
ATOM   373  N  NE2 . GLN A 1 58  ? -0.350  -3.136  5.617   1.00 8.15  ? 58  GLN A NE2 1 
ATOM   374  N  N   . ALA A 1 59  ? -0.984  -9.727  6.159   1.00 15.00 ? 59  ALA A N   1 
ATOM   375  C  CA  . ALA A 1 59  ? -1.594  -10.921 5.591   1.00 16.63 ? 59  ALA A CA  1 
ATOM   376  C  C   . ALA A 1 59  ? -2.265  -11.740 6.699   1.00 17.44 ? 59  ALA A C   1 
ATOM   377  O  O   . ALA A 1 59  ? -3.345  -12.292 6.506   1.00 18.55 ? 59  ALA A O   1 
ATOM   378  C  CB  . ALA A 1 59  ? -0.537  -11.767 4.872   1.00 19.92 ? 59  ALA A CB  1 
ATOM   379  N  N   . ARG A 1 60  ? -1.619  -11.822 7.856   1.00 19.93 ? 60  ARG A N   1 
ATOM   380  C  CA  . ARG A 1 60  ? -2.189  -12.552 8.989   1.00 22.94 ? 60  ARG A CA  1 
ATOM   381  C  C   . ARG A 1 60  ? -3.479  -11.837 9.431   1.00 22.68 ? 60  ARG A C   1 
ATOM   382  O  O   . ARG A 1 60  ? -4.523  -12.468 9.631   1.00 23.76 ? 60  ARG A O   1 
ATOM   383  C  CB  . ARG A 1 60  ? -1.181  -12.613 10.158  1.00 25.13 ? 60  ARG A CB  1 
ATOM   384  C  CG  . ARG A 1 60  ? -0.035  -13.629 9.968   1.00 30.29 ? 60  ARG A CG  1 
ATOM   385  C  CD  . ARG A 1 60  ? 1.389   -13.009 9.936   1.00 34.84 ? 60  ARG A CD  1 
ATOM   386  N  NE  . ARG A 1 60  ? 1.996   -12.854 11.258  1.00 37.23 ? 60  ARG A NE  1 
ATOM   387  C  CZ  . ARG A 1 60  ? 3.215   -12.356 11.493  1.00 39.81 ? 60  ARG A CZ  1 
ATOM   388  N  NH1 . ARG A 1 60  ? 3.661   -12.259 12.742  1.00 38.98 ? 60  ARG A NH1 1 
ATOM   389  N  NH2 . ARG A 1 60  ? 3.998   -11.950 10.496  1.00 38.21 ? 60  ARG A NH2 1 
ATOM   390  N  N   . ALA A 1 61  ? -3.406  -10.516 9.565   1.00 21.00 ? 61  ALA A N   1 
ATOM   391  C  CA  . ALA A 1 61  ? -4.569  -9.741  9.966   1.00 20.19 ? 61  ALA A CA  1 
ATOM   392  C  C   . ALA A 1 61  ? -5.698  -9.925  8.962   1.00 20.22 ? 61  ALA A C   1 
ATOM   393  O  O   . ALA A 1 61  ? -6.872  -9.921  9.330   1.00 21.03 ? 61  ALA A O   1 
ATOM   394  C  CB  . ALA A 1 61  ? -4.208  -8.268  10.079  1.00 19.05 ? 61  ALA A CB  1 
ATOM   395  N  N   . LEU A 1 62  ? -5.343  -10.108 7.693   1.00 19.01 ? 62  LEU A N   1 
ATOM   396  C  CA  . LEU A 1 62  ? -6.357  -10.282 6.658   1.00 19.55 ? 62  LEU A CA  1 
ATOM   397  C  C   . LEU A 1 62  ? -6.869  -11.704 6.477   1.00 19.78 ? 62  LEU A C   1 
ATOM   398  O  O   . LEU A 1 62  ? -8.034  -11.914 6.138   1.00 19.50 ? 62  LEU A O   1 
ATOM   399  C  CB  . LEU A 1 62  ? -5.834  -9.791  5.312   1.00 16.58 ? 62  LEU A CB  1 
ATOM   400  C  CG  . LEU A 1 62  ? -5.695  -8.286  5.157   1.00 19.20 ? 62  LEU A CG  1 
ATOM   401  C  CD1 . LEU A 1 62  ? -4.898  -7.996  3.895   1.00 19.18 ? 62  LEU A CD1 1 
ATOM   402  C  CD2 . LEU A 1 62  ? -7.072  -7.643  5.115   1.00 16.60 ? 62  LEU A CD2 1 
ATOM   403  N  N   . GLY A 1 63  ? -6.000  -12.684 6.685   1.00 19.44 ? 63  GLY A N   1 
ATOM   404  C  CA  . GLY A 1 63  ? -6.423  -14.055 6.489   1.00 18.73 ? 63  GLY A CA  1 
ATOM   405  C  C   . GLY A 1 63  ? -6.245  -14.473 5.039   1.00 17.91 ? 63  GLY A C   1 
ATOM   406  O  O   . GLY A 1 63  ? -6.556  -15.607 4.670   1.00 21.96 ? 63  GLY A O   1 
ATOM   407  N  N   . ILE A 1 64  ? -5.743  -13.568 4.204   1.00 15.16 ? 64  ILE A N   1 
ATOM   408  C  CA  . ILE A 1 64  ? -5.528  -13.892 2.797   1.00 13.28 ? 64  ILE A CA  1 
ATOM   409  C  C   . ILE A 1 64  ? -4.100  -14.387 2.537   1.00 13.89 ? 64  ILE A C   1 
ATOM   410  O  O   . ILE A 1 64  ? -3.128  -13.747 2.953   1.00 14.83 ? 64  ILE A O   1 
ATOM   411  C  CB  . ILE A 1 64  ? -5.774  -12.671 1.898   1.00 12.65 ? 64  ILE A CB  1 
ATOM   412  C  CG1 . ILE A 1 64  ? -7.181  -12.102 2.155   1.00 14.22 ? 64  ILE A CG1 1 
ATOM   413  C  CG2 . ILE A 1 64  ? -5.611  -13.063 0.436   1.00 5.34  ? 64  ILE A CG2 1 
ATOM   414  C  CD1 . ILE A 1 64  ? -7.517  -10.892 1.273   1.00 14.40 ? 64  ILE A CD1 1 
ATOM   415  N  N   . PRO A 1 65  ? -3.959  -15.531 1.836   1.00 12.03 ? 65  PRO A N   1 
ATOM   416  C  CA  . PRO A 1 65  ? -2.644  -16.105 1.522   1.00 12.18 ? 65  PRO A CA  1 
ATOM   417  C  C   . PRO A 1 65  ? -1.718  -15.068 0.889   1.00 12.62 ? 65  PRO A C   1 
ATOM   418  O  O   . PRO A 1 65  ? -2.139  -14.292 0.034   1.00 14.80 ? 65  PRO A O   1 
ATOM   419  C  CB  . PRO A 1 65  ? -2.980  -17.244 0.556   1.00 11.10 ? 65  PRO A CB  1 
ATOM   420  C  CG  . PRO A 1 65  ? -4.333  -17.689 1.034   1.00 13.55 ? 65  PRO A CG  1 
ATOM   421  C  CD  . PRO A 1 65  ? -5.046  -16.372 1.292   1.00 11.46 ? 65  PRO A CD  1 
ATOM   422  N  N   . LEU A 1 66  ? -0.465  -15.060 1.321   1.00 11.89 ? 66  LEU A N   1 
ATOM   423  C  CA  . LEU A 1 66  ? 0.528   -14.121 0.808   1.00 11.77 ? 66  LEU A CA  1 
ATOM   424  C  C   . LEU A 1 66  ? 1.612   -14.869 0.054   1.00 9.76  ? 66  LEU A C   1 
ATOM   425  O  O   . LEU A 1 66  ? 2.195   -15.810 0.578   1.00 12.02 ? 66  LEU A O   1 
ATOM   426  C  CB  . LEU A 1 66  ? 1.185   -13.350 1.963   1.00 9.34  ? 66  LEU A CB  1 
ATOM   427  C  CG  . LEU A 1 66  ? 2.396   -12.473 1.606   1.00 11.42 ? 66  LEU A CG  1 
ATOM   428  C  CD1 . LEU A 1 66  ? 1.941   -11.277 0.776   1.00 11.04 ? 66  LEU A CD1 1 
ATOM   429  C  CD2 . LEU A 1 66  ? 3.118   -12.020 2.869   1.00 10.73 ? 66  LEU A CD2 1 
ATOM   430  N  N   . VAL A 1 67  ? 1.882   -14.454 -1.176  1.00 10.80 ? 67  VAL A N   1 
ATOM   431  C  CA  . VAL A 1 67  ? 2.926   -15.078 -1.967  1.00 11.10 ? 67  VAL A CA  1 
ATOM   432  C  C   . VAL A 1 67  ? 4.090   -14.098 -2.007  1.00 12.11 ? 67  VAL A C   1 
ATOM   433  O  O   . VAL A 1 67  ? 3.894   -12.920 -2.307  1.00 12.79 ? 67  VAL A O   1 
ATOM   434  C  CB  . VAL A 1 67  ? 2.503   -15.303 -3.432  1.00 11.85 ? 67  VAL A CB  1 
ATOM   435  C  CG1 . VAL A 1 67  ? 3.660   -15.957 -4.190  1.00 7.50  ? 67  VAL A CG1 1 
ATOM   436  C  CG2 . VAL A 1 67  ? 1.246   -16.159 -3.502  1.00 10.68 ? 67  VAL A CG2 1 
ATOM   437  N  N   . LYS A 1 68  ? 5.293   -14.561 -1.712  1.00 11.51 ? 68  LYS A N   1 
ATOM   438  C  CA  . LYS A 1 68  ? 6.434   -13.664 -1.776  1.00 16.32 ? 68  LYS A CA  1 
ATOM   439  C  C   . LYS A 1 68  ? 7.426   -14.110 -2.823  1.00 16.62 ? 68  LYS A C   1 
ATOM   440  O  O   . LYS A 1 68  ? 7.886   -15.246 -2.810  1.00 18.82 ? 68  LYS A O   1 
ATOM   441  C  CB  . LYS A 1 68  ? 7.121   -13.543 -0.417  1.00 17.10 ? 68  LYS A CB  1 
ATOM   442  C  CG  . LYS A 1 68  ? 6.273   -12.772 0.574   1.00 27.45 ? 68  LYS A CG  1 
ATOM   443  C  CD  . LYS A 1 68  ? 6.836   -12.772 1.977   1.00 30.44 ? 68  LYS A CD  1 
ATOM   444  C  CE  . LYS A 1 68  ? 8.027   -11.853 2.097   1.00 34.50 ? 68  LYS A CE  1 
ATOM   445  N  NZ  . LYS A 1 68  ? 8.395   -11.645 3.539   1.00 35.37 ? 68  LYS A NZ  1 
ATOM   446  N  N   . GLY A 1 69  ? 7.719   -13.202 -3.746  1.00 17.89 ? 69  GLY A N   1 
ATOM   447  C  CA  . GLY A 1 69  ? 8.672   -13.475 -4.800  1.00 21.14 ? 69  GLY A CA  1 
ATOM   448  C  C   . GLY A 1 69  ? 9.975   -12.784 -4.445  1.00 23.09 ? 69  GLY A C   1 
ATOM   449  O  O   . GLY A 1 69  ? 10.002  -11.938 -3.547  1.00 25.01 ? 69  GLY A O   1 
ATOM   450  N  N   . PHE A 1 70  ? 11.049  -13.135 -5.141  1.00 24.20 ? 70  PHE A N   1 
ATOM   451  C  CA  . PHE A 1 70  ? 12.363  -12.546 -4.872  1.00 26.92 ? 70  PHE A CA  1 
ATOM   452  C  C   . PHE A 1 70  ? 13.088  -12.099 -6.136  1.00 28.88 ? 70  PHE A C   1 
ATOM   453  O  O   . PHE A 1 70  ? 13.082  -12.796 -7.151  1.00 31.72 ? 70  PHE A O   1 
ATOM   454  C  CB  . PHE A 1 70  ? 13.224  -13.546 -4.103  1.00 23.61 ? 70  PHE A CB  1 
ATOM   455  C  CG  . PHE A 1 70  ? 12.580  -14.040 -2.846  1.00 20.97 ? 70  PHE A CG  1 
ATOM   456  C  CD1 . PHE A 1 70  ? 12.002  -15.298 -2.799  1.00 18.85 ? 70  PHE A CD1 1 
ATOM   457  C  CD2 . PHE A 1 70  ? 12.509  -13.224 -1.719  1.00 20.50 ? 70  PHE A CD2 1 
ATOM   458  C  CE1 . PHE A 1 70  ? 11.362  -15.742 -1.651  1.00 17.22 ? 70  PHE A CE1 1 
ATOM   459  C  CE2 . PHE A 1 70  ? 11.870  -13.658 -0.565  1.00 16.02 ? 70  PHE A CE2 1 
ATOM   460  C  CZ  . PHE A 1 70  ? 11.293  -14.924 -0.531  1.00 18.00 ? 70  PHE A CZ  1 
ATOM   461  N  N   . THR A 1 71  ? 13.723  -10.936 -6.055  1.00 30.79 ? 71  THR A N   1 
ATOM   462  C  CA  . THR A 1 71  ? 14.431  -10.368 -7.193  1.00 33.30 ? 71  THR A CA  1 
ATOM   463  C  C   . THR A 1 71  ? 15.723  -9.658  -6.784  1.00 34.30 ? 71  THR A C   1 
ATOM   464  O  O   . THR A 1 71  ? 15.987  -9.461  -5.594  1.00 34.50 ? 71  THR A O   1 
ATOM   465  C  CB  . THR A 1 71  ? 13.516  -9.373  -7.938  1.00 33.76 ? 71  THR A CB  1 
ATOM   466  O  OG1 . THR A 1 71  ? 14.222  -8.806  -9.046  1.00 35.95 ? 71  THR A OG1 1 
ATOM   467  C  CG2 . THR A 1 71  ? 13.053  -8.269  -6.996  1.00 32.16 ? 71  THR A CG2 1 
ATOM   468  N  N   . GLU A 1 78  ? 13.551  -6.965  -12.313 1.00 51.26 ? 78  GLU A N   1 
ATOM   469  C  CA  . GLU A 1 78  ? 12.474  -7.027  -11.336 1.00 52.15 ? 78  GLU A CA  1 
ATOM   470  C  C   . GLU A 1 78  ? 11.136  -7.347  -11.985 1.00 49.77 ? 78  GLU A C   1 
ATOM   471  O  O   . GLU A 1 78  ? 10.234  -7.888  -11.346 1.00 49.41 ? 78  GLU A O   1 
ATOM   472  C  CB  . GLU A 1 78  ? 12.363  -5.700  -10.572 1.00 54.17 ? 78  GLU A CB  1 
ATOM   473  C  CG  . GLU A 1 78  ? 13.476  -5.465  -9.562  1.00 58.61 ? 78  GLU A CG  1 
ATOM   474  C  CD  . GLU A 1 78  ? 13.265  -4.214  -8.707  1.00 60.96 ? 78  GLU A CD  1 
ATOM   475  O  OE1 . GLU A 1 78  ? 13.286  -3.092  -9.263  1.00 61.93 ? 78  GLU A OE1 1 
ATOM   476  O  OE2 . GLU A 1 78  ? 13.071  -4.359  -7.478  1.00 61.06 ? 78  GLU A OE2 1 
ATOM   477  N  N   . VAL A 1 79  ? 11.016  -7.023  -13.265 1.00 48.02 ? 79  VAL A N   1 
ATOM   478  C  CA  . VAL A 1 79  ? 9.780   -7.275  -13.993 1.00 45.64 ? 79  VAL A CA  1 
ATOM   479  C  C   . VAL A 1 79  ? 9.601   -8.749  -14.359 1.00 43.81 ? 79  VAL A C   1 
ATOM   480  O  O   . VAL A 1 79  ? 8.507   -9.297  -14.224 1.00 43.71 ? 79  VAL A O   1 
ATOM   481  C  CB  . VAL A 1 79  ? 9.725   -6.425  -15.273 1.00 46.61 ? 79  VAL A CB  1 
ATOM   482  C  CG1 . VAL A 1 79  ? 8.394   -6.625  -15.980 1.00 44.52 ? 79  VAL A CG1 1 
ATOM   483  C  CG2 . VAL A 1 79  ? 9.932   -4.961  -14.917 1.00 46.87 ? 79  VAL A CG2 1 
ATOM   484  N  N   . GLU A 1 80  ? 10.670  -9.388  -14.822 1.00 42.71 ? 80  GLU A N   1 
ATOM   485  C  CA  . GLU A 1 80  ? 10.604  -10.798 -15.196 1.00 41.41 ? 80  GLU A CA  1 
ATOM   486  C  C   . GLU A 1 80  ? 10.252  -11.659 -13.994 1.00 38.51 ? 80  GLU A C   1 
ATOM   487  O  O   . GLU A 1 80  ? 9.418   -12.558 -14.085 1.00 36.99 ? 80  GLU A O   1 
ATOM   488  C  CB  . GLU A 1 80  ? 11.938  -11.258 -15.792 1.00 42.87 ? 80  GLU A CB  1 
ATOM   489  C  CG  . GLU A 1 80  ? 11.881  -11.513 -17.293 1.00 44.97 ? 80  GLU A CG  1 
ATOM   490  C  CD  . GLU A 1 80  ? 10.901  -12.614 -17.661 1.00 46.38 ? 80  GLU A CD  1 
ATOM   491  O  OE1 . GLU A 1 80  ? 11.073  -13.748 -17.158 1.00 47.04 ? 80  GLU A OE1 1 
ATOM   492  O  OE2 . GLU A 1 80  ? 9.960   -12.346 -18.451 1.00 43.70 ? 80  GLU A OE2 1 
ATOM   493  N  N   . ASP A 1 81  ? 10.900  -11.368 -12.871 1.00 36.63 ? 81  ASP A N   1 
ATOM   494  C  CA  . ASP A 1 81  ? 10.675  -12.085 -11.619 1.00 35.47 ? 81  ASP A CA  1 
ATOM   495  C  C   . ASP A 1 81  ? 9.185   -12.081 -11.240 1.00 32.44 ? 81  ASP A C   1 
ATOM   496  O  O   . ASP A 1 81  ? 8.640   -13.116 -10.861 1.00 32.77 ? 81  ASP A O   1 
ATOM   497  C  CB  . ASP A 1 81  ? 11.486  -11.440 -10.486 1.00 37.67 ? 81  ASP A CB  1 
ATOM   498  C  CG  . ASP A 1 81  ? 12.944  -11.180 -10.867 1.00 40.85 ? 81  ASP A CG  1 
ATOM   499  O  OD1 . ASP A 1 81  ? 13.194  -10.359 -11.780 1.00 43.22 ? 81  ASP A OD1 1 
ATOM   500  O  OD2 . ASP A 1 81  ? 13.840  -11.790 -10.243 1.00 41.36 ? 81  ASP A OD2 1 
ATOM   501  N  N   . LEU A 1 82  ? 8.534   -10.917 -11.336 1.00 29.34 ? 82  LEU A N   1 
ATOM   502  C  CA  . LEU A 1 82  ? 7.109   -10.793 -11.002 1.00 27.97 ? 82  LEU A CA  1 
ATOM   503  C  C   . LEU A 1 82  ? 6.283   -11.675 -11.924 1.00 27.20 ? 82  LEU A C   1 
ATOM   504  O  O   . LEU A 1 82  ? 5.438   -12.453 -11.474 1.00 25.42 ? 82  LEU A O   1 
ATOM   505  C  CB  . LEU A 1 82  ? 6.614   -9.337  -11.134 1.00 26.36 ? 82  LEU A CB  1 
ATOM   506  C  CG  . LEU A 1 82  ? 5.092   -9.112  -10.988 1.00 25.67 ? 82  LEU A CG  1 
ATOM   507  C  CD1 . LEU A 1 82  ? 4.663   -9.505  -9.585  1.00 20.66 ? 82  LEU A CD1 1 
ATOM   508  C  CD2 . LEU A 1 82  ? 4.717   -7.653  -11.249 1.00 22.77 ? 82  LEU A CD2 1 
ATOM   509  N  N   . LYS A 1 83  ? 6.538   -11.540 -13.219 1.00 27.25 ? 83  LYS A N   1 
ATOM   510  C  CA  . LYS A 1 83  ? 5.839   -12.311 -14.230 1.00 28.55 ? 83  LYS A CA  1 
ATOM   511  C  C   . LYS A 1 83  ? 5.941   -13.802 -13.932 1.00 27.82 ? 83  LYS A C   1 
ATOM   512  O  O   . LYS A 1 83  ? 4.943   -14.532 -13.980 1.00 29.71 ? 83  LYS A O   1 
ATOM   513  C  CB  . LYS A 1 83  ? 6.435   -12.006 -15.606 1.00 31.73 ? 83  LYS A CB  1 
ATOM   514  C  CG  . LYS A 1 83  ? 5.755   -12.722 -16.744 1.00 34.16 ? 83  LYS A CG  1 
ATOM   515  C  CD  . LYS A 1 83  ? 6.325   -12.266 -18.073 1.00 38.57 ? 83  LYS A CD  1 
ATOM   516  C  CE  . LYS A 1 83  ? 5.768   -13.095 -19.219 1.00 40.39 ? 83  LYS A CE  1 
ATOM   517  N  NZ  . LYS A 1 83  ? 6.401   -12.710 -20.506 1.00 42.56 ? 83  LYS A NZ  1 
ATOM   518  N  N   . ARG A 1 84  ? 7.148   -14.252 -13.619 1.00 24.90 ? 84  ARG A N   1 
ATOM   519  C  CA  . ARG A 1 84  ? 7.361   -15.656 -13.312 1.00 25.38 ? 84  ARG A CA  1 
ATOM   520  C  C   . ARG A 1 84  ? 6.539   -16.114 -12.102 1.00 23.09 ? 84  ARG A C   1 
ATOM   521  O  O   . ARG A 1 84  ? 5.994   -17.213 -12.104 1.00 23.38 ? 84  ARG A O   1 
ATOM   522  C  CB  . ARG A 1 84  ? 8.849   -15.924 -13.064 1.00 28.19 ? 84  ARG A CB  1 
ATOM   523  C  CG  . ARG A 1 84  ? 9.751   -15.576 -14.249 1.00 32.95 ? 84  ARG A CG  1 
ATOM   524  C  CD  . ARG A 1 84  ? 10.912  -16.555 -14.378 1.00 35.08 ? 84  ARG A CD  1 
ATOM   525  N  NE  . ARG A 1 84  ? 11.544  -16.823 -13.086 1.00 37.83 ? 84  ARG A NE  1 
ATOM   526  C  CZ  . ARG A 1 84  ? 12.102  -15.890 -12.320 1.00 39.27 ? 84  ARG A CZ  1 
ATOM   527  N  NH1 . ARG A 1 84  ? 12.647  -16.222 -11.151 1.00 38.11 ? 84  ARG A NH1 1 
ATOM   528  N  NH2 . ARG A 1 84  ? 12.116  -14.625 -12.729 1.00 40.48 ? 84  ARG A NH2 1 
ATOM   529  N  N   . VAL A 1 85  ? 6.450   -15.275 -11.073 1.00 20.31 ? 85  VAL A N   1 
ATOM   530  C  CA  . VAL A 1 85  ? 5.679   -15.640 -9.893  1.00 18.59 ? 85  VAL A CA  1 
ATOM   531  C  C   . VAL A 1 85  ? 4.185   -15.709 -10.214 1.00 16.87 ? 85  VAL A C   1 
ATOM   532  O  O   . VAL A 1 85  ? 3.509   -16.676 -9.857  1.00 15.70 ? 85  VAL A O   1 
ATOM   533  C  CB  . VAL A 1 85  ? 5.878   -14.635 -8.724  1.00 17.21 ? 85  VAL A CB  1 
ATOM   534  C  CG1 . VAL A 1 85  ? 5.071   -15.079 -7.504  1.00 17.58 ? 85  VAL A CG1 1 
ATOM   535  C  CG2 . VAL A 1 85  ? 7.344   -14.535 -8.362  1.00 19.47 ? 85  VAL A CG2 1 
ATOM   536  N  N   . LEU A 1 86  ? 3.674   -14.685 -10.888 1.00 15.24 ? 86  LEU A N   1 
ATOM   537  C  CA  . LEU A 1 86  ? 2.258   -14.633 -11.236 1.00 16.39 ? 86  LEU A CA  1 
ATOM   538  C  C   . LEU A 1 86  ? 1.843   -15.815 -12.106 1.00 18.01 ? 86  LEU A C   1 
ATOM   539  O  O   . LEU A 1 86  ? 0.758   -16.373 -11.929 1.00 18.90 ? 86  LEU A O   1 
ATOM   540  C  CB  . LEU A 1 86  ? 1.928   -13.310 -11.954 1.00 14.76 ? 86  LEU A CB  1 
ATOM   541  C  CG  . LEU A 1 86  ? 1.992   -12.004 -11.151 1.00 13.67 ? 86  LEU A CG  1 
ATOM   542  C  CD1 . LEU A 1 86  ? 1.654   -10.821 -12.055 1.00 14.62 ? 86  LEU A CD1 1 
ATOM   543  C  CD2 . LEU A 1 86  ? 1.020   -12.059 -9.989  1.00 11.67 ? 86  LEU A CD2 1 
ATOM   544  N  N   . SER A 1 87  ? 2.723   -16.201 -13.032 1.00 20.15 ? 87  SER A N   1 
ATOM   545  C  CA  . SER A 1 87  ? 2.460   -17.307 -13.951 1.00 21.21 ? 87  SER A CA  1 
ATOM   546  C  C   . SER A 1 87  ? 2.185   -18.620 -13.237 1.00 21.14 ? 87  SER A C   1 
ATOM   547  O  O   . SER A 1 87  ? 1.602   -19.538 -13.814 1.00 22.86 ? 87  SER A O   1 
ATOM   548  C  CB  . SER A 1 87  ? 3.638   -17.490 -14.917 1.00 23.09 ? 87  SER A CB  1 
ATOM   549  O  OG  . SER A 1 87  ? 4.813   -17.900 -14.232 1.00 24.52 ? 87  SER A OG  1 
ATOM   550  N  N   . GLY A 1 88  ? 2.608   -18.717 -11.984 1.00 20.79 ? 88  GLY A N   1 
ATOM   551  C  CA  . GLY A 1 88  ? 2.375   -19.939 -11.235 1.00 17.57 ? 88  GLY A CA  1 
ATOM   552  C  C   . GLY A 1 88  ? 1.114   -19.886 -10.387 1.00 19.59 ? 88  GLY A C   1 
ATOM   553  O  O   . GLY A 1 88  ? 0.885   -20.777 -9.566  1.00 19.47 ? 88  GLY A O   1 
ATOM   554  N  N   . LEU A 1 89  ? 0.287   -18.857 -10.583 1.00 16.84 ? 89  LEU A N   1 
ATOM   555  C  CA  . LEU A 1 89  ? -0.948  -18.714 -9.808  1.00 16.22 ? 89  LEU A CA  1 
ATOM   556  C  C   . LEU A 1 89  ? -2.211  -18.887 -10.667 1.00 16.75 ? 89  LEU A C   1 
ATOM   557  O  O   . LEU A 1 89  ? -2.282  -18.377 -11.781 1.00 17.41 ? 89  LEU A O   1 
ATOM   558  C  CB  . LEU A 1 89  ? -0.979  -17.334 -9.121  1.00 14.07 ? 89  LEU A CB  1 
ATOM   559  C  CG  . LEU A 1 89  ? 0.138   -16.920 -8.147  1.00 11.85 ? 89  LEU A CG  1 
ATOM   560  C  CD1 . LEU A 1 89  ? -0.182  -15.549 -7.548  1.00 13.15 ? 89  LEU A CD1 1 
ATOM   561  C  CD2 . LEU A 1 89  ? 0.283   -17.948 -7.035  1.00 10.46 ? 89  LEU A CD2 1 
ATOM   562  N  N   . LYS A 1 90  ? -3.216  -19.596 -10.164 1.00 18.13 ? 90  LYS A N   1 
ATOM   563  C  CA  . LYS A 1 90  ? -4.445  -19.761 -10.947 1.00 21.11 ? 90  LYS A CA  1 
ATOM   564  C  C   . LYS A 1 90  ? -5.364  -18.543 -10.819 1.00 18.09 ? 90  LYS A C   1 
ATOM   565  O  O   . LYS A 1 90  ? -6.317  -18.562 -10.053 1.00 16.79 ? 90  LYS A O   1 
ATOM   566  C  CB  . LYS A 1 90  ? -5.208  -21.004 -10.498 1.00 23.75 ? 90  LYS A CB  1 
ATOM   567  C  CG  . LYS A 1 90  ? -4.493  -22.307 -10.755 1.00 29.31 ? 90  LYS A CG  1 
ATOM   568  C  CD  . LYS A 1 90  ? -5.342  -23.461 -10.267 1.00 33.16 ? 90  LYS A CD  1 
ATOM   569  C  CE  . LYS A 1 90  ? -4.622  -24.769 -10.433 1.00 36.99 ? 90  LYS A CE  1 
ATOM   570  N  NZ  . LYS A 1 90  ? -5.409  -25.856 -9.801  1.00 39.60 ? 90  LYS A NZ  1 
ATOM   571  N  N   . ILE A 1 91  ? -5.072  -17.491 -11.577 1.00 18.73 ? 91  ILE A N   1 
ATOM   572  C  CA  . ILE A 1 91  ? -5.872  -16.271 -11.542 1.00 21.42 ? 91  ILE A CA  1 
ATOM   573  C  C   . ILE A 1 91  ? -6.212  -15.759 -12.946 1.00 23.34 ? 91  ILE A C   1 
ATOM   574  O  O   . ILE A 1 91  ? -5.500  -16.054 -13.906 1.00 21.87 ? 91  ILE A O   1 
ATOM   575  C  CB  . ILE A 1 91  ? -5.148  -15.130 -10.784 1.00 19.44 ? 91  ILE A CB  1 
ATOM   576  C  CG1 . ILE A 1 91  ? -3.784  -14.865 -11.432 1.00 19.08 ? 91  ILE A CG1 1 
ATOM   577  C  CG2 . ILE A 1 91  ? -5.009  -15.483 -9.308  1.00 19.92 ? 91  ILE A CG2 1 
ATOM   578  C  CD1 . ILE A 1 91  ? -3.008  -13.705 -10.818 1.00 19.45 ? 91  ILE A CD1 1 
ATOM   579  N  N   . GLN A 1 92  ? -7.293  -14.980 -13.049 1.00 25.62 ? 92  GLN A N   1 
ATOM   580  C  CA  . GLN A 1 92  ? -7.733  -14.411 -14.327 1.00 28.98 ? 92  GLN A CA  1 
ATOM   581  C  C   . GLN A 1 92  ? -7.235  -12.977 -14.488 1.00 28.03 ? 92  GLN A C   1 
ATOM   582  O  O   . GLN A 1 92  ? -7.208  -12.436 -15.592 1.00 30.13 ? 92  GLN A O   1 
ATOM   583  C  CB  . GLN A 1 92  ? -9.262  -14.427 -14.425 1.00 32.98 ? 92  GLN A CB  1 
ATOM   584  C  CG  . GLN A 1 92  ? -9.876  -15.805 -14.256 1.00 39.71 ? 92  GLN A CG  1 
ATOM   585  C  CD  . GLN A 1 92  ? -9.426  -16.770 -15.335 1.00 43.89 ? 92  GLN A CD  1 
ATOM   586  O  OE1 . GLN A 1 92  ? -9.790  -16.624 -16.505 1.00 48.57 ? 92  GLN A OE1 1 
ATOM   587  N  NE2 . GLN A 1 92  ? -8.615  -17.753 -14.951 1.00 44.90 ? 92  GLN A NE2 1 
ATOM   588  N  N   . GLY A 1 93  ? -6.860  -12.360 -13.374 1.00 27.08 ? 93  GLY A N   1 
ATOM   589  C  CA  . GLY A 1 93  ? -6.362  -10.996 -13.414 1.00 25.16 ? 93  GLY A CA  1 
ATOM   590  C  C   . GLY A 1 93  ? -5.609  -10.593 -12.156 1.00 24.26 ? 93  GLY A C   1 
ATOM   591  O  O   . GLY A 1 93  ? -5.483  -11.374 -11.206 1.00 24.14 ? 93  GLY A O   1 
ATOM   592  N  N   . ILE A 1 94  ? -5.085  -9.373  -12.158 1.00 23.49 ? 94  ILE A N   1 
ATOM   593  C  CA  . ILE A 1 94  ? -4.366  -8.842  -11.003 1.00 23.56 ? 94  ILE A CA  1 
ATOM   594  C  C   . ILE A 1 94  ? -4.812  -7.398  -10.766 1.00 23.12 ? 94  ILE A C   1 
ATOM   595  O  O   . ILE A 1 94  ? -5.121  -6.656  -11.712 1.00 22.62 ? 94  ILE A O   1 
ATOM   596  C  CB  . ILE A 1 94  ? -2.828  -8.839  -11.207 1.00 24.50 ? 94  ILE A CB  1 
ATOM   597  C  CG1 . ILE A 1 94  ? -2.452  -7.895  -12.345 1.00 23.26 ? 94  ILE A CG1 1 
ATOM   598  C  CG2 . ILE A 1 94  ? -2.332  -10.250 -11.472 1.00 25.14 ? 94  ILE A CG2 1 
ATOM   599  C  CD1 . ILE A 1 94  ? -0.962  -7.817  -12.586 1.00 28.68 ? 94  ILE A CD1 1 
ATOM   600  N  N   . VAL A 1 95  ? -4.829  -7.011  -9.497  1.00 21.39 ? 95  VAL A N   1 
ATOM   601  C  CA  . VAL A 1 95  ? -5.224  -5.674  -9.083  1.00 20.33 ? 95  VAL A CA  1 
ATOM   602  C  C   . VAL A 1 95  ? -3.991  -4.954  -8.556  1.00 21.97 ? 95  VAL A C   1 
ATOM   603  O  O   . VAL A 1 95  ? -3.352  -5.402  -7.602  1.00 21.51 ? 95  VAL A O   1 
ATOM   604  C  CB  . VAL A 1 95  ? -6.305  -5.733  -7.963  1.00 19.10 ? 95  VAL A CB  1 
ATOM   605  C  CG1 . VAL A 1 95  ? -6.822  -4.335  -7.644  1.00 16.15 ? 95  VAL A CG1 1 
ATOM   606  C  CG2 . VAL A 1 95  ? -7.452  -6.631  -8.395  1.00 19.40 ? 95  VAL A CG2 1 
ATOM   607  N  N   . ALA A 1 96  ? -3.662  -3.834  -9.179  1.00 22.95 ? 96  ALA A N   1 
ATOM   608  C  CA  . ALA A 1 96  ? -2.506  -3.058  -8.781  1.00 26.97 ? 96  ALA A CA  1 
ATOM   609  C  C   . ALA A 1 96  ? -2.946  -1.889  -7.910  1.00 30.60 ? 96  ALA A C   1 
ATOM   610  O  O   . ALA A 1 96  ? -4.077  -1.415  -8.020  1.00 31.37 ? 96  ALA A O   1 
ATOM   611  C  CB  . ALA A 1 96  ? -1.776  -2.550  -10.019 1.00 26.27 ? 96  ALA A CB  1 
ATOM   612  N  N   . GLY A 1 97  ? -2.044  -1.419  -7.055  1.00 33.61 ? 97  GLY A N   1 
ATOM   613  C  CA  . GLY A 1 97  ? -2.362  -0.303  -6.182  1.00 35.49 ? 97  GLY A CA  1 
ATOM   614  C  C   . GLY A 1 97  ? -2.485  1.031   -6.892  1.00 36.97 ? 97  GLY A C   1 
ATOM   615  O  O   . GLY A 1 97  ? -1.563  1.470   -7.577  1.00 38.57 ? 97  GLY A O   1 
ATOM   616  N  N   . SER A 1 101 ? 5.113   5.637   -10.035 1.00 65.92 ? 101 SER A N   1 
ATOM   617  C  CA  . SER A 1 101 ? 5.235   6.410   -11.269 1.00 65.76 ? 101 SER A CA  1 
ATOM   618  C  C   . SER A 1 101 ? 4.026   6.221   -12.186 1.00 65.10 ? 101 SER A C   1 
ATOM   619  O  O   . SER A 1 101 ? 3.109   5.460   -11.878 1.00 65.08 ? 101 SER A O   1 
ATOM   620  C  CB  . SER A 1 101 ? 6.509   6.013   -12.020 1.00 66.34 ? 101 SER A CB  1 
ATOM   621  O  OG  . SER A 1 101 ? 6.448   4.663   -12.447 1.00 66.87 ? 101 SER A OG  1 
ATOM   622  N  N   . LYS A 1 102 ? 4.037   6.914   -13.320 1.00 64.85 ? 102 LYS A N   1 
ATOM   623  C  CA  . LYS A 1 102 ? 2.939   6.835   -14.273 1.00 63.90 ? 102 LYS A CA  1 
ATOM   624  C  C   . LYS A 1 102 ? 3.163   5.799   -15.366 1.00 64.15 ? 102 LYS A C   1 
ATOM   625  O  O   . LYS A 1 102 ? 2.214   5.364   -16.022 1.00 64.17 ? 102 LYS A O   1 
ATOM   626  C  CB  . LYS A 1 102 ? 2.694   8.212   -14.900 1.00 63.88 ? 102 LYS A CB  1 
ATOM   627  C  CG  . LYS A 1 102 ? 1.897   9.188   -14.018 1.00 63.33 ? 102 LYS A CG  1 
ATOM   628  C  CD  . LYS A 1 102 ? 2.649   9.633   -12.764 1.00 62.34 ? 102 LYS A CD  1 
ATOM   629  C  CE  . LYS A 1 102 ? 3.723   10.664  -13.078 1.00 61.55 ? 102 LYS A CE  1 
ATOM   630  N  NZ  . LYS A 1 102 ? 4.746   10.146  -14.023 1.00 61.50 ? 102 LYS A NZ  1 
ATOM   631  N  N   . TYR A 1 103 ? 4.418   5.401   -15.552 1.00 64.48 ? 103 TYR A N   1 
ATOM   632  C  CA  . TYR A 1 103 ? 4.776   4.418   -16.573 1.00 64.53 ? 103 TYR A CA  1 
ATOM   633  C  C   . TYR A 1 103 ? 4.823   3.020   -15.956 1.00 63.17 ? 103 TYR A C   1 
ATOM   634  O  O   . TYR A 1 103 ? 4.833   2.011   -16.666 1.00 62.24 ? 103 TYR A O   1 
ATOM   635  C  CB  . TYR A 1 103 ? 6.137   4.783   -17.187 1.00 66.94 ? 103 TYR A CB  1 
ATOM   636  C  CG  . TYR A 1 103 ? 7.324   4.041   -16.603 1.00 68.91 ? 103 TYR A CG  1 
ATOM   637  C  CD1 . TYR A 1 103 ? 7.821   2.892   -17.223 1.00 69.95 ? 103 TYR A CD1 1 
ATOM   638  C  CD2 . TYR A 1 103 ? 7.937   4.469   -15.424 1.00 69.16 ? 103 TYR A CD2 1 
ATOM   639  C  CE1 . TYR A 1 103 ? 8.897   2.189   -16.689 1.00 69.29 ? 103 TYR A CE1 1 
ATOM   640  C  CE2 . TYR A 1 103 ? 9.018   3.769   -14.879 1.00 69.31 ? 103 TYR A CE2 1 
ATOM   641  C  CZ  . TYR A 1 103 ? 9.488   2.629   -15.519 1.00 69.64 ? 103 TYR A CZ  1 
ATOM   642  O  OH  . TYR A 1 103 ? 10.535  1.914   -14.980 1.00 69.92 ? 103 TYR A OH  1 
ATOM   643  N  N   . GLN A 1 104 ? 4.854   2.972   -14.629 1.00 61.54 ? 104 GLN A N   1 
ATOM   644  C  CA  . GLN A 1 104 ? 4.882   1.702   -13.911 1.00 59.94 ? 104 GLN A CA  1 
ATOM   645  C  C   . GLN A 1 104 ? 3.589   0.969   -14.253 1.00 57.49 ? 104 GLN A C   1 
ATOM   646  O  O   . GLN A 1 104 ? 3.527   -0.257  -14.238 1.00 56.81 ? 104 GLN A O   1 
ATOM   647  C  CB  . GLN A 1 104 ? 4.951   1.948   -12.402 1.00 61.48 ? 104 GLN A CB  1 
ATOM   648  C  CG  . GLN A 1 104 ? 5.573   0.813   -11.610 1.00 63.66 ? 104 GLN A CG  1 
ATOM   649  C  CD  . GLN A 1 104 ? 7.060   0.672   -11.889 1.00 65.43 ? 104 GLN A CD  1 
ATOM   650  O  OE1 . GLN A 1 104 ? 7.835   1.604   -11.660 1.00 66.60 ? 104 GLN A OE1 1 
ATOM   651  N  NE2 . GLN A 1 104 ? 7.467   -0.494  -12.383 1.00 66.06 ? 104 GLN A NE2 1 
ATOM   652  N  N   . ARG A 1 105 ? 2.559   1.746   -14.563 1.00 55.41 ? 105 ARG A N   1 
ATOM   653  C  CA  . ARG A 1 105 ? 1.250   1.221   -14.918 1.00 53.29 ? 105 ARG A CA  1 
ATOM   654  C  C   . ARG A 1 105 ? 1.343   0.322   -16.135 1.00 50.16 ? 105 ARG A C   1 
ATOM   655  O  O   . ARG A 1 105 ? 0.821   -0.796  -16.156 1.00 50.17 ? 105 ARG A O   1 
ATOM   656  C  CB  . ARG A 1 105 ? 0.304   2.377   -15.234 1.00 54.50 ? 105 ARG A CB  1 
ATOM   657  C  CG  . ARG A 1 105 ? -1.134  1.984   -15.485 1.00 56.25 ? 105 ARG A CG  1 
ATOM   658  C  CD  . ARG A 1 105 ? -1.924  3.209   -15.886 1.00 58.84 ? 105 ARG A CD  1 
ATOM   659  N  NE  . ARG A 1 105 ? -3.359  3.041   -15.694 1.00 61.94 ? 105 ARG A NE  1 
ATOM   660  C  CZ  . ARG A 1 105 ? -4.112  2.170   -16.357 1.00 63.76 ? 105 ARG A CZ  1 
ATOM   661  N  NH1 . ARG A 1 105 ? -5.413  2.093   -16.107 1.00 64.28 ? 105 ARG A NH1 1 
ATOM   662  N  NH2 . ARG A 1 105 ? -3.563  1.383   -17.275 1.00 65.30 ? 105 ARG A NH2 1 
ATOM   663  N  N   . LYS A 1 106 ? 2.007   0.834   -17.160 1.00 46.61 ? 106 LYS A N   1 
ATOM   664  C  CA  . LYS A 1 106 ? 2.166   0.111   -18.409 1.00 44.02 ? 106 LYS A CA  1 
ATOM   665  C  C   . LYS A 1 106 ? 3.085   -1.096  -18.239 1.00 43.14 ? 106 LYS A C   1 
ATOM   666  O  O   . LYS A 1 106 ? 2.948   -2.099  -18.939 1.00 44.22 ? 106 LYS A O   1 
ATOM   667  C  CB  . LYS A 1 106 ? 2.703   1.067   -19.475 1.00 42.61 ? 106 LYS A CB  1 
ATOM   668  C  CG  . LYS A 1 106 ? 1.951   0.957   -20.794 1.00 42.00 ? 106 LYS A CG  1 
ATOM   669  C  CD  . LYS A 1 106 ? 1.776   2.311   -21.480 1.00 41.60 ? 106 LYS A CD  1 
ATOM   670  C  CE  . LYS A 1 106 ? 0.907   3.254   -20.636 1.00 42.43 ? 106 LYS A CE  1 
ATOM   671  N  NZ  . LYS A 1 106 ? -0.463  2.687   -20.382 1.00 39.52 ? 106 LYS A NZ  1 
ATOM   672  N  N   . ARG A 1 107 ? 4.012   -0.991  -17.293 1.00 41.64 ? 107 ARG A N   1 
ATOM   673  C  CA  . ARG A 1 107 ? 4.947   -2.071  -17.013 1.00 41.90 ? 107 ARG A CA  1 
ATOM   674  C  C   . ARG A 1 107 ? 4.175   -3.256  -16.414 1.00 41.77 ? 107 ARG A C   1 
ATOM   675  O  O   . ARG A 1 107 ? 4.566   -4.417  -16.567 1.00 40.56 ? 107 ARG A O   1 
ATOM   676  C  CB  . ARG A 1 107 ? 5.998   -1.584  -16.026 1.00 43.22 ? 107 ARG A CB  1 
ATOM   677  C  CG  . ARG A 1 107 ? 7.299   -2.318  -16.091 1.00 42.54 ? 107 ARG A CG  1 
ATOM   678  C  CD  . ARG A 1 107 ? 7.983   -2.063  -17.409 1.00 44.72 ? 107 ARG A CD  1 
ATOM   679  N  NE  . ARG A 1 107 ? 9.413   -2.320  -17.281 1.00 47.78 ? 107 ARG A NE  1 
ATOM   680  C  CZ  . ARG A 1 107 ? 10.244  -1.576  -16.554 1.00 48.20 ? 107 ARG A CZ  1 
ATOM   681  N  NH1 . ARG A 1 107 ? 11.537  -1.899  -16.486 1.00 48.85 ? 107 ARG A NH1 1 
ATOM   682  N  NH2 . ARG A 1 107 ? 9.785   -0.500  -15.911 1.00 45.30 ? 107 ARG A NH2 1 
ATOM   683  N  N   . ILE A 1 108 ? 3.077   -2.946  -15.726 1.00 40.58 ? 108 ILE A N   1 
ATOM   684  C  CA  . ILE A 1 108 ? 2.233   -3.959  -15.106 1.00 41.63 ? 108 ILE A CA  1 
ATOM   685  C  C   . ILE A 1 108 ? 1.202   -4.448  -16.116 1.00 41.36 ? 108 ILE A C   1 
ATOM   686  O  O   . ILE A 1 108 ? 0.727   -5.582  -16.043 1.00 40.34 ? 108 ILE A O   1 
ATOM   687  C  CB  . ILE A 1 108 ? 1.523   -3.396  -13.844 1.00 41.53 ? 108 ILE A CB  1 
ATOM   688  C  CG1 . ILE A 1 108 ? 2.573   -3.054  -12.788 1.00 40.43 ? 108 ILE A CG1 1 
ATOM   689  C  CG2 . ILE A 1 108 ? 0.530   -4.409  -13.286 1.00 41.97 ? 108 ILE A CG2 1 
ATOM   690  C  CD1 . ILE A 1 108 ? 2.008   -2.479  -11.511 1.00 43.03 ? 108 ILE A CD1 1 
ATOM   691  N  N   . GLU A 1 109 ? 0.851   -3.582  -17.060 1.00 42.26 ? 109 GLU A N   1 
ATOM   692  C  CA  . GLU A 1 109 ? -0.097  -3.959  -18.103 1.00 43.40 ? 109 GLU A CA  1 
ATOM   693  C  C   . GLU A 1 109 ? 0.615   -4.866  -19.101 1.00 42.12 ? 109 GLU A C   1 
ATOM   694  O  O   . GLU A 1 109 ? -0.007  -5.716  -19.735 1.00 41.04 ? 109 GLU A O   1 
ATOM   695  C  CB  . GLU A 1 109 ? -0.624  -2.718  -18.814 1.00 44.92 ? 109 GLU A CB  1 
ATOM   696  C  CG  . GLU A 1 109 ? -1.607  -1.939  -17.979 1.00 47.54 ? 109 GLU A CG  1 
ATOM   697  C  CD  . GLU A 1 109 ? -2.120  -0.723  -18.699 1.00 50.10 ? 109 GLU A CD  1 
ATOM   698  O  OE1 . GLU A 1 109 ? -1.316  0.201   -18.947 1.00 51.20 ? 109 GLU A OE1 1 
ATOM   699  O  OE2 . GLU A 1 109 ? -3.324  -0.692  -19.023 1.00 52.54 ? 109 GLU A OE2 1 
ATOM   700  N  N   . LYS A 1 110 ? 1.928   -4.671  -19.212 1.00 41.63 ? 110 LYS A N   1 
ATOM   701  C  CA  . LYS A 1 110 ? 2.786   -5.448  -20.101 1.00 42.12 ? 110 LYS A CA  1 
ATOM   702  C  C   . LYS A 1 110 ? 2.824   -6.915  -19.649 1.00 41.65 ? 110 LYS A C   1 
ATOM   703  O  O   . LYS A 1 110 ? 2.605   -7.829  -20.449 1.00 40.85 ? 110 LYS A O   1 
ATOM   704  C  CB  . LYS A 1 110 ? 4.199   -4.859  -20.089 1.00 43.12 ? 110 LYS A CB  1 
ATOM   705  C  CG  . LYS A 1 110 ? 5.195   -5.544  -21.007 1.00 45.19 ? 110 LYS A CG  1 
ATOM   706  C  CD  . LYS A 1 110 ? 5.264   -4.863  -22.361 1.00 46.10 ? 110 LYS A CD  1 
ATOM   707  C  CE  . LYS A 1 110 ? 6.158   -5.637  -23.303 1.00 46.76 ? 110 LYS A CE  1 
ATOM   708  N  NZ  . LYS A 1 110 ? 7.508   -5.831  -22.704 1.00 47.37 ? 110 LYS A NZ  1 
ATOM   709  N  N   . VAL A 1 111 ? 3.103   -7.131  -18.363 1.00 40.53 ? 111 VAL A N   1 
ATOM   710  C  CA  . VAL A 1 111 ? 3.147   -8.480  -17.800 1.00 38.99 ? 111 VAL A CA  1 
ATOM   711  C  C   . VAL A 1 111 ? 1.750   -9.087  -17.754 1.00 37.36 ? 111 VAL A C   1 
ATOM   712  O  O   . VAL A 1 111 ? 1.579   -10.286 -17.956 1.00 38.17 ? 111 VAL A O   1 
ATOM   713  C  CB  . VAL A 1 111 ? 3.737   -8.500  -16.362 1.00 39.26 ? 111 VAL A CB  1 
ATOM   714  C  CG1 . VAL A 1 111 ? 5.209   -8.101  -16.390 1.00 38.18 ? 111 VAL A CG1 1 
ATOM   715  C  CG2 . VAL A 1 111 ? 2.952   -7.565  -15.465 1.00 40.04 ? 111 VAL A CG2 1 
ATOM   716  N  N   . ALA A 1 112 ? 0.747   -8.263  -17.491 1.00 35.87 ? 112 ALA A N   1 
ATOM   717  C  CA  . ALA A 1 112 ? -0.610  -8.776  -17.440 1.00 35.69 ? 112 ALA A CA  1 
ATOM   718  C  C   . ALA A 1 112 ? -1.028  -9.301  -18.815 1.00 35.38 ? 112 ALA A C   1 
ATOM   719  O  O   . ALA A 1 112 ? -1.668  -10.341 -18.917 1.00 35.07 ? 112 ALA A O   1 
ATOM   720  C  CB  . ALA A 1 112 ? -1.568  -7.689  -16.966 1.00 34.72 ? 112 ALA A CB  1 
ATOM   721  N  N   . LYS A 1 113 ? -0.661  -8.585  -19.872 1.00 36.01 ? 113 LYS A N   1 
ATOM   722  C  CA  . LYS A 1 113 ? -1.006  -8.993  -21.233 1.00 36.53 ? 113 LYS A CA  1 
ATOM   723  C  C   . LYS A 1 113 ? -0.203  -10.239 -21.620 1.00 34.49 ? 113 LYS A C   1 
ATOM   724  O  O   . LYS A 1 113 ? -0.763  -11.217 -22.100 1.00 31.71 ? 113 LYS A O   1 
ATOM   725  C  CB  . LYS A 1 113 ? -0.716  -7.837  -22.201 1.00 39.53 ? 113 LYS A CB  1 
ATOM   726  C  CG  . LYS A 1 113 ? -1.480  -7.864  -23.528 1.00 42.75 ? 113 LYS A CG  1 
ATOM   727  C  CD  . LYS A 1 113 ? -1.259  -6.555  -24.292 1.00 45.35 ? 113 LYS A CD  1 
ATOM   728  C  CE  . LYS A 1 113 ? -1.745  -5.346  -23.466 1.00 48.18 ? 113 LYS A CE  1 
ATOM   729  N  NZ  . LYS A 1 113 ? -1.320  -4.022  -24.010 1.00 46.59 ? 113 LYS A NZ  1 
ATOM   730  N  N   . GLU A 1 114 ? 1.108   -10.203 -21.392 1.00 34.16 ? 114 GLU A N   1 
ATOM   731  C  CA  . GLU A 1 114 ? 1.970   -11.338 -21.709 1.00 33.89 ? 114 GLU A CA  1 
ATOM   732  C  C   . GLU A 1 114 ? 1.550   -12.618 -21.000 1.00 34.32 ? 114 GLU A C   1 
ATOM   733  O  O   . GLU A 1 114 ? 1.755   -13.715 -21.518 1.00 34.43 ? 114 GLU A O   1 
ATOM   734  C  CB  . GLU A 1 114 ? 3.421   -11.009 -21.369 1.00 34.53 ? 114 GLU A CB  1 
ATOM   735  C  CG  . GLU A 1 114 ? 4.130   -10.255 -22.478 1.00 35.64 ? 114 GLU A CG  1 
ATOM   736  C  CD  . GLU A 1 114 ? 5.379   -9.530  -22.014 1.00 37.33 ? 114 GLU A CD  1 
ATOM   737  O  OE1 . GLU A 1 114 ? 6.106   -10.055 -21.137 1.00 37.11 ? 114 GLU A OE1 1 
ATOM   738  O  OE2 . GLU A 1 114 ? 5.646   -8.433  -22.548 1.00 37.54 ? 114 GLU A OE2 1 
ATOM   739  N  N   . LEU A 1 115 ? 0.960   -12.481 -19.816 1.00 34.02 ? 115 LEU A N   1 
ATOM   740  C  CA  . LEU A 1 115 ? 0.507   -13.642 -19.055 1.00 31.93 ? 115 LEU A CA  1 
ATOM   741  C  C   . LEU A 1 115 ? -0.955  -13.921 -19.338 1.00 30.47 ? 115 LEU A C   1 
ATOM   742  O  O   . LEU A 1 115 ? -1.541  -14.822 -18.753 1.00 31.81 ? 115 LEU A O   1 
ATOM   743  C  CB  . LEU A 1 115 ? 0.693   -13.402 -17.557 1.00 32.34 ? 115 LEU A CB  1 
ATOM   744  C  CG  . LEU A 1 115 ? 2.134   -13.415 -17.059 1.00 33.05 ? 115 LEU A CG  1 
ATOM   745  C  CD1 . LEU A 1 115 ? 2.209   -12.894 -15.631 1.00 31.09 ? 115 LEU A CD1 1 
ATOM   746  C  CD2 . LEU A 1 115 ? 2.672   -14.837 -17.161 1.00 32.13 ? 115 LEU A CD2 1 
ATOM   747  N  N   . GLY A 1 116 ? -1.542  -13.131 -20.230 1.00 30.87 ? 116 GLY A N   1 
ATOM   748  C  CA  . GLY A 1 116 ? -2.944  -13.309 -20.571 1.00 31.23 ? 116 GLY A CA  1 
ATOM   749  C  C   . GLY A 1 116 ? -3.881  -13.028 -19.413 1.00 31.26 ? 116 GLY A C   1 
ATOM   750  O  O   . GLY A 1 116 ? -4.891  -13.708 -19.250 1.00 32.47 ? 116 GLY A O   1 
ATOM   751  N  N   . LEU A 1 117 ? -3.556  -12.015 -18.616 1.00 30.23 ? 117 LEU A N   1 
ATOM   752  C  CA  . LEU A 1 117 ? -4.371  -11.659 -17.456 1.00 29.21 ? 117 LEU A CA  1 
ATOM   753  C  C   . LEU A 1 117 ? -4.957  -10.246 -17.544 1.00 29.50 ? 117 LEU A C   1 
ATOM   754  O  O   . LEU A 1 117 ? -4.369  -9.350  -18.154 1.00 29.65 ? 117 LEU A O   1 
ATOM   755  C  CB  . LEU A 1 117 ? -3.526  -11.758 -16.180 1.00 28.34 ? 117 LEU A CB  1 
ATOM   756  C  CG  . LEU A 1 117 ? -2.743  -13.050 -15.904 1.00 25.98 ? 117 LEU A CG  1 
ATOM   757  C  CD1 . LEU A 1 117 ? -1.723  -12.795 -14.800 1.00 24.33 ? 117 LEU A CD1 1 
ATOM   758  C  CD2 . LEU A 1 117 ? -3.693  -14.174 -15.536 1.00 24.52 ? 117 LEU A CD2 1 
ATOM   759  N  N   . GLU A 1 118 ? -6.123  -10.062 -16.927 1.00 29.50 ? 118 GLU A N   1 
ATOM   760  C  CA  . GLU A 1 118 ? -6.778  -8.758  -16.882 1.00 29.33 ? 118 GLU A CA  1 
ATOM   761  C  C   . GLU A 1 118 ? -5.973  -7.931  -15.872 1.00 27.53 ? 118 GLU A C   1 
ATOM   762  O  O   . GLU A 1 118 ? -5.333  -8.494  -14.981 1.00 26.20 ? 118 GLU A O   1 
ATOM   763  C  CB  . GLU A 1 118 ? -8.224  -8.891  -16.378 1.00 32.50 ? 118 GLU A CB  1 
ATOM   764  C  CG  . GLU A 1 118 ? -9.141  -9.767  -17.236 1.00 37.09 ? 118 GLU A CG  1 
ATOM   765  C  CD  . GLU A 1 118 ? -9.524  -9.109  -18.559 1.00 40.38 ? 118 GLU A CD  1 
ATOM   766  O  OE1 . GLU A 1 118 ? -9.491  -9.810  -19.596 1.00 41.34 ? 118 GLU A OE1 1 
ATOM   767  O  OE2 . GLU A 1 118 ? -9.865  -7.897  -18.559 1.00 41.30 ? 118 GLU A OE2 1 
ATOM   768  N  N   . VAL A 1 119 ? -5.998  -6.612  -16.018 1.00 26.21 ? 119 VAL A N   1 
ATOM   769  C  CA  . VAL A 1 119 ? -5.286  -5.729  -15.103 1.00 25.70 ? 119 VAL A CA  1 
ATOM   770  C  C   . VAL A 1 119 ? -6.201  -4.605  -14.616 1.00 26.30 ? 119 VAL A C   1 
ATOM   771  O  O   . VAL A 1 119 ? -6.779  -3.859  -15.411 1.00 27.71 ? 119 VAL A O   1 
ATOM   772  C  CB  . VAL A 1 119 ? -4.040  -5.090  -15.765 1.00 26.97 ? 119 VAL A CB  1 
ATOM   773  C  CG1 . VAL A 1 119 ? -4.449  -4.258  -16.976 1.00 27.74 ? 119 VAL A CG1 1 
ATOM   774  C  CG2 . VAL A 1 119 ? -3.321  -4.203  -14.752 1.00 26.30 ? 119 VAL A CG2 1 
ATOM   775  N  N   . TYR A 1 120 ? -6.328  -4.488  -13.302 1.00 24.48 ? 120 TYR A N   1 
ATOM   776  C  CA  . TYR A 1 120 ? -7.173  -3.469  -12.703 1.00 22.91 ? 120 TYR A CA  1 
ATOM   777  C  C   . TYR A 1 120 ? -6.332  -2.472  -11.909 1.00 21.62 ? 120 TYR A C   1 
ATOM   778  O  O   . TYR A 1 120 ? -5.461  -2.864  -11.127 1.00 20.37 ? 120 TYR A O   1 
ATOM   779  C  CB  . TYR A 1 120 ? -8.193  -4.137  -11.785 1.00 21.74 ? 120 TYR A CB  1 
ATOM   780  C  CG  . TYR A 1 120 ? -8.986  -5.235  -12.461 1.00 20.93 ? 120 TYR A CG  1 
ATOM   781  C  CD1 . TYR A 1 120 ? -10.132 -4.946  -13.194 1.00 20.81 ? 120 TYR A CD1 1 
ATOM   782  C  CD2 . TYR A 1 120 ? -8.582  -6.559  -12.370 1.00 17.47 ? 120 TYR A CD2 1 
ATOM   783  C  CE1 . TYR A 1 120 ? -10.862 -5.951  -13.820 1.00 20.80 ? 120 TYR A CE1 1 
ATOM   784  C  CE2 . TYR A 1 120 ? -9.293  -7.570  -12.986 1.00 21.08 ? 120 TYR A CE2 1 
ATOM   785  C  CZ  . TYR A 1 120 ? -10.433 -7.265  -13.710 1.00 21.01 ? 120 TYR A CZ  1 
ATOM   786  O  OH  . TYR A 1 120 ? -11.122 -8.281  -14.312 1.00 22.58 ? 120 TYR A OH  1 
ATOM   787  N  N   . THR A 1 121 ? -6.598  -1.190  -12.130 1.00 19.71 ? 121 THR A N   1 
ATOM   788  C  CA  . THR A 1 121 ? -5.899  -0.105  -11.454 1.00 23.17 ? 121 THR A CA  1 
ATOM   789  C  C   . THR A 1 121 ? -6.937  0.867   -10.892 1.00 26.31 ? 121 THR A C   1 
ATOM   790  O  O   . THR A 1 121 ? -7.057  2.017   -11.339 1.00 27.38 ? 121 THR A O   1 
ATOM   791  C  CB  . THR A 1 121 ? -4.975  0.667   -12.425 1.00 22.91 ? 121 THR A CB  1 
ATOM   792  O  OG1 . THR A 1 121 ? -5.705  1.021   -13.608 1.00 24.15 ? 121 THR A OG1 1 
ATOM   793  C  CG2 . THR A 1 121 ? -3.776  -0.160  -12.793 1.00 22.44 ? 121 THR A CG2 1 
ATOM   794  N  N   . PRO A 1 122 ? -7.704  0.413   -9.895  1.00 30.62 ? 122 PRO A N   1 
ATOM   795  C  CA  . PRO A 1 122 ? -8.740  1.242   -9.276  1.00 33.55 ? 122 PRO A CA  1 
ATOM   796  C  C   . PRO A 1 122 ? -8.211  2.567   -8.709  1.00 37.55 ? 122 PRO A C   1 
ATOM   797  O  O   . PRO A 1 122 ? -8.966  3.526   -8.568  1.00 36.71 ? 122 PRO A O   1 
ATOM   798  C  CB  . PRO A 1 122 ? -9.328  0.311   -8.215  1.00 32.13 ? 122 PRO A CB  1 
ATOM   799  C  CG  . PRO A 1 122 ? -8.161  -0.540  -7.837  1.00 31.69 ? 122 PRO A CG  1 
ATOM   800  C  CD  . PRO A 1 122 ? -7.531  -0.854  -9.163  1.00 29.79 ? 122 PRO A CD  1 
ATOM   801  N  N   . ALA A 1 123 ? -6.917  2.619   -8.403  1.00 42.48 ? 123 ALA A N   1 
ATOM   802  C  CA  . ALA A 1 123 ? -6.293  3.840   -7.878  1.00 48.03 ? 123 ALA A CA  1 
ATOM   803  C  C   . ALA A 1 123 ? -5.419  4.474   -8.962  1.00 50.95 ? 123 ALA A C   1 
ATOM   804  O  O   . ALA A 1 123 ? -4.208  4.243   -9.000  1.00 52.26 ? 123 ALA A O   1 
ATOM   805  C  CB  . ALA A 1 123 ? -5.446  3.527   -6.639  1.00 47.55 ? 123 ALA A CB  1 
ATOM   806  N  N   . TRP A 1 124 ? -6.032  5.262   -9.847  1.00 52.72 ? 124 TRP A N   1 
ATOM   807  C  CA  . TRP A 1 124 ? -5.277  5.910   -10.909 1.00 53.95 ? 124 TRP A CA  1 
ATOM   808  C  C   . TRP A 1 124 ? -5.674  7.365   -11.104 1.00 55.06 ? 124 TRP A C   1 
ATOM   809  O  O   . TRP A 1 124 ? -5.181  8.253   -10.403 1.00 57.83 ? 124 TRP A O   1 
ATOM   810  C  CB  . TRP A 1 124 ? -5.437  5.149   -12.230 1.00 53.81 ? 124 TRP A CB  1 
ATOM   811  C  CG  . TRP A 1 124 ? -4.531  5.653   -13.341 1.00 54.38 ? 124 TRP A CG  1 
ATOM   812  C  CD1 . TRP A 1 124 ? -4.903  5.978   -14.617 1.00 54.25 ? 124 TRP A CD1 1 
ATOM   813  C  CD2 . TRP A 1 124 ? -3.113  5.899   -13.265 1.00 54.09 ? 124 TRP A CD2 1 
ATOM   814  N  NE1 . TRP A 1 124 ? -3.812  6.409   -15.337 1.00 53.73 ? 124 TRP A NE1 1 
ATOM   815  C  CE2 . TRP A 1 124 ? -2.702  6.366   -14.535 1.00 53.89 ? 124 TRP A CE2 1 
ATOM   816  C  CE3 . TRP A 1 124 ? -2.153  5.761   -12.253 1.00 54.99 ? 124 TRP A CE3 1 
ATOM   817  C  CZ2 . TRP A 1 124 ? -1.374  6.710   -14.816 1.00 53.49 ? 124 TRP A CZ2 1 
ATOM   818  C  CZ3 . TRP A 1 124 ? -0.828  6.102   -12.533 1.00 55.17 ? 124 TRP A CZ3 1 
ATOM   819  C  CH2 . TRP A 1 124 ? -0.454  6.568   -13.809 1.00 54.10 ? 124 TRP A CH2 1 
ATOM   820  N  N   . GLY A 1 125 ? -6.568  7.616   -12.053 1.00 54.32 ? 125 GLY A N   1 
ATOM   821  C  CA  . GLY A 1 125 ? -6.983  8.982   -12.321 1.00 53.12 ? 125 GLY A CA  1 
ATOM   822  C  C   . GLY A 1 125 ? -7.817  9.637   -11.235 1.00 52.44 ? 125 GLY A C   1 
ATOM   823  O  O   . GLY A 1 125 ? -8.401  10.695  -11.466 1.00 52.95 ? 125 GLY A O   1 
ATOM   824  N  N   . ARG A 1 126 ? -7.881  9.020   -10.057 1.00 51.42 ? 126 ARG A N   1 
ATOM   825  C  CA  . ARG A 1 126 ? -8.661  9.577   -8.955  1.00 49.54 ? 126 ARG A CA  1 
ATOM   826  C  C   . ARG A 1 126 ? -8.035  10.852  -8.418  1.00 47.04 ? 126 ARG A C   1 
ATOM   827  O  O   . ARG A 1 126 ? -6.819  10.941  -8.250  1.00 46.90 ? 126 ARG A O   1 
ATOM   828  C  CB  . ARG A 1 126 ? -8.803  8.567   -7.812  1.00 50.97 ? 126 ARG A CB  1 
ATOM   829  C  CG  . ARG A 1 126 ? -9.762  7.426   -8.101  1.00 53.73 ? 126 ARG A CG  1 
ATOM   830  C  CD  . ARG A 1 126 ? -10.013 6.562   -6.862  1.00 56.73 ? 126 ARG A CD  1 
ATOM   831  N  NE  . ARG A 1 126 ? -10.506 7.340   -5.724  1.00 58.04 ? 126 ARG A NE  1 
ATOM   832  C  CZ  . ARG A 1 126 ? -11.626 8.054   -5.729  1.00 58.95 ? 126 ARG A CZ  1 
ATOM   833  N  NH1 . ARG A 1 126 ? -11.985 8.727   -4.645  1.00 58.91 ? 126 ARG A NH1 1 
ATOM   834  N  NH2 . ARG A 1 126 ? -12.387 8.095   -6.813  1.00 60.55 ? 126 ARG A NH2 1 
ATOM   835  N  N   . ASP A 1 127 ? -8.872  11.849  -8.158  1.00 43.74 ? 127 ASP A N   1 
ATOM   836  C  CA  . ASP A 1 127 ? -8.381  13.105  -7.628  1.00 39.00 ? 127 ASP A CA  1 
ATOM   837  C  C   . ASP A 1 127 ? -7.781  12.857  -6.249  1.00 36.88 ? 127 ASP A C   1 
ATOM   838  O  O   . ASP A 1 127 ? -8.421  12.271  -5.374  1.00 34.49 ? 127 ASP A O   1 
ATOM   839  C  CB  . ASP A 1 127 ? -9.512  14.122  -7.539  1.00 39.19 ? 127 ASP A CB  1 
ATOM   840  C  CG  . ASP A 1 127 ? -9.139  15.322  -6.703  1.00 40.42 ? 127 ASP A CG  1 
ATOM   841  O  OD1 . ASP A 1 127 ? -9.498  15.345  -5.507  1.00 39.43 ? 127 ASP A OD1 1 
ATOM   842  O  OD2 . ASP A 1 127 ? -8.472  16.233  -7.237  1.00 41.64 ? 127 ASP A OD2 1 
ATOM   843  N  N   . ALA A 1 128 ? -6.544  13.307  -6.074  1.00 35.06 ? 128 ALA A N   1 
ATOM   844  C  CA  . ALA A 1 128 ? -5.829  13.137  -4.819  1.00 35.12 ? 128 ALA A CA  1 
ATOM   845  C  C   . ALA A 1 128 ? -6.672  13.486  -3.590  1.00 35.33 ? 128 ALA A C   1 
ATOM   846  O  O   . ALA A 1 128 ? -6.957  12.620  -2.765  1.00 36.54 ? 128 ALA A O   1 
ATOM   847  C  CB  . ALA A 1 128 ? -4.552  13.960  -4.836  1.00 34.93 ? 128 ALA A CB  1 
ATOM   848  N  N   . LYS A 1 129 ? -7.082  14.739  -3.465  1.00 34.28 ? 129 LYS A N   1 
ATOM   849  C  CA  . LYS A 1 129 ? -7.877  15.147  -2.314  1.00 34.16 ? 129 LYS A CA  1 
ATOM   850  C  C   . LYS A 1 129 ? -9.048  14.205  -2.066  1.00 31.00 ? 129 LYS A C   1 
ATOM   851  O  O   . LYS A 1 129 ? -9.247  13.733  -0.947  1.00 30.38 ? 129 LYS A O   1 
ATOM   852  C  CB  . LYS A 1 129 ? -8.421  16.568  -2.501  1.00 36.63 ? 129 LYS A CB  1 
ATOM   853  C  CG  . LYS A 1 129 ? -7.372  17.633  -2.770  1.00 41.99 ? 129 LYS A CG  1 
ATOM   854  C  CD  . LYS A 1 129 ? -8.016  19.007  -2.953  1.00 45.63 ? 129 LYS A CD  1 
ATOM   855  C  CE  . LYS A 1 129 ? -6.973  20.075  -3.245  1.00 48.33 ? 129 LYS A CE  1 
ATOM   856  N  NZ  . LYS A 1 129 ? -7.574  21.434  -3.446  1.00 50.02 ? 129 LYS A NZ  1 
ATOM   857  N  N   . GLU A 1 130 ? -9.825  13.939  -3.110  1.00 28.73 ? 130 GLU A N   1 
ATOM   858  C  CA  . GLU A 1 130 ? -10.984 13.058  -2.999  1.00 28.13 ? 130 GLU A CA  1 
ATOM   859  C  C   . GLU A 1 130 ? -10.542 11.666  -2.574  1.00 23.71 ? 130 GLU A C   1 
ATOM   860  O  O   . GLU A 1 130 ? -11.103 11.080  -1.655  1.00 20.43 ? 130 GLU A O   1 
ATOM   861  C  CB  . GLU A 1 130 ? -11.711 12.957  -4.338  1.00 31.31 ? 130 GLU A CB  1 
ATOM   862  C  CG  . GLU A 1 130 ? -12.975 12.118  -4.269  1.00 38.09 ? 130 GLU A CG  1 
ATOM   863  C  CD  . GLU A 1 130 ? -13.488 11.721  -5.650  1.00 41.93 ? 130 GLU A CD  1 
ATOM   864  O  OE1 . GLU A 1 130 ? -13.043 10.663  -6.168  1.00 44.15 ? 130 GLU A OE1 1 
ATOM   865  O  OE2 . GLU A 1 130 ? -14.329 12.463  -6.213  1.00 40.76 ? 130 GLU A OE2 1 
ATOM   866  N  N   . TYR A 1 131 ? -9.532  11.143  -3.260  1.00 23.39 ? 131 TYR A N   1 
ATOM   867  C  CA  . TYR A 1 131 ? -9.019  9.820   -2.943  1.00 22.74 ? 131 TYR A CA  1 
ATOM   868  C  C   . TYR A 1 131 ? -8.693  9.721   -1.459  1.00 22.05 ? 131 TYR A C   1 
ATOM   869  O  O   . TYR A 1 131 ? -9.222  8.864   -0.769  1.00 20.12 ? 131 TYR A O   1 
ATOM   870  C  CB  . TYR A 1 131 ? -7.762  9.522   -3.752  1.00 22.82 ? 131 TYR A CB  1 
ATOM   871  C  CG  . TYR A 1 131 ? -7.144  8.168   -3.466  1.00 20.01 ? 131 TYR A CG  1 
ATOM   872  C  CD1 . TYR A 1 131 ? -5.772  8.049   -3.269  1.00 18.24 ? 131 TYR A CD1 1 
ATOM   873  C  CD2 . TYR A 1 131 ? -7.910  6.999   -3.485  1.00 20.70 ? 131 TYR A CD2 1 
ATOM   874  C  CE1 . TYR A 1 131 ? -5.163  6.807   -3.109  1.00 18.98 ? 131 TYR A CE1 1 
ATOM   875  C  CE2 . TYR A 1 131 ? -7.310  5.738   -3.328  1.00 19.60 ? 131 TYR A CE2 1 
ATOM   876  C  CZ  . TYR A 1 131 ? -5.928  5.653   -3.146  1.00 20.02 ? 131 TYR A CZ  1 
ATOM   877  O  OH  . TYR A 1 131 ? -5.301  4.422   -3.058  1.00 18.02 ? 131 TYR A OH  1 
HETATM 878  N  N   . MSE A 1 132 ? -7.829  10.605  -0.971  1.00 22.49 ? 132 MSE A N   1 
HETATM 879  C  CA  . MSE A 1 132 ? -7.451  10.583  0.436   1.00 25.80 ? 132 MSE A CA  1 
HETATM 880  C  C   . MSE A 1 132 ? -8.650  10.689  1.380   1.00 27.19 ? 132 MSE A C   1 
HETATM 881  O  O   . MSE A 1 132 ? -8.714  9.991   2.389   1.00 28.68 ? 132 MSE A O   1 
HETATM 882  C  CB  . MSE A 1 132 ? -6.451  11.697  0.733   1.00 25.54 ? 132 MSE A CB  1 
HETATM 883  C  CG  . MSE A 1 132 ? -5.118  11.507  0.035   1.00 29.89 ? 132 MSE A CG  1 
HETATM 884  SE SE  . MSE A 1 132 ? -4.160  9.939   0.689   1.00 33.42 ? 132 MSE A SE  1 
HETATM 885  C  CE  . MSE A 1 132 ? -3.279  10.760  2.178   1.00 30.43 ? 132 MSE A CE  1 
ATOM   886  N  N   . ARG A 1 133 ? -9.608  11.551  1.062   1.00 28.21 ? 133 ARG A N   1 
ATOM   887  C  CA  . ARG A 1 133 ? -10.778 11.684  1.916   1.00 27.66 ? 133 ARG A CA  1 
ATOM   888  C  C   . ARG A 1 133 ? -11.563 10.387  1.945   1.00 25.08 ? 133 ARG A C   1 
ATOM   889  O  O   . ARG A 1 133 ? -12.073 9.991   2.989   1.00 23.52 ? 133 ARG A O   1 
ATOM   890  C  CB  . ARG A 1 133 ? -11.673 12.818  1.430   1.00 30.33 ? 133 ARG A CB  1 
ATOM   891  C  CG  . ARG A 1 133 ? -11.123 14.187  1.714   1.00 36.00 ? 133 ARG A CG  1 
ATOM   892  C  CD  . ARG A 1 133 ? -12.173 15.227  1.420   1.00 40.38 ? 133 ARG A CD  1 
ATOM   893  N  NE  . ARG A 1 133 ? -11.740 16.562  1.809   1.00 46.53 ? 133 ARG A NE  1 
ATOM   894  C  CZ  . ARG A 1 133 ? -10.794 17.256  1.185   1.00 49.39 ? 133 ARG A CZ  1 
ATOM   895  N  NH1 . ARG A 1 133 ? -10.174 16.739  0.131   1.00 50.34 ? 133 ARG A NH1 1 
ATOM   896  N  NH2 . ARG A 1 133 ? -10.468 18.468  1.620   1.00 49.45 ? 133 ARG A NH2 1 
ATOM   897  N  N   . GLU A 1 134 ? -11.664 9.719   0.799   1.00 23.51 ? 134 GLU A N   1 
ATOM   898  C  CA  . GLU A 1 134 ? -12.390 8.449   0.737   1.00 22.61 ? 134 GLU A CA  1 
ATOM   899  C  C   . GLU A 1 134 ? -11.715 7.375   1.609   1.00 20.46 ? 134 GLU A C   1 
ATOM   900  O  O   . GLU A 1 134 ? -12.407 6.599   2.254   1.00 21.02 ? 134 GLU A O   1 
ATOM   901  C  CB  . GLU A 1 134 ? -12.508 7.958   -0.721  1.00 24.69 ? 134 GLU A CB  1 
ATOM   902  C  CG  . GLU A 1 134 ? -13.185 6.584   -0.894  1.00 27.57 ? 134 GLU A CG  1 
ATOM   903  C  CD  . GLU A 1 134 ? -13.069 6.025   -2.327  1.00 27.70 ? 134 GLU A CD  1 
ATOM   904  O  OE1 . GLU A 1 134 ? -13.629 4.949   -2.599  1.00 30.20 ? 134 GLU A OE1 1 
ATOM   905  O  OE2 . GLU A 1 134 ? -12.422 6.668   -3.171  1.00 30.06 ? 134 GLU A OE2 1 
ATOM   906  N  N   . LEU A 1 135 ? -10.380 7.338   1.643   1.00 18.68 ? 135 LEU A N   1 
ATOM   907  C  CA  . LEU A 1 135 ? -9.680  6.339   2.458   1.00 18.24 ? 135 LEU A CA  1 
ATOM   908  C  C   . LEU A 1 135 ? -9.979  6.574   3.952   1.00 19.32 ? 135 LEU A C   1 
ATOM   909  O  O   . LEU A 1 135 ? -10.111 5.629   4.736   1.00 19.20 ? 135 LEU A O   1 
ATOM   910  C  CB  . LEU A 1 135 ? -8.157  6.365   2.178   1.00 15.57 ? 135 LEU A CB  1 
ATOM   911  C  CG  . LEU A 1 135 ? -7.721  5.986   0.746   1.00 17.95 ? 135 LEU A CG  1 
ATOM   912  C  CD1 . LEU A 1 135 ? -6.186  5.957   0.576   1.00 15.71 ? 135 LEU A CD1 1 
ATOM   913  C  CD2 . LEU A 1 135 ? -8.281  4.622   0.421   1.00 17.16 ? 135 LEU A CD2 1 
ATOM   914  N  N   . LEU A 1 136 ? -10.112 7.841   4.339   1.00 20.54 ? 136 LEU A N   1 
ATOM   915  C  CA  . LEU A 1 136 ? -10.415 8.166   5.719   1.00 21.62 ? 136 LEU A CA  1 
ATOM   916  C  C   . LEU A 1 136 ? -11.849 7.751   6.086   1.00 22.50 ? 136 LEU A C   1 
ATOM   917  O  O   . LEU A 1 136 ? -12.069 7.158   7.138   1.00 25.38 ? 136 LEU A O   1 
ATOM   918  C  CB  . LEU A 1 136 ? -10.198 9.659   5.976   1.00 20.96 ? 136 LEU A CB  1 
ATOM   919  C  CG  . LEU A 1 136 ? -8.786  10.208  5.704   1.00 23.88 ? 136 LEU A CG  1 
ATOM   920  C  CD1 . LEU A 1 136 ? -8.658  11.568  6.376   1.00 23.59 ? 136 LEU A CD1 1 
ATOM   921  C  CD2 . LEU A 1 136 ? -7.699  9.272   6.245   1.00 25.56 ? 136 LEU A CD2 1 
ATOM   922  N  N   . ASN A 1 137 ? -12.823 8.028   5.225   1.00 23.87 ? 137 ASN A N   1 
ATOM   923  C  CA  . ASN A 1 137 ? -14.200 7.647   5.531   1.00 24.53 ? 137 ASN A CA  1 
ATOM   924  C  C   . ASN A 1 137 ? -14.382 6.147   5.575   1.00 23.63 ? 137 ASN A C   1 
ATOM   925  O  O   . ASN A 1 137 ? -15.180 5.629   6.347   1.00 24.79 ? 137 ASN A O   1 
ATOM   926  C  CB  . ASN A 1 137 ? -15.159 8.249   4.516   1.00 26.81 ? 137 ASN A CB  1 
ATOM   927  C  CG  . ASN A 1 137 ? -15.255 9.737   4.654   1.00 31.20 ? 137 ASN A CG  1 
ATOM   928  O  OD1 . ASN A 1 137 ? -15.342 10.259  5.776   1.00 34.45 ? 137 ASN A OD1 1 
ATOM   929  N  ND2 . ASN A 1 137 ? -15.243 10.446  3.522   1.00 32.46 ? 137 ASN A ND2 1 
ATOM   930  N  N   . LEU A 1 138 ? -13.632 5.455   4.733   1.00 23.39 ? 138 LEU A N   1 
ATOM   931  C  CA  . LEU A 1 138 ? -13.694 4.010   4.683   1.00 22.57 ? 138 LEU A CA  1 
ATOM   932  C  C   . LEU A 1 138 ? -13.102 3.377   5.951   1.00 21.29 ? 138 LEU A C   1 
ATOM   933  O  O   . LEU A 1 138 ? -13.206 2.176   6.140   1.00 21.57 ? 138 LEU A O   1 
ATOM   934  C  CB  . LEU A 1 138 ? -12.968 3.516   3.430   1.00 21.27 ? 138 LEU A CB  1 
ATOM   935  C  CG  . LEU A 1 138 ? -13.736 3.709   2.116   1.00 23.69 ? 138 LEU A CG  1 
ATOM   936  C  CD1 . LEU A 1 138 ? -12.915 3.163   0.958   1.00 23.48 ? 138 LEU A CD1 1 
ATOM   937  C  CD2 . LEU A 1 138 ? -15.072 2.971   2.186   1.00 24.68 ? 138 LEU A CD2 1 
ATOM   938  N  N   . GLY A 1 139 ? -12.491 4.187   6.816   1.00 20.81 ? 139 GLY A N   1 
ATOM   939  C  CA  . GLY A 1 139 ? -11.923 3.654   8.044   1.00 20.78 ? 139 GLY A CA  1 
ATOM   940  C  C   . GLY A 1 139 ? -10.469 3.214   7.969   1.00 21.01 ? 139 GLY A C   1 
ATOM   941  O  O   . GLY A 1 139 ? -10.035 2.382   8.756   1.00 22.01 ? 139 GLY A O   1 
ATOM   942  N  N   . PHE A 1 140 ? -9.710  3.758   7.026   1.00 19.97 ? 140 PHE A N   1 
ATOM   943  C  CA  . PHE A 1 140 ? -8.304  3.389   6.887   1.00 18.68 ? 140 PHE A CA  1 
ATOM   944  C  C   . PHE A 1 140 ? -7.423  4.114   7.903   1.00 16.83 ? 140 PHE A C   1 
ATOM   945  O  O   . PHE A 1 140 ? -7.472  5.339   8.023   1.00 16.61 ? 140 PHE A O   1 
ATOM   946  C  CB  . PHE A 1 140 ? -7.775  3.719   5.479   1.00 17.94 ? 140 PHE A CB  1 
ATOM   947  C  CG  . PHE A 1 140 ? -8.130  2.703   4.406   1.00 18.04 ? 140 PHE A CG  1 
ATOM   948  C  CD1 . PHE A 1 140 ? -7.135  2.194   3.562   1.00 15.70 ? 140 PHE A CD1 1 
ATOM   949  C  CD2 . PHE A 1 140 ? -9.448  2.315   4.184   1.00 16.17 ? 140 PHE A CD2 1 
ATOM   950  C  CE1 . PHE A 1 140 ? -7.450  1.332   2.512   1.00 13.18 ? 140 PHE A CE1 1 
ATOM   951  C  CE2 . PHE A 1 140 ? -9.766  1.457   3.140   1.00 14.52 ? 140 PHE A CE2 1 
ATOM   952  C  CZ  . PHE A 1 140 ? -8.764  0.960   2.299   1.00 15.01 ? 140 PHE A CZ  1 
ATOM   953  N  N   . LYS A 1 141 ? -6.621  3.339   8.628   1.00 13.68 ? 141 LYS A N   1 
ATOM   954  C  CA  . LYS A 1 141 ? -5.684  3.869   9.604   1.00 14.67 ? 141 LYS A CA  1 
ATOM   955  C  C   . LYS A 1 141 ? -4.310  3.753   8.960   1.00 13.07 ? 141 LYS A C   1 
ATOM   956  O  O   . LYS A 1 141 ? -3.739  2.664   8.853   1.00 13.90 ? 141 LYS A O   1 
ATOM   957  C  CB  . LYS A 1 141 ? -5.758  3.057   10.892  1.00 16.80 ? 141 LYS A CB  1 
ATOM   958  C  CG  . LYS A 1 141 ? -7.092  3.203   11.579  1.00 21.92 ? 141 LYS A CG  1 
ATOM   959  C  CD  . LYS A 1 141 ? -7.285  4.652   11.973  1.00 26.23 ? 141 LYS A CD  1 
ATOM   960  C  CE  . LYS A 1 141 ? -8.510  4.838   12.824  1.00 30.26 ? 141 LYS A CE  1 
ATOM   961  N  NZ  . LYS A 1 141 ? -9.738  4.464   12.077  1.00 32.23 ? 141 LYS A NZ  1 
ATOM   962  N  N   . ILE A 1 142 ? -3.792  4.897   8.536   1.00 14.00 ? 142 ILE A N   1 
ATOM   963  C  CA  . ILE A 1 142 ? -2.524  4.980   7.822   1.00 14.35 ? 142 ILE A CA  1 
ATOM   964  C  C   . ILE A 1 142 ? -1.408  5.701   8.556   1.00 15.57 ? 142 ILE A C   1 
ATOM   965  O  O   . ILE A 1 142 ? -1.627  6.770   9.099   1.00 16.64 ? 142 ILE A O   1 
ATOM   966  C  CB  . ILE A 1 142 ? -2.723  5.735   6.520   1.00 13.60 ? 142 ILE A CB  1 
ATOM   967  C  CG1 . ILE A 1 142 ? -3.926  5.173   5.775   1.00 11.88 ? 142 ILE A CG1 1 
ATOM   968  C  CG2 . ILE A 1 142 ? -1.442  5.690   5.702   1.00 14.46 ? 142 ILE A CG2 1 
ATOM   969  C  CD1 . ILE A 1 142 ? -4.426  6.116   4.686   1.00 12.79 ? 142 ILE A CD1 1 
HETATM 970  N  N   . MSE A 1 143 ? -0.207  5.130   8.529   1.00 16.84 ? 143 MSE A N   1 
HETATM 971  C  CA  . MSE A 1 143 ? 0.953   5.728   9.178   1.00 19.51 ? 143 MSE A CA  1 
HETATM 972  C  C   . MSE A 1 143 ? 2.025   6.081   8.145   1.00 18.56 ? 143 MSE A C   1 
HETATM 973  O  O   . MSE A 1 143 ? 2.315   5.291   7.247   1.00 17.43 ? 143 MSE A O   1 
HETATM 974  C  CB  . MSE A 1 143 ? 1.543   4.756   10.205  1.00 22.22 ? 143 MSE A CB  1 
HETATM 975  C  CG  . MSE A 1 143 ? 2.805   5.262   10.899  1.00 25.19 ? 143 MSE A CG  1 
HETATM 976  SE SE  . MSE A 1 143 ? 3.671   3.876   11.995  1.00 40.15 ? 143 MSE A SE  1 
HETATM 977  C  CE  . MSE A 1 143 ? 2.560   3.993   13.582  1.00 27.97 ? 143 MSE A CE  1 
ATOM   978  N  N   . VAL A 1 144 ? 2.609   7.266   8.269   1.00 18.83 ? 144 VAL A N   1 
ATOM   979  C  CA  . VAL A 1 144 ? 3.652   7.677   7.342   1.00 21.57 ? 144 VAL A CA  1 
ATOM   980  C  C   . VAL A 1 144 ? 4.930   6.911   7.681   1.00 23.22 ? 144 VAL A C   1 
ATOM   981  O  O   . VAL A 1 144 ? 5.397   6.966   8.810   1.00 23.47 ? 144 VAL A O   1 
ATOM   982  C  CB  . VAL A 1 144 ? 3.888   9.205   7.440   1.00 21.41 ? 144 VAL A CB  1 
ATOM   983  C  CG1 . VAL A 1 144 ? 5.052   9.628   6.557   1.00 23.58 ? 144 VAL A CG1 1 
ATOM   984  C  CG2 . VAL A 1 144 ? 2.621   9.936   7.021   1.00 21.21 ? 144 VAL A CG2 1 
ATOM   985  N  N   . VAL A 1 145 ? 5.484   6.172   6.726   1.00 24.87 ? 145 VAL A N   1 
ATOM   986  C  CA  . VAL A 1 145 ? 6.702   5.420   7.019   1.00 28.77 ? 145 VAL A CA  1 
ATOM   987  C  C   . VAL A 1 145 ? 7.911   5.935   6.272   1.00 31.35 ? 145 VAL A C   1 
ATOM   988  O  O   . VAL A 1 145 ? 9.032   5.488   6.508   1.00 32.50 ? 145 VAL A O   1 
ATOM   989  C  CB  . VAL A 1 145 ? 6.544   3.914   6.725   1.00 26.82 ? 145 VAL A CB  1 
ATOM   990  C  CG1 . VAL A 1 145 ? 5.588   3.303   7.734   1.00 28.92 ? 145 VAL A CG1 1 
ATOM   991  C  CG2 . VAL A 1 145 ? 6.046   3.699   5.314   1.00 24.03 ? 145 VAL A CG2 1 
ATOM   992  N  N   . GLY A 1 146 ? 7.682   6.881   5.373   1.00 33.83 ? 146 GLY A N   1 
ATOM   993  C  CA  . GLY A 1 146 ? 8.781   7.448   4.620   1.00 35.15 ? 146 GLY A CA  1 
ATOM   994  C  C   . GLY A 1 146 ? 8.431   8.827   4.109   1.00 36.78 ? 146 GLY A C   1 
ATOM   995  O  O   . GLY A 1 146 ? 7.278   9.096   3.790   1.00 36.37 ? 146 GLY A O   1 
ATOM   996  N  N   . VAL A 1 147 ? 9.426   9.706   4.046   1.00 37.53 ? 147 VAL A N   1 
ATOM   997  C  CA  . VAL A 1 147 ? 9.220   11.055  3.545   1.00 39.87 ? 147 VAL A CA  1 
ATOM   998  C  C   . VAL A 1 147 ? 10.387  11.462  2.656   1.00 41.57 ? 147 VAL A C   1 
ATOM   999  O  O   . VAL A 1 147 ? 11.550  11.255  3.008   1.00 41.21 ? 147 VAL A O   1 
ATOM   1000 C  CB  . VAL A 1 147 ? 9.083   12.088  4.689   1.00 39.67 ? 147 VAL A CB  1 
ATOM   1001 C  CG1 . VAL A 1 147 ? 7.797   11.851  5.447   1.00 37.75 ? 147 VAL A CG1 1 
ATOM   1002 C  CG2 . VAL A 1 147 ? 10.287  12.005  5.621   1.00 40.61 ? 147 VAL A CG2 1 
ATOM   1003 N  N   . SER A 1 148 ? 10.069  12.026  1.494   1.00 43.06 ? 148 SER A N   1 
ATOM   1004 C  CA  . SER A 1 148 ? 11.085  12.480  0.548   1.00 44.56 ? 148 SER A CA  1 
ATOM   1005 C  C   . SER A 1 148 ? 10.591  13.709  -0.198  1.00 45.01 ? 148 SER A C   1 
ATOM   1006 O  O   . SER A 1 148 ? 10.494  13.712  -1.421  1.00 45.47 ? 148 SER A O   1 
ATOM   1007 C  CB  . SER A 1 148 ? 11.413  11.379  -0.458  1.00 44.66 ? 148 SER A CB  1 
ATOM   1008 O  OG  . SER A 1 148 ? 12.412  11.820  -1.360  1.00 45.01 ? 148 SER A OG  1 
ATOM   1009 N  N   . ALA A 1 149 ? 10.265  14.753  0.548   1.00 46.45 ? 149 ALA A N   1 
ATOM   1010 C  CA  . ALA A 1 149 ? 9.786   15.978  -0.064  1.00 48.71 ? 149 ALA A CA  1 
ATOM   1011 C  C   . ALA A 1 149 ? 10.016  17.146  0.878   1.00 49.46 ? 149 ALA A C   1 
ATOM   1012 O  O   . ALA A 1 149 ? 9.862   17.012  2.092   1.00 49.87 ? 149 ALA A O   1 
ATOM   1013 C  CB  . ALA A 1 149 ? 8.301   15.851  -0.409  1.00 49.26 ? 149 ALA A CB  1 
ATOM   1014 N  N   . TYR A 1 150 ? 10.404  18.283  0.308   1.00 50.70 ? 150 TYR A N   1 
ATOM   1015 C  CA  . TYR A 1 150 ? 10.659  19.495  1.075   1.00 51.75 ? 150 TYR A CA  1 
ATOM   1016 C  C   . TYR A 1 150 ? 9.352   20.022  1.642   1.00 51.31 ? 150 TYR A C   1 
ATOM   1017 O  O   . TYR A 1 150 ? 8.377   20.226  0.918   1.00 52.22 ? 150 TYR A O   1 
ATOM   1018 C  CB  . TYR A 1 150 ? 11.334  20.540  0.182   1.00 53.17 ? 150 TYR A CB  1 
ATOM   1019 C  CG  . TYR A 1 150 ? 12.761  20.166  -0.179  1.00 54.73 ? 150 TYR A CG  1 
ATOM   1020 C  CD1 . TYR A 1 150 ? 13.805  20.367  0.725   1.00 55.63 ? 150 TYR A CD1 1 
ATOM   1021 C  CD2 . TYR A 1 150 ? 13.063  19.575  -1.409  1.00 55.36 ? 150 TYR A CD2 1 
ATOM   1022 C  CE1 . TYR A 1 150 ? 15.114  19.990  0.417   1.00 56.39 ? 150 TYR A CE1 1 
ATOM   1023 C  CE2 . TYR A 1 150 ? 14.372  19.192  -1.727  1.00 55.99 ? 150 TYR A CE2 1 
ATOM   1024 C  CZ  . TYR A 1 150 ? 15.390  19.405  -0.809  1.00 56.47 ? 150 TYR A CZ  1 
ATOM   1025 O  OH  . TYR A 1 150 ? 16.681  19.043  -1.112  1.00 56.92 ? 150 TYR A OH  1 
ATOM   1026 N  N   . GLY A 1 151 ? 9.339   20.228  2.952   1.00 51.44 ? 151 GLY A N   1 
ATOM   1027 C  CA  . GLY A 1 151 ? 8.134   20.690  3.610   1.00 50.98 ? 151 GLY A CA  1 
ATOM   1028 C  C   . GLY A 1 151 ? 7.572   19.583  4.486   1.00 50.71 ? 151 GLY A C   1 
ATOM   1029 O  O   . GLY A 1 151 ? 6.448   19.676  4.974   1.00 51.47 ? 151 GLY A O   1 
ATOM   1030 N  N   . LEU A 1 152 ? 8.352   18.522  4.676   1.00 49.58 ? 152 LEU A N   1 
ATOM   1031 C  CA  . LEU A 1 152 ? 7.933   17.405  5.516   1.00 50.13 ? 152 LEU A CA  1 
ATOM   1032 C  C   . LEU A 1 152 ? 9.126   16.905  6.330   1.00 50.71 ? 152 LEU A C   1 
ATOM   1033 O  O   . LEU A 1 152 ? 9.820   15.967  5.926   1.00 51.64 ? 152 LEU A O   1 
ATOM   1034 C  CB  . LEU A 1 152 ? 7.371   16.254  4.669   1.00 49.49 ? 152 LEU A CB  1 
ATOM   1035 C  CG  . LEU A 1 152 ? 6.251   16.546  3.666   1.00 49.25 ? 152 LEU A CG  1 
ATOM   1036 C  CD1 . LEU A 1 152 ? 6.858   17.152  2.396   1.00 51.14 ? 152 LEU A CD1 1 
ATOM   1037 C  CD2 . LEU A 1 152 ? 5.523   15.268  3.314   1.00 47.70 ? 152 LEU A CD2 1 
ATOM   1038 N  N   . ASP A 1 153 ? 9.369   17.539  7.473   1.00 50.88 ? 153 ASP A N   1 
ATOM   1039 C  CA  . ASP A 1 153 ? 10.483  17.154  8.335   1.00 49.98 ? 153 ASP A CA  1 
ATOM   1040 C  C   . ASP A 1 153 ? 10.262  15.768  8.918   1.00 47.62 ? 153 ASP A C   1 
ATOM   1041 O  O   . ASP A 1 153 ? 9.232   15.136  8.671   1.00 47.59 ? 153 ASP A O   1 
ATOM   1042 C  CB  . ASP A 1 153 ? 10.658  18.171  9.463   1.00 52.25 ? 153 ASP A CB  1 
ATOM   1043 C  CG  . ASP A 1 153 ? 9.441   18.265  10.350  1.00 54.44 ? 153 ASP A CG  1 
ATOM   1044 O  OD1 . ASP A 1 153 ? 8.322   18.367  9.798   1.00 54.89 ? 153 ASP A OD1 1 
ATOM   1045 O  OD2 . ASP A 1 153 ? 9.604   18.247  11.593  1.00 54.98 ? 153 ASP A OD2 1 
ATOM   1046 N  N   . GLU A 1 154 ? 11.231  15.302  9.696   1.00 44.28 ? 154 GLU A N   1 
ATOM   1047 C  CA  . GLU A 1 154 ? 11.142  13.978  10.294  1.00 43.25 ? 154 GLU A CA  1 
ATOM   1048 C  C   . GLU A 1 154 ? 9.913   13.801  11.182  1.00 41.94 ? 154 GLU A C   1 
ATOM   1049 O  O   . GLU A 1 154 ? 9.464   12.678  11.412  1.00 44.22 ? 154 GLU A O   1 
ATOM   1050 C  CB  . GLU A 1 154 ? 12.425  13.651  11.080  1.00 43.47 ? 154 GLU A CB  1 
ATOM   1051 C  CG  . GLU A 1 154 ? 12.967  14.802  11.898  1.00 43.88 ? 154 GLU A CG  1 
ATOM   1052 C  CD  . GLU A 1 154 ? 11.888  15.492  12.700  1.00 44.77 ? 154 GLU A CD  1 
ATOM   1053 O  OE1 . GLU A 1 154 ? 11.331  14.853  13.622  1.00 45.32 ? 154 GLU A OE1 1 
ATOM   1054 O  OE2 . GLU A 1 154 ? 11.577  16.670  12.393  1.00 46.64 ? 154 GLU A OE2 1 
ATOM   1055 N  N   . SER A 1 155 ? 9.361   14.907  11.667  1.00 40.34 ? 155 SER A N   1 
ATOM   1056 C  CA  . SER A 1 155 ? 8.186   14.854  12.521  1.00 39.24 ? 155 SER A CA  1 
ATOM   1057 C  C   . SER A 1 155 ? 7.063   14.042  11.885  1.00 39.86 ? 155 SER A C   1 
ATOM   1058 O  O   . SER A 1 155 ? 6.246   13.449  12.590  1.00 41.17 ? 155 SER A O   1 
ATOM   1059 C  CB  . SER A 1 155 ? 7.670   16.261  12.796  1.00 38.26 ? 155 SER A CB  1 
ATOM   1060 O  OG  . SER A 1 155 ? 7.304   16.889  11.585  1.00 36.44 ? 155 SER A OG  1 
ATOM   1061 N  N   . TRP A 1 156 ? 7.005   14.030  10.558  1.00 38.47 ? 156 TRP A N   1 
ATOM   1062 C  CA  . TRP A 1 156 ? 5.958   13.289  9.863   1.00 37.93 ? 156 TRP A CA  1 
ATOM   1063 C  C   . TRP A 1 156 ? 6.147   11.789  9.953   1.00 36.13 ? 156 TRP A C   1 
ATOM   1064 O  O   . TRP A 1 156 ? 5.176   11.034  9.989   1.00 36.10 ? 156 TRP A O   1 
ATOM   1065 C  CB  . TRP A 1 156 ? 5.875   13.710  8.392   1.00 39.13 ? 156 TRP A CB  1 
ATOM   1066 C  CG  . TRP A 1 156 ? 5.144   14.998  8.202   1.00 41.25 ? 156 TRP A CG  1 
ATOM   1067 C  CD1 . TRP A 1 156 ? 5.645   16.258  8.359   1.00 42.28 ? 156 TRP A CD1 1 
ATOM   1068 C  CD2 . TRP A 1 156 ? 3.750   15.154  7.907   1.00 42.87 ? 156 TRP A CD2 1 
ATOM   1069 N  NE1 . TRP A 1 156 ? 4.651   17.189  8.183   1.00 43.71 ? 156 TRP A NE1 1 
ATOM   1070 C  CE2 . TRP A 1 156 ? 3.477   16.539  7.902   1.00 43.36 ? 156 TRP A CE2 1 
ATOM   1071 C  CE3 . TRP A 1 156 ? 2.705   14.257  7.642   1.00 41.89 ? 156 TRP A CE3 1 
ATOM   1072 C  CZ2 . TRP A 1 156 ? 2.199   17.049  7.651   1.00 44.35 ? 156 TRP A CZ2 1 
ATOM   1073 C  CZ3 . TRP A 1 156 ? 1.435   14.765  7.393   1.00 43.89 ? 156 TRP A CZ3 1 
ATOM   1074 C  CH2 . TRP A 1 156 ? 1.195   16.149  7.397   1.00 44.38 ? 156 TRP A CH2 1 
ATOM   1075 N  N   . LEU A 1 157 ? 7.402   11.362  9.991   1.00 35.04 ? 157 LEU A N   1 
ATOM   1076 C  CA  . LEU A 1 157 ? 7.716   9.945   10.077  1.00 35.47 ? 157 LEU A CA  1 
ATOM   1077 C  C   . LEU A 1 157 ? 7.085   9.328   11.326  1.00 33.88 ? 157 LEU A C   1 
ATOM   1078 O  O   . LEU A 1 157 ? 7.489   9.632   12.443  1.00 35.35 ? 157 LEU A O   1 
ATOM   1079 C  CB  . LEU A 1 157 ? 9.241   9.750   10.091  1.00 33.54 ? 157 LEU A CB  1 
ATOM   1080 C  CG  . LEU A 1 157 ? 10.008  10.110  8.807   1.00 34.04 ? 157 LEU A CG  1 
ATOM   1081 C  CD1 . LEU A 1 157 ? 11.509  10.043  9.048   1.00 33.48 ? 157 LEU A CD1 1 
ATOM   1082 C  CD2 . LEU A 1 157 ? 9.611   9.159   7.691   1.00 32.01 ? 157 LEU A CD2 1 
ATOM   1083 N  N   . GLY A 1 158 ? 6.076   8.484   11.129  1.00 32.98 ? 158 GLY A N   1 
ATOM   1084 C  CA  . GLY A 1 158 ? 5.420   7.833   12.250  1.00 30.50 ? 158 GLY A CA  1 
ATOM   1085 C  C   . GLY A 1 158 ? 4.054   8.371   12.642  1.00 31.32 ? 158 GLY A C   1 
ATOM   1086 O  O   . GLY A 1 158 ? 3.371   7.792   13.493  1.00 29.44 ? 158 GLY A O   1 
ATOM   1087 N  N   . ARG A 1 159 ? 3.633   9.475   12.033  1.00 31.81 ? 159 ARG A N   1 
ATOM   1088 C  CA  . ARG A 1 159 ? 2.335   10.034  12.382  1.00 33.65 ? 159 ARG A CA  1 
ATOM   1089 C  C   . ARG A 1 159 ? 1.203   9.340   11.638  1.00 32.07 ? 159 ARG A C   1 
ATOM   1090 O  O   . ARG A 1 159 ? 1.391   8.845   10.530  1.00 31.46 ? 159 ARG A O   1 
ATOM   1091 C  CB  . ARG A 1 159 ? 2.283   11.533  12.085  1.00 34.69 ? 159 ARG A CB  1 
ATOM   1092 C  CG  . ARG A 1 159 ? 1.150   12.201  12.843  1.00 40.33 ? 159 ARG A CG  1 
ATOM   1093 C  CD  . ARG A 1 159 ? 0.310   13.135  11.993  1.00 41.44 ? 159 ARG A CD  1 
ATOM   1094 N  NE  . ARG A 1 159 ? 0.986   14.390  11.672  1.00 41.00 ? 159 ARG A NE  1 
ATOM   1095 C  CZ  . ARG A 1 159 ? 0.342   15.518  11.383  1.00 42.43 ? 159 ARG A CZ  1 
ATOM   1096 N  NH1 . ARG A 1 159 ? 1.021   16.621  11.093  1.00 41.28 ? 159 ARG A NH1 1 
ATOM   1097 N  NH2 . ARG A 1 159 ? -0.987  15.547  11.399  1.00 40.49 ? 159 ARG A NH2 1 
ATOM   1098 N  N   . ILE A 1 160 ? 0.028   9.312   12.258  1.00 32.11 ? 160 ILE A N   1 
ATOM   1099 C  CA  . ILE A 1 160 ? -1.157  8.699   11.668  1.00 32.72 ? 160 ILE A CA  1 
ATOM   1100 C  C   . ILE A 1 160 ? -1.890  9.736   10.823  1.00 35.00 ? 160 ILE A C   1 
ATOM   1101 O  O   . ILE A 1 160 ? -2.007  10.895  11.225  1.00 36.08 ? 160 ILE A O   1 
ATOM   1102 C  CB  . ILE A 1 160 ? -2.127  8.201   12.760  1.00 31.84 ? 160 ILE A CB  1 
ATOM   1103 C  CG1 . ILE A 1 160 ? -1.402  7.234   13.697  1.00 32.74 ? 160 ILE A CG1 1 
ATOM   1104 C  CG2 . ILE A 1 160 ? -3.356  7.576   12.123  1.00 29.24 ? 160 ILE A CG2 1 
ATOM   1105 C  CD1 . ILE A 1 160 ? -0.736  6.074   12.992  1.00 32.71 ? 160 ILE A CD1 1 
ATOM   1106 N  N   . LEU A 1 161 ? -2.391  9.325   9.662   1.00 35.33 ? 161 LEU A N   1 
ATOM   1107 C  CA  . LEU A 1 161 ? -3.108  10.242  8.777   1.00 36.32 ? 161 LEU A CA  1 
ATOM   1108 C  C   . LEU A 1 161 ? -4.598  10.339  9.078   1.00 37.04 ? 161 LEU A C   1 
ATOM   1109 O  O   . LEU A 1 161 ? -5.376  9.483   8.670   1.00 39.96 ? 161 LEU A O   1 
ATOM   1110 C  CB  . LEU A 1 161 ? -2.932  9.821   7.318   1.00 35.62 ? 161 LEU A CB  1 
ATOM   1111 C  CG  . LEU A 1 161 ? -1.555  10.032  6.688   1.00 34.42 ? 161 LEU A CG  1 
ATOM   1112 C  CD1 . LEU A 1 161 ? -1.518  9.413   5.291   1.00 33.07 ? 161 LEU A CD1 1 
ATOM   1113 C  CD2 . LEU A 1 161 ? -1.266  11.511  6.620   1.00 34.44 ? 161 LEU A CD2 1 
ATOM   1114 N  N   . ASP A 1 162 ? -4.991  11.388  9.788   1.00 37.48 ? 162 ASP A N   1 
ATOM   1115 C  CA  . ASP A 1 162 ? -6.394  11.614  10.119  1.00 37.15 ? 162 ASP A CA  1 
ATOM   1116 C  C   . ASP A 1 162 ? -6.855  12.863  9.386   1.00 36.56 ? 162 ASP A C   1 
ATOM   1117 O  O   . ASP A 1 162 ? -6.100  13.439  8.610   1.00 37.60 ? 162 ASP A O   1 
ATOM   1118 C  CB  . ASP A 1 162 ? -6.573  11.801  11.629  1.00 35.88 ? 162 ASP A CB  1 
ATOM   1119 C  CG  . ASP A 1 162 ? -5.425  12.555  12.261  1.00 37.01 ? 162 ASP A CG  1 
ATOM   1120 O  OD1 . ASP A 1 162 ? -5.031  13.618  11.733  1.00 36.16 ? 162 ASP A OD1 1 
ATOM   1121 O  OD2 . ASP A 1 162 ? -4.915  12.082  13.295  1.00 38.65 ? 162 ASP A OD2 1 
ATOM   1122 N  N   . GLU A 1 163 ? -8.091  13.283  9.627   1.00 37.11 ? 163 GLU A N   1 
ATOM   1123 C  CA  . GLU A 1 163 ? -8.608  14.473  8.968   1.00 37.13 ? 163 GLU A CA  1 
ATOM   1124 C  C   . GLU A 1 163 ? -7.682  15.661  9.184   1.00 37.01 ? 163 GLU A C   1 
ATOM   1125 O  O   . GLU A 1 163 ? -7.421  16.436  8.267   1.00 37.47 ? 163 GLU A O   1 
ATOM   1126 C  CB  . GLU A 1 163 ? -10.001 14.810  9.489   1.00 38.47 ? 163 GLU A CB  1 
ATOM   1127 C  CG  . GLU A 1 163 ? -11.125 14.145  8.723   1.00 42.08 ? 163 GLU A CG  1 
ATOM   1128 C  CD  . GLU A 1 163 ? -11.186 12.637  8.913   1.00 46.38 ? 163 GLU A CD  1 
ATOM   1129 O  OE1 . GLU A 1 163 ? -12.094 12.004  8.306   1.00 48.72 ? 163 GLU A OE1 1 
ATOM   1130 O  OE2 . GLU A 1 163 ? -10.343 12.073  9.669   1.00 47.47 ? 163 GLU A OE2 1 
ATOM   1131 N  N   . SER A 1 164 ? -7.174  15.793  10.400  1.00 37.86 ? 164 SER A N   1 
ATOM   1132 C  CA  . SER A 1 164 ? -6.282  16.897  10.723  1.00 38.79 ? 164 SER A CA  1 
ATOM   1133 C  C   . SER A 1 164 ? -5.029  16.862  9.858   1.00 37.72 ? 164 SER A C   1 
ATOM   1134 O  O   . SER A 1 164 ? -4.590  17.891  9.337   1.00 37.89 ? 164 SER A O   1 
ATOM   1135 C  CB  . SER A 1 164 ? -5.893  16.842  12.202  1.00 40.28 ? 164 SER A CB  1 
ATOM   1136 O  OG  . SER A 1 164 ? -5.064  17.940  12.547  1.00 41.15 ? 164 SER A OG  1 
ATOM   1137 N  N   . ALA A 1 165 ? -4.462  15.669  9.706   1.00 37.15 ? 165 ALA A N   1 
ATOM   1138 C  CA  . ALA A 1 165 ? -3.250  15.478  8.911   1.00 36.49 ? 165 ALA A CA  1 
ATOM   1139 C  C   . ALA A 1 165 ? -3.470  15.785  7.430   1.00 35.18 ? 165 ALA A C   1 
ATOM   1140 O  O   . ALA A 1 165 ? -2.612  16.381  6.780   1.00 36.85 ? 165 ALA A O   1 
ATOM   1141 C  CB  . ALA A 1 165 ? -2.741  14.055  9.080   1.00 37.28 ? 165 ALA A CB  1 
ATOM   1142 N  N   . LEU A 1 166 ? -4.620  15.374  6.906   1.00 33.74 ? 166 LEU A N   1 
ATOM   1143 C  CA  . LEU A 1 166 ? -4.962  15.616  5.508   1.00 32.61 ? 166 LEU A CA  1 
ATOM   1144 C  C   . LEU A 1 166 ? -4.997  17.120  5.238   1.00 33.02 ? 166 LEU A C   1 
ATOM   1145 O  O   . LEU A 1 166 ? -4.460  17.593  4.230   1.00 34.07 ? 166 LEU A O   1 
ATOM   1146 C  CB  . LEU A 1 166 ? -6.322  14.988  5.189   1.00 32.00 ? 166 LEU A CB  1 
ATOM   1147 C  CG  . LEU A 1 166 ? -6.880  15.165  3.773   1.00 32.47 ? 166 LEU A CG  1 
ATOM   1148 C  CD1 . LEU A 1 166 ? -5.809  14.858  2.741   1.00 31.05 ? 166 LEU A CD1 1 
ATOM   1149 C  CD2 . LEU A 1 166 ? -8.098  14.253  3.587   1.00 30.36 ? 166 LEU A CD2 1 
ATOM   1150 N  N   . GLU A 1 167 ? -5.619  17.868  6.149   1.00 33.26 ? 167 GLU A N   1 
ATOM   1151 C  CA  . GLU A 1 167 ? -5.716  19.320  6.017   1.00 34.78 ? 167 GLU A CA  1 
ATOM   1152 C  C   . GLU A 1 167 ? -4.314  19.922  5.903   1.00 34.57 ? 167 GLU A C   1 
ATOM   1153 O  O   . GLU A 1 167 ? -4.084  20.797  5.074   1.00 34.11 ? 167 GLU A O   1 
ATOM   1154 C  CB  . GLU A 1 167 ? -6.467  19.918  7.216   1.00 36.30 ? 167 GLU A CB  1 
ATOM   1155 C  CG  . GLU A 1 167 ? -7.911  19.405  7.369   1.00 37.80 ? 167 GLU A CG  1 
ATOM   1156 C  CD  . GLU A 1 167 ? -8.814  19.820  6.220   1.00 40.95 ? 167 GLU A CD  1 
ATOM   1157 O  OE1 . GLU A 1 167 ? -9.585  18.962  5.712   1.00 40.44 ? 167 GLU A OE1 1 
ATOM   1158 O  OE2 . GLU A 1 167 ? -8.763  21.015  5.827   1.00 42.39 ? 167 GLU A OE2 1 
ATOM   1159 N  N   . GLU A 1 168 ? -3.381  19.439  6.723   1.00 36.29 ? 168 GLU A N   1 
ATOM   1160 C  CA  . GLU A 1 168 ? -1.998  19.927  6.687   1.00 38.53 ? 168 GLU A CA  1 
ATOM   1161 C  C   . GLU A 1 168 ? -1.347  19.616  5.346   1.00 39.91 ? 168 GLU A C   1 
ATOM   1162 O  O   . GLU A 1 168 ? -0.597  20.433  4.797   1.00 41.25 ? 168 GLU A O   1 
ATOM   1163 C  CB  . GLU A 1 168 ? -1.167  19.301  7.810   1.00 39.51 ? 168 GLU A CB  1 
ATOM   1164 C  CG  . GLU A 1 168 ? -1.457  19.871  9.195   1.00 42.73 ? 168 GLU A CG  1 
ATOM   1165 C  CD  . GLU A 1 168 ? -0.476  19.378  10.248  1.00 45.12 ? 168 GLU A CD  1 
ATOM   1166 O  OE1 . GLU A 1 168 ? 0.749   19.534  10.041  1.00 47.67 ? 168 GLU A OE1 1 
ATOM   1167 O  OE2 . GLU A 1 168 ? -0.928  18.849  11.283  1.00 45.51 ? 168 GLU A OE2 1 
ATOM   1168 N  N   . LEU A 1 169 ? -1.629  18.429  4.821   1.00 39.80 ? 169 LEU A N   1 
ATOM   1169 C  CA  . LEU A 1 169 ? -1.088  18.032  3.529   1.00 39.75 ? 169 LEU A CA  1 
ATOM   1170 C  C   . LEU A 1 169 ? -1.671  18.919  2.429   1.00 39.51 ? 169 LEU A C   1 
ATOM   1171 O  O   . LEU A 1 169 ? -0.994  19.215  1.441   1.00 38.85 ? 169 LEU A O   1 
ATOM   1172 C  CB  . LEU A 1 169 ? -1.415  16.565  3.242   1.00 39.76 ? 169 LEU A CB  1 
ATOM   1173 C  CG  . LEU A 1 169 ? -0.618  15.527  4.029   1.00 41.24 ? 169 LEU A CG  1 
ATOM   1174 C  CD1 . LEU A 1 169 ? -1.192  14.141  3.795   1.00 40.44 ? 169 LEU A CD1 1 
ATOM   1175 C  CD2 . LEU A 1 169 ? 0.841   15.587  3.596   1.00 40.94 ? 169 LEU A CD2 1 
ATOM   1176 N  N   . ILE A 1 170 ? -2.925  19.334  2.603   1.00 38.19 ? 170 ILE A N   1 
ATOM   1177 C  CA  . ILE A 1 170 ? -3.581  20.197  1.628   1.00 39.26 ? 170 ILE A CA  1 
ATOM   1178 C  C   . ILE A 1 170 ? -2.922  21.576  1.635   1.00 40.42 ? 170 ILE A C   1 
ATOM   1179 O  O   . ILE A 1 170 ? -2.685  22.171  0.578   1.00 40.92 ? 170 ILE A O   1 
ATOM   1180 C  CB  . ILE A 1 170 ? -5.091  20.344  1.930   1.00 38.54 ? 170 ILE A CB  1 
ATOM   1181 C  CG1 . ILE A 1 170 ? -5.817  19.049  1.561   1.00 37.41 ? 170 ILE A CG1 1 
ATOM   1182 C  CG2 . ILE A 1 170 ? -5.673  21.525  1.166   1.00 34.98 ? 170 ILE A CG2 1 
ATOM   1183 C  CD1 . ILE A 1 170 ? -7.310  19.099  1.783   1.00 37.33 ? 170 ILE A CD1 1 
ATOM   1184 N  N   . THR A 1 171 ? -2.629  22.072  2.833   1.00 41.72 ? 171 THR A N   1 
ATOM   1185 C  CA  . THR A 1 171 ? -1.976  23.368  2.992   1.00 41.49 ? 171 THR A CA  1 
ATOM   1186 C  C   . THR A 1 171 ? -0.593  23.270  2.358   1.00 41.62 ? 171 THR A C   1 
ATOM   1187 O  O   . THR A 1 171 ? -0.256  24.048  1.470   1.00 42.43 ? 171 THR A O   1 
ATOM   1188 C  CB  . THR A 1 171 ? -1.811  23.750  4.489   1.00 40.80 ? 171 THR A CB  1 
ATOM   1189 O  OG1 . THR A 1 171 ? -3.099  23.939  5.090   1.00 39.36 ? 171 THR A OG1 1 
ATOM   1190 C  CG2 . THR A 1 171 ? -1.007  25.027  4.626   1.00 41.62 ? 171 THR A CG2 1 
ATOM   1191 N  N   . LEU A 1 172 ? 0.200   22.302  2.816   1.00 41.77 ? 172 LEU A N   1 
ATOM   1192 C  CA  . LEU A 1 172 ? 1.546   22.100  2.287   1.00 42.06 ? 172 LEU A CA  1 
ATOM   1193 C  C   . LEU A 1 172 ? 1.523   22.019  0.771   1.00 43.29 ? 172 LEU A C   1 
ATOM   1194 O  O   . LEU A 1 172 ? 2.480   22.412  0.101   1.00 45.11 ? 172 LEU A O   1 
ATOM   1195 C  CB  . LEU A 1 172 ? 2.156   20.816  2.860   1.00 42.62 ? 172 LEU A CB  1 
ATOM   1196 C  CG  . LEU A 1 172 ? 2.890   20.863  4.209   1.00 42.77 ? 172 LEU A CG  1 
ATOM   1197 C  CD1 . LEU A 1 172 ? 2.040   21.547  5.286   1.00 41.93 ? 172 LEU A CD1 1 
ATOM   1198 C  CD2 . LEU A 1 172 ? 3.239   19.438  4.620   1.00 41.02 ? 172 LEU A CD2 1 
ATOM   1199 N  N   . ASN A 1 173 ? 0.422   21.507  0.231   1.00 44.39 ? 173 ASN A N   1 
ATOM   1200 C  CA  . ASN A 1 173 ? 0.261   21.374  -1.213  1.00 45.76 ? 173 ASN A CA  1 
ATOM   1201 C  C   . ASN A 1 173 ? 0.070   22.744  -1.856  1.00 48.29 ? 173 ASN A C   1 
ATOM   1202 O  O   . ASN A 1 173 ? 0.581   23.007  -2.944  1.00 48.58 ? 173 ASN A O   1 
ATOM   1203 C  CB  . ASN A 1 173 ? -0.945  20.481  -1.520  1.00 43.91 ? 173 ASN A CB  1 
ATOM   1204 C  CG  . ASN A 1 173 ? -1.345  20.519  -2.985  1.00 43.40 ? 173 ASN A CG  1 
ATOM   1205 O  OD1 . ASN A 1 173 ? -1.903  21.506  -3.463  1.00 42.87 ? 173 ASN A OD1 1 
ATOM   1206 N  ND2 . ASN A 1 173 ? -1.055  19.444  -3.705  1.00 42.75 ? 173 ASN A ND2 1 
ATOM   1207 N  N   . GLU A 1 174 ? -0.671  23.611  -1.175  1.00 49.84 ? 174 GLU A N   1 
ATOM   1208 C  CA  . GLU A 1 174 ? -0.938  24.955  -1.674  1.00 51.60 ? 174 GLU A CA  1 
ATOM   1209 C  C   . GLU A 1 174 ? 0.233   25.890  -1.426  1.00 51.93 ? 174 GLU A C   1 
ATOM   1210 O  O   . GLU A 1 174 ? 0.086   27.106  -1.492  1.00 54.03 ? 174 GLU A O   1 
ATOM   1211 C  CB  . GLU A 1 174 ? -2.195  25.522  -1.012  1.00 50.71 ? 174 GLU A CB  1 
ATOM   1212 C  CG  . GLU A 1 174 ? -3.480  24.886  -1.505  1.00 52.64 ? 174 GLU A CG  1 
ATOM   1213 C  CD  . GLU A 1 174 ? -4.657  25.169  -0.594  1.00 53.30 ? 174 GLU A CD  1 
ATOM   1214 O  OE1 . GLU A 1 174 ? -5.797  24.788  -0.948  1.00 51.49 ? 174 GLU A OE1 1 
ATOM   1215 O  OE2 . GLU A 1 174 ? -4.435  25.765  0.484   1.00 53.49 ? 174 GLU A OE2 1 
ATOM   1216 N  N   . LYS A 1 175 ? 1.399   25.322  -1.143  1.00 52.39 ? 175 LYS A N   1 
ATOM   1217 C  CA  . LYS A 1 175 ? 2.584   26.131  -0.897  1.00 52.48 ? 175 LYS A CA  1 
ATOM   1218 C  C   . LYS A 1 175 ? 3.788   25.534  -1.607  1.00 52.05 ? 175 LYS A C   1 
ATOM   1219 O  O   . LYS A 1 175 ? 4.391   26.173  -2.474  1.00 50.90 ? 175 LYS A O   1 
ATOM   1220 C  CB  . LYS A 1 175 ? 2.854   26.237  0.610   1.00 53.60 ? 175 LYS A CB  1 
ATOM   1221 C  CG  . LYS A 1 175 ? 1.723   26.909  1.388   1.00 54.62 ? 175 LYS A CG  1 
ATOM   1222 C  CD  . LYS A 1 175 ? 1.938   26.865  2.904   1.00 54.99 ? 175 LYS A CD  1 
ATOM   1223 C  CE  . LYS A 1 175 ? 2.940   27.908  3.405   1.00 56.31 ? 175 LYS A CE  1 
ATOM   1224 N  NZ  . LYS A 1 175 ? 4.351   27.643  3.017   1.00 56.62 ? 175 LYS A NZ  1 
ATOM   1225 N  N   . TYR A 1 176 ? 4.124   24.300  -1.250  1.00 51.68 ? 176 TYR A N   1 
ATOM   1226 C  CA  . TYR A 1 176 ? 5.264   23.627  -1.857  1.00 50.98 ? 176 TYR A CA  1 
ATOM   1227 C  C   . TYR A 1 176 ? 4.786   22.691  -2.967  1.00 48.98 ? 176 TYR A C   1 
ATOM   1228 O  O   . TYR A 1 176 ? 5.588   22.071  -3.663  1.00 50.01 ? 176 TYR A O   1 
ATOM   1229 C  CB  . TYR A 1 176 ? 6.034   22.846  -0.790  1.00 54.30 ? 176 TYR A CB  1 
ATOM   1230 C  CG  . TYR A 1 176 ? 6.124   23.569  0.542   1.00 57.27 ? 176 TYR A CG  1 
ATOM   1231 C  CD1 . TYR A 1 176 ? 5.770   22.924  1.725   1.00 59.86 ? 176 TYR A CD1 1 
ATOM   1232 C  CD2 . TYR A 1 176 ? 6.501   24.912  0.612   1.00 58.53 ? 176 TYR A CD2 1 
ATOM   1233 C  CE1 . TYR A 1 176 ? 5.775   23.597  2.948   1.00 61.12 ? 176 TYR A CE1 1 
ATOM   1234 C  CE2 . TYR A 1 176 ? 6.513   25.597  1.830   1.00 60.45 ? 176 TYR A CE2 1 
ATOM   1235 C  CZ  . TYR A 1 176 ? 6.143   24.930  2.993   1.00 61.78 ? 176 TYR A CZ  1 
ATOM   1236 O  OH  . TYR A 1 176 ? 6.112   25.599  4.197   1.00 63.13 ? 176 TYR A OH  1 
ATOM   1237 N  N   . LYS A 1 177 ? 3.470   22.594  -3.133  1.00 46.38 ? 177 LYS A N   1 
ATOM   1238 C  CA  . LYS A 1 177 ? 2.897   21.745  -4.172  1.00 42.17 ? 177 LYS A CA  1 
ATOM   1239 C  C   . LYS A 1 177 ? 3.242   20.259  -3.993  1.00 40.77 ? 177 LYS A C   1 
ATOM   1240 O  O   . LYS A 1 177 ? 3.528   19.546  -4.958  1.00 42.09 ? 177 LYS A O   1 
ATOM   1241 C  CB  . LYS A 1 177 ? 3.352   22.248  -5.550  1.00 41.82 ? 177 LYS A CB  1 
ATOM   1242 C  CG  . LYS A 1 177 ? 3.010   23.728  -5.807  1.00 39.69 ? 177 LYS A CG  1 
ATOM   1243 C  CD  . LYS A 1 177 ? 1.522   24.016  -5.544  1.00 39.25 ? 177 LYS A CD  1 
ATOM   1244 C  CE  . LYS A 1 177 ? 1.188   25.515  -5.569  1.00 38.77 ? 177 LYS A CE  1 
ATOM   1245 N  NZ  . LYS A 1 177 ? -0.137  25.817  -4.922  1.00 36.36 ? 177 LYS A NZ  1 
ATOM   1246 N  N   . VAL A 1 178 ? 3.220   19.794  -2.747  1.00 38.74 ? 178 VAL A N   1 
ATOM   1247 C  CA  . VAL A 1 178 ? 3.497   18.392  -2.465  1.00 36.95 ? 178 VAL A CA  1 
ATOM   1248 C  C   . VAL A 1 178 ? 2.190   17.616  -2.619  1.00 34.43 ? 178 VAL A C   1 
ATOM   1249 O  O   . VAL A 1 178 ? 1.156   18.021  -2.091  1.00 32.99 ? 178 VAL A O   1 
ATOM   1250 C  CB  . VAL A 1 178 ? 4.082   18.207  -1.047  1.00 37.78 ? 178 VAL A CB  1 
ATOM   1251 C  CG1 . VAL A 1 178 ? 5.553   18.592  -1.055  1.00 38.75 ? 178 VAL A CG1 1 
ATOM   1252 C  CG2 . VAL A 1 178 ? 3.334   19.076  -0.053  1.00 37.05 ? 178 VAL A CG2 1 
ATOM   1253 N  N   . HIS A 1 179 ? 2.240   16.516  -3.365  1.00 32.06 ? 179 HIS A N   1 
ATOM   1254 C  CA  . HIS A 1 179 ? 1.051   15.704  -3.619  1.00 32.26 ? 179 HIS A CA  1 
ATOM   1255 C  C   . HIS A 1 179 ? 0.397   15.251  -2.311  1.00 30.99 ? 179 HIS A C   1 
ATOM   1256 O  O   . HIS A 1 179 ? 1.068   14.733  -1.420  1.00 29.78 ? 179 HIS A O   1 
ATOM   1257 C  CB  . HIS A 1 179 ? 1.418   14.488  -4.466  1.00 32.85 ? 179 HIS A CB  1 
ATOM   1258 C  CG  . HIS A 1 179 ? 0.253   13.883  -5.185  1.00 34.17 ? 179 HIS A CG  1 
ATOM   1259 N  ND1 . HIS A 1 179 ? -0.106  14.252  -6.464  1.00 34.92 ? 179 HIS A ND1 1 
ATOM   1260 C  CD2 . HIS A 1 179 ? -0.655  12.957  -4.793  1.00 32.92 ? 179 HIS A CD2 1 
ATOM   1261 C  CE1 . HIS A 1 179 ? -1.181  13.580  -6.831  1.00 36.06 ? 179 HIS A CE1 1 
ATOM   1262 N  NE2 . HIS A 1 179 ? -1.537  12.785  -5.832  1.00 35.69 ? 179 HIS A NE2 1 
ATOM   1263 N  N   . VAL A 1 180 ? -0.914  15.438  -2.199  1.00 30.24 ? 180 VAL A N   1 
ATOM   1264 C  CA  . VAL A 1 180 ? -1.596  15.062  -0.975  1.00 31.63 ? 180 VAL A CA  1 
ATOM   1265 C  C   . VAL A 1 180 ? -1.725  13.551  -0.794  1.00 30.64 ? 180 VAL A C   1 
ATOM   1266 O  O   . VAL A 1 180 ? -2.176  13.087  0.253   1.00 31.30 ? 180 VAL A O   1 
ATOM   1267 C  CB  . VAL A 1 180 ? -2.987  15.712  -0.883  1.00 29.32 ? 180 VAL A CB  1 
ATOM   1268 C  CG1 . VAL A 1 180 ? -2.862  17.211  -1.064  1.00 32.04 ? 180 VAL A CG1 1 
ATOM   1269 C  CG2 . VAL A 1 180 ? -3.910  15.113  -1.911  1.00 31.41 ? 180 VAL A CG2 1 
ATOM   1270 N  N   . ALA A 1 181 ? -1.344  12.786  -1.808  1.00 28.92 ? 181 ALA A N   1 
ATOM   1271 C  CA  . ALA A 1 181 ? -1.405  11.331  -1.716  1.00 29.05 ? 181 ALA A CA  1 
ATOM   1272 C  C   . ALA A 1 181 ? -0.005  10.743  -1.818  1.00 29.49 ? 181 ALA A C   1 
ATOM   1273 O  O   . ALA A 1 181 ? 0.157   9.545   -2.016  1.00 31.85 ? 181 ALA A O   1 
ATOM   1274 C  CB  . ALA A 1 181 ? -2.296  10.757  -2.810  1.00 28.41 ? 181 ALA A CB  1 
ATOM   1275 N  N   . GLY A 1 182 ? 1.009   11.593  -1.691  1.00 30.51 ? 182 GLY A N   1 
ATOM   1276 C  CA  . GLY A 1 182 ? 2.378   11.116  -1.756  1.00 32.62 ? 182 GLY A CA  1 
ATOM   1277 C  C   . GLY A 1 182 ? 2.845   10.708  -3.138  1.00 33.70 ? 182 GLY A C   1 
ATOM   1278 O  O   . GLY A 1 182 ? 3.971   10.246  -3.297  1.00 34.23 ? 182 GLY A O   1 
ATOM   1279 N  N   . GLU A 1 183 ? 1.985   10.865  -4.138  1.00 34.67 ? 183 GLU A N   1 
ATOM   1280 C  CA  . GLU A 1 183 ? 2.347   10.517  -5.507  1.00 37.66 ? 183 GLU A CA  1 
ATOM   1281 C  C   . GLU A 1 183 ? 3.681   11.172  -5.889  1.00 39.47 ? 183 GLU A C   1 
ATOM   1282 O  O   . GLU A 1 183 ? 3.821   12.395  -5.843  1.00 41.54 ? 183 GLU A O   1 
ATOM   1283 C  CB  . GLU A 1 183 ? 1.259   10.979  -6.474  1.00 37.71 ? 183 GLU A CB  1 
ATOM   1284 C  CG  . GLU A 1 183 ? 0.589   9.868   -7.245  1.00 39.44 ? 183 GLU A CG  1 
ATOM   1285 C  CD  . GLU A 1 183 ? -0.782  9.504   -6.701  1.00 43.00 ? 183 GLU A CD  1 
ATOM   1286 O  OE1 . GLU A 1 183 ? -1.449  8.638   -7.314  1.00 44.56 ? 183 GLU A OE1 1 
ATOM   1287 O  OE2 . GLU A 1 183 ? -1.208  10.078  -5.672  1.00 45.20 ? 183 GLU A OE2 1 
ATOM   1288 N  N   . GLY A 1 184 ? 4.665   10.355  -6.250  1.00 41.32 ? 184 GLY A N   1 
ATOM   1289 C  CA  . GLY A 1 184 ? 5.955   10.895  -6.637  1.00 42.38 ? 184 GLY A CA  1 
ATOM   1290 C  C   . GLY A 1 184 ? 7.033   10.776  -5.580  1.00 43.04 ? 184 GLY A C   1 
ATOM   1291 O  O   . GLY A 1 184 ? 8.001   11.538  -5.593  1.00 42.39 ? 184 GLY A O   1 
ATOM   1292 N  N   . GLY A 1 185 ? 6.868   9.826   -4.665  1.00 42.81 ? 185 GLY A N   1 
ATOM   1293 C  CA  . GLY A 1 185 ? 7.853   9.631   -3.615  1.00 43.16 ? 185 GLY A CA  1 
ATOM   1294 C  C   . GLY A 1 185 ? 7.759   10.640  -2.486  1.00 44.07 ? 185 GLY A C   1 
ATOM   1295 O  O   . GLY A 1 185 ? 8.634   10.690  -1.619  1.00 44.74 ? 185 GLY A O   1 
ATOM   1296 N  N   . GLU A 1 186 ? 6.702   11.448  -2.499  1.00 43.51 ? 186 GLU A N   1 
ATOM   1297 C  CA  . GLU A 1 186 ? 6.491   12.465  -1.472  1.00 42.90 ? 186 GLU A CA  1 
ATOM   1298 C  C   . GLU A 1 186 ? 6.604   11.804  -0.103  1.00 41.02 ? 186 GLU A C   1 
ATOM   1299 O  O   . GLU A 1 186 ? 7.368   12.252  0.753   1.00 40.32 ? 186 GLU A O   1 
ATOM   1300 C  CB  . GLU A 1 186 ? 5.098   13.086  -1.612  1.00 47.03 ? 186 GLU A CB  1 
ATOM   1301 C  CG  . GLU A 1 186 ? 4.706   13.506  -3.031  1.00 51.25 ? 186 GLU A CG  1 
ATOM   1302 C  CD  . GLU A 1 186 ? 5.449   14.727  -3.510  1.00 54.19 ? 186 GLU A CD  1 
ATOM   1303 O  OE1 . GLU A 1 186 ? 6.692   14.655  -3.641  1.00 55.45 ? 186 GLU A OE1 1 
ATOM   1304 O  OE2 . GLU A 1 186 ? 4.790   15.765  -3.753  1.00 55.27 ? 186 GLU A OE2 1 
ATOM   1305 N  N   . PHE A 1 187 ? 5.817   10.748  0.097   1.00 37.08 ? 187 PHE A N   1 
ATOM   1306 C  CA  . PHE A 1 187 ? 5.831   10.001  1.343   1.00 33.94 ? 187 PHE A CA  1 
ATOM   1307 C  C   . PHE A 1 187 ? 5.297   8.578   1.171   1.00 32.43 ? 187 PHE A C   1 
ATOM   1308 O  O   . PHE A 1 187 ? 4.493   8.305   0.284   1.00 35.16 ? 187 PHE A O   1 
ATOM   1309 C  CB  . PHE A 1 187 ? 5.044   10.736  2.442   1.00 31.71 ? 187 PHE A CB  1 
ATOM   1310 C  CG  . PHE A 1 187 ? 3.576   10.885  2.158   1.00 30.11 ? 187 PHE A CG  1 
ATOM   1311 C  CD1 . PHE A 1 187 ? 3.077   12.048  1.575   1.00 31.01 ? 187 PHE A CD1 1 
ATOM   1312 C  CD2 . PHE A 1 187 ? 2.693   9.860   2.467   1.00 27.54 ? 187 PHE A CD2 1 
ATOM   1313 C  CE1 . PHE A 1 187 ? 1.715   12.186  1.306   1.00 29.63 ? 187 PHE A CE1 1 
ATOM   1314 C  CE2 . PHE A 1 187 ? 1.337   9.985   2.203   1.00 28.50 ? 187 PHE A CE2 1 
ATOM   1315 C  CZ  . PHE A 1 187 ? 0.842   11.151  1.621   1.00 28.36 ? 187 PHE A CZ  1 
ATOM   1316 N  N   . GLU A 1 188 ? 5.768   7.673   2.022   1.00 29.43 ? 188 GLU A N   1 
ATOM   1317 C  CA  . GLU A 1 188 ? 5.367   6.276   1.979   1.00 25.45 ? 188 GLU A CA  1 
ATOM   1318 C  C   . GLU A 1 188 ? 4.438   5.982   3.161   1.00 23.05 ? 188 GLU A C   1 
ATOM   1319 O  O   . GLU A 1 188 ? 4.533   6.623   4.211   1.00 22.55 ? 188 GLU A O   1 
ATOM   1320 C  CB  . GLU A 1 188 ? 6.607   5.396   2.039   1.00 29.06 ? 188 GLU A CB  1 
ATOM   1321 C  CG  . GLU A 1 188 ? 6.352   3.944   1.696   1.00 36.85 ? 188 GLU A CG  1 
ATOM   1322 C  CD  . GLU A 1 188 ? 7.632   3.133   1.650   1.00 40.51 ? 188 GLU A CD  1 
ATOM   1323 O  OE1 . GLU A 1 188 ? 8.636   3.652   1.107   1.00 43.33 ? 188 GLU A OE1 1 
ATOM   1324 O  OE2 . GLU A 1 188 ? 7.631   1.979   2.136   1.00 42.46 ? 188 GLU A OE2 1 
ATOM   1325 N  N   . THR A 1 189 ? 3.546   5.010   2.997   1.00 18.04 ? 189 THR A N   1 
ATOM   1326 C  CA  . THR A 1 189 ? 2.606   4.694   4.058   1.00 15.25 ? 189 THR A CA  1 
ATOM   1327 C  C   . THR A 1 189 ? 2.489   3.206   4.389   1.00 13.60 ? 189 THR A C   1 
ATOM   1328 O  O   . THR A 1 189 ? 2.892   2.340   3.614   1.00 13.48 ? 189 THR A O   1 
ATOM   1329 C  CB  . THR A 1 189 ? 1.190   5.217   3.720   1.00 14.39 ? 189 THR A CB  1 
ATOM   1330 O  OG1 . THR A 1 189 ? 0.658   4.508   2.597   1.00 14.06 ? 189 THR A OG1 1 
ATOM   1331 C  CG2 . THR A 1 189 ? 1.225   6.698   3.398   1.00 16.75 ? 189 THR A CG2 1 
ATOM   1332 N  N   . PHE A 1 190 ? 1.928   2.916   5.554   1.00 11.89 ? 190 PHE A N   1 
ATOM   1333 C  CA  . PHE A 1 190 ? 1.718   1.538   5.971   1.00 11.69 ? 190 PHE A CA  1 
ATOM   1334 C  C   . PHE A 1 190 ? 0.362   1.526   6.672   1.00 11.07 ? 190 PHE A C   1 
ATOM   1335 O  O   . PHE A 1 190 ? 0.112   2.333   7.565   1.00 13.79 ? 190 PHE A O   1 
ATOM   1336 C  CB  . PHE A 1 190 ? 2.864   1.082   6.890   1.00 10.30 ? 190 PHE A CB  1 
ATOM   1337 C  CG  . PHE A 1 190 ? 2.704   -0.318  7.420   1.00 12.57 ? 190 PHE A CG  1 
ATOM   1338 C  CD1 . PHE A 1 190 ? 2.622   -1.410  6.557   1.00 10.27 ? 190 PHE A CD1 1 
ATOM   1339 C  CD2 . PHE A 1 190 ? 2.600   -0.537  8.794   1.00 13.27 ? 190 PHE A CD2 1 
ATOM   1340 C  CE1 . PHE A 1 190 ? 2.435   -2.702  7.056   1.00 11.49 ? 190 PHE A CE1 1 
ATOM   1341 C  CE2 . PHE A 1 190 ? 2.411   -1.825  9.303   1.00 10.74 ? 190 PHE A CE2 1 
ATOM   1342 C  CZ  . PHE A 1 190 ? 2.327   -2.911  8.431   1.00 9.70  ? 190 PHE A CZ  1 
ATOM   1343 N  N   . VAL A 1 191 ? -0.526  0.641   6.221   1.00 12.30 ? 191 VAL A N   1 
ATOM   1344 C  CA  . VAL A 1 191 ? -1.860  0.536   6.796   1.00 10.32 ? 191 VAL A CA  1 
ATOM   1345 C  C   . VAL A 1 191 ? -1.841  -0.361  8.018   1.00 11.34 ? 191 VAL A C   1 
ATOM   1346 O  O   . VAL A 1 191 ? -1.510  -1.550  7.940   1.00 12.38 ? 191 VAL A O   1 
ATOM   1347 C  CB  . VAL A 1 191 ? -2.888  -0.018  5.783   1.00 9.33  ? 191 VAL A CB  1 
ATOM   1348 C  CG1 . VAL A 1 191 ? -4.274  -0.135  6.439   1.00 6.20  ? 191 VAL A CG1 1 
ATOM   1349 C  CG2 . VAL A 1 191 ? -2.960  0.901   4.577   1.00 11.16 ? 191 VAL A CG2 1 
ATOM   1350 N  N   . LEU A 1 192 ? -2.215  0.232   9.146   1.00 11.28 ? 192 LEU A N   1 
ATOM   1351 C  CA  . LEU A 1 192 ? -2.255  -0.460  10.426  1.00 13.69 ? 192 LEU A CA  1 
ATOM   1352 C  C   . LEU A 1 192 ? -3.617  -1.118  10.650  1.00 13.84 ? 192 LEU A C   1 
ATOM   1353 O  O   . LEU A 1 192 ? -3.728  -2.129  11.341  1.00 13.75 ? 192 LEU A O   1 
ATOM   1354 C  CB  . LEU A 1 192 ? -1.984  0.543   11.558  1.00 14.90 ? 192 LEU A CB  1 
ATOM   1355 C  CG  . LEU A 1 192 ? -0.624  1.249   11.673  1.00 14.04 ? 192 LEU A CG  1 
ATOM   1356 C  CD1 . LEU A 1 192 ? -0.652  2.179   12.879  1.00 11.73 ? 192 LEU A CD1 1 
ATOM   1357 C  CD2 . LEU A 1 192 ? 0.487   0.208   11.839  1.00 14.56 ? 192 LEU A CD2 1 
ATOM   1358 N  N   . ASP A 1 193 ? -4.656  -0.528  10.073  1.00 14.60 ? 193 ASP A N   1 
ATOM   1359 C  CA  . ASP A 1 193 ? -5.998  -1.064  10.245  1.00 15.66 ? 193 ASP A CA  1 
ATOM   1360 C  C   . ASP A 1 193 ? -6.914  -0.669  9.110   1.00 18.48 ? 193 ASP A C   1 
ATOM   1361 O  O   . ASP A 1 193 ? -6.763  0.391   8.471   1.00 17.39 ? 193 ASP A O   1 
ATOM   1362 C  CB  . ASP A 1 193 ? -6.605  -0.586  11.560  1.00 12.68 ? 193 ASP A CB  1 
ATOM   1363 C  CG  . ASP A 1 193 ? -7.870  -1.358  11.947  1.00 14.50 ? 193 ASP A CG  1 
ATOM   1364 O  OD1 . ASP A 1 193 ? -8.561  -0.911  12.873  1.00 18.15 ? 193 ASP A OD1 1 
ATOM   1365 O  OD2 . ASP A 1 193 ? -8.169  -2.407  11.344  1.00 15.21 ? 193 ASP A OD2 1 
HETATM 1366 N  N   . MSE A 1 194 ? -7.889  -1.534  8.892   1.00 21.74 ? 194 MSE A N   1 
HETATM 1367 C  CA  . MSE A 1 194 ? -8.862  -1.351  7.843   1.00 26.83 ? 194 MSE A CA  1 
HETATM 1368 C  C   . MSE A 1 194 ? -10.054 -2.252  8.114   1.00 27.17 ? 194 MSE A C   1 
HETATM 1369 O  O   . MSE A 1 194 ? -9.922  -3.282  8.771   1.00 28.10 ? 194 MSE A O   1 
HETATM 1370 C  CB  . MSE A 1 194 ? -8.225  -1.701  6.509   1.00 33.64 ? 194 MSE A CB  1 
HETATM 1371 C  CG  . MSE A 1 194 ? -9.075  -2.588  5.648   1.00 43.57 ? 194 MSE A CG  1 
HETATM 1372 SE SE  . MSE A 1 194 ? -8.304  -2.621  3.978   1.00 54.52 ? 194 MSE A SE  1 
HETATM 1373 C  CE  . MSE A 1 194 ? -7.841  -4.472  3.950   1.00 47.21 ? 194 MSE A CE  1 
ATOM   1374 N  N   . PRO A 1 195 ? -11.233 -1.886  7.592   1.00 28.06 ? 195 PRO A N   1 
ATOM   1375 C  CA  . PRO A 1 195 ? -12.422 -2.712  7.822   1.00 27.47 ? 195 PRO A CA  1 
ATOM   1376 C  C   . PRO A 1 195 ? -12.234 -4.197  7.536   1.00 25.70 ? 195 PRO A C   1 
ATOM   1377 O  O   . PRO A 1 195 ? -12.806 -5.034  8.233   1.00 26.87 ? 195 PRO A O   1 
ATOM   1378 C  CB  . PRO A 1 195 ? -13.483 -2.058  6.930   1.00 29.33 ? 195 PRO A CB  1 
ATOM   1379 C  CG  . PRO A 1 195 ? -12.679 -1.358  5.877   1.00 30.75 ? 195 PRO A CG  1 
ATOM   1380 C  CD  . PRO A 1 195 ? -11.535 -0.788  6.662   1.00 27.78 ? 195 PRO A CD  1 
ATOM   1381 N  N   . LEU A 1 196 ? -11.425 -4.527  6.532   1.00 22.31 ? 196 LEU A N   1 
ATOM   1382 C  CA  . LEU A 1 196 ? -11.184 -5.925  6.214   1.00 17.34 ? 196 LEU A CA  1 
ATOM   1383 C  C   . LEU A 1 196 ? -10.207 -6.613  7.167   1.00 15.76 ? 196 LEU A C   1 
ATOM   1384 O  O   . LEU A 1 196 ? -10.209 -7.832  7.257   1.00 15.49 ? 196 LEU A O   1 
ATOM   1385 C  CB  . LEU A 1 196 ? -10.679 -6.088  4.786   1.00 19.20 ? 196 LEU A CB  1 
ATOM   1386 C  CG  . LEU A 1 196 ? -11.624 -5.759  3.626   1.00 18.30 ? 196 LEU A CG  1 
ATOM   1387 C  CD1 . LEU A 1 196 ? -10.923 -6.161  2.347   1.00 18.13 ? 196 LEU A CD1 1 
ATOM   1388 C  CD2 . LEU A 1 196 ? -12.946 -6.501  3.766   1.00 17.85 ? 196 LEU A CD2 1 
ATOM   1389 N  N   . PHE A 1 197 ? -9.372  -5.853  7.872   1.00 12.58 ? 197 PHE A N   1 
ATOM   1390 C  CA  . PHE A 1 197 ? -8.435  -6.481  8.807   1.00 15.00 ? 197 PHE A CA  1 
ATOM   1391 C  C   . PHE A 1 197 ? -9.215  -7.088  9.960   1.00 15.67 ? 197 PHE A C   1 
ATOM   1392 O  O   . PHE A 1 197 ? -10.031 -6.410  10.585  1.00 18.18 ? 197 PHE A O   1 
ATOM   1393 C  CB  . PHE A 1 197 ? -7.432  -5.478  9.426   1.00 11.14 ? 197 PHE A CB  1 
ATOM   1394 C  CG  . PHE A 1 197 ? -6.284  -5.092  8.533   1.00 10.05 ? 197 PHE A CG  1 
ATOM   1395 C  CD1 . PHE A 1 197 ? -5.149  -4.491  9.087   1.00 10.86 ? 197 PHE A CD1 1 
ATOM   1396 C  CD2 . PHE A 1 197 ? -6.350  -5.252  7.152   1.00 10.83 ? 197 PHE A CD2 1 
ATOM   1397 C  CE1 . PHE A 1 197 ? -4.102  -4.050  8.282   1.00 10.56 ? 197 PHE A CE1 1 
ATOM   1398 C  CE2 . PHE A 1 197 ? -5.300  -4.811  6.329   1.00 9.76  ? 197 PHE A CE2 1 
ATOM   1399 C  CZ  . PHE A 1 197 ? -4.177  -4.209  6.892   1.00 10.14 ? 197 PHE A CZ  1 
ATOM   1400 N  N   . LYS A 1 198 ? -8.971  -8.362  10.237  1.00 17.37 ? 198 LYS A N   1 
ATOM   1401 C  CA  . LYS A 1 198 ? -9.629  -9.023  11.352  1.00 19.84 ? 198 LYS A CA  1 
ATOM   1402 C  C   . LYS A 1 198 ? -8.854  -8.655  12.619  1.00 20.52 ? 198 LYS A C   1 
ATOM   1403 O  O   . LYS A 1 198 ? -9.366  -8.760  13.729  1.00 21.51 ? 198 LYS A O   1 
ATOM   1404 C  CB  . LYS A 1 198 ? -9.659  -10.543 11.133  1.00 22.87 ? 198 LYS A CB  1 
ATOM   1405 C  CG  . LYS A 1 198 ? -10.638 -10.972 10.024  1.00 25.77 ? 198 LYS A CG  1 
ATOM   1406 C  CD  . LYS A 1 198 ? -10.701 -12.491 9.780   1.00 28.67 ? 198 LYS A CD  1 
ATOM   1407 C  CE  . LYS A 1 198 ? -9.553  -13.015 8.911   1.00 30.75 ? 198 LYS A CE  1 
ATOM   1408 N  NZ  . LYS A 1 198 ? -8.256  -13.037 9.648   1.00 31.41 ? 198 LYS A NZ  1 
ATOM   1409 N  N   . TYR A 1 199 ? -7.619  -8.204  12.437  1.00 20.53 ? 199 TYR A N   1 
ATOM   1410 C  CA  . TYR A 1 199 ? -6.787  -7.805  13.556  1.00 21.08 ? 199 TYR A CA  1 
ATOM   1411 C  C   . TYR A 1 199 ? -6.198  -6.425  13.277  1.00 21.78 ? 199 TYR A C   1 
ATOM   1412 O  O   . TYR A 1 199 ? -5.988  -6.039  12.122  1.00 18.39 ? 199 TYR A O   1 
ATOM   1413 C  CB  . TYR A 1 199 ? -5.644  -8.800  13.774  1.00 23.26 ? 199 TYR A CB  1 
ATOM   1414 C  CG  . TYR A 1 199 ? -6.086  -10.206 14.134  1.00 26.01 ? 199 TYR A CG  1 
ATOM   1415 C  CD1 . TYR A 1 199 ? -6.528  -11.100 13.154  1.00 26.99 ? 199 TYR A CD1 1 
ATOM   1416 C  CD2 . TYR A 1 199 ? -6.058  -10.645 15.459  1.00 28.51 ? 199 TYR A CD2 1 
ATOM   1417 C  CE1 . TYR A 1 199 ? -6.928  -12.404 13.490  1.00 29.96 ? 199 TYR A CE1 1 
ATOM   1418 C  CE2 . TYR A 1 199 ? -6.456  -11.942 15.808  1.00 30.77 ? 199 TYR A CE2 1 
ATOM   1419 C  CZ  . TYR A 1 199 ? -6.887  -12.813 14.821  1.00 30.65 ? 199 TYR A CZ  1 
ATOM   1420 O  OH  . TYR A 1 199 ? -7.270  -14.084 15.167  1.00 34.27 ? 199 TYR A OH  1 
ATOM   1421 N  N   . LYS A 1 200 ? -5.941  -5.690  14.349  1.00 20.23 ? 200 LYS A N   1 
ATOM   1422 C  CA  . LYS A 1 200 ? -5.356  -4.370  14.255  1.00 20.37 ? 200 LYS A CA  1 
ATOM   1423 C  C   . LYS A 1 200 ? -3.857  -4.535  14.509  1.00 19.06 ? 200 LYS A C   1 
ATOM   1424 O  O   . LYS A 1 200 ? -3.450  -5.402  15.279  1.00 18.38 ? 200 LYS A O   1 
ATOM   1425 C  CB  . LYS A 1 200 ? -5.997  -3.467  15.305  1.00 22.50 ? 200 LYS A CB  1 
ATOM   1426 C  CG  . LYS A 1 200 ? -5.257  -2.195  15.615  1.00 26.60 ? 200 LYS A CG  1 
ATOM   1427 C  CD  . LYS A 1 200 ? -6.029  -1.406  16.667  1.00 28.87 ? 200 LYS A CD  1 
ATOM   1428 C  CE  . LYS A 1 200 ? -6.097  -2.166  17.987  1.00 31.04 ? 200 LYS A CE  1 
ATOM   1429 N  NZ  . LYS A 1 200 ? -7.199  -1.681  18.869  1.00 30.07 ? 200 LYS A NZ  1 
ATOM   1430 N  N   . ILE A 1 201 ? -3.048  -3.722  13.833  1.00 17.06 ? 201 ILE A N   1 
ATOM   1431 C  CA  . ILE A 1 201 ? -1.598  -3.753  13.985  1.00 15.49 ? 201 ILE A CA  1 
ATOM   1432 C  C   . ILE A 1 201 ? -1.182  -2.593  14.868  1.00 14.52 ? 201 ILE A C   1 
ATOM   1433 O  O   . ILE A 1 201 ? -1.620  -1.464  14.650  1.00 14.71 ? 201 ILE A O   1 
ATOM   1434 C  CB  . ILE A 1 201 ? -0.857  -3.567  12.648  1.00 13.22 ? 201 ILE A CB  1 
ATOM   1435 C  CG1 . ILE A 1 201 ? -1.245  -4.653  11.652  1.00 13.34 ? 201 ILE A CG1 1 
ATOM   1436 C  CG2 . ILE A 1 201 ? 0.651   -3.550  12.895  1.00 12.01 ? 201 ILE A CG2 1 
ATOM   1437 C  CD1 . ILE A 1 201 ? -0.394  -4.612  10.362  1.00 11.00 ? 201 ILE A CD1 1 
ATOM   1438 N  N   . VAL A 1 202 ? -0.322  -2.873  15.844  1.00 13.29 ? 202 VAL A N   1 
ATOM   1439 C  CA  . VAL A 1 202 ? 0.158   -1.859  16.780  1.00 14.70 ? 202 VAL A CA  1 
ATOM   1440 C  C   . VAL A 1 202 ? 1.697   -1.812  16.750  1.00 15.79 ? 202 VAL A C   1 
ATOM   1441 O  O   . VAL A 1 202 ? 2.360   -2.851  16.840  1.00 16.33 ? 202 VAL A O   1 
ATOM   1442 C  CB  . VAL A 1 202 ? -0.389  -2.176  18.221  1.00 15.19 ? 202 VAL A CB  1 
ATOM   1443 C  CG1 . VAL A 1 202 ? 0.186   -1.217  19.260  1.00 12.18 ? 202 VAL A CG1 1 
ATOM   1444 C  CG2 . VAL A 1 202 ? -1.923  -2.079  18.213  1.00 9.44  ? 202 VAL A CG2 1 
ATOM   1445 N  N   . VAL A 1 203 ? 2.259   -0.618  16.571  1.00 15.64 ? 203 VAL A N   1 
ATOM   1446 C  CA  . VAL A 1 203 ? 3.714   -0.460  16.525  1.00 20.78 ? 203 VAL A CA  1 
ATOM   1447 C  C   . VAL A 1 203 ? 4.191   -0.172  17.941  1.00 22.86 ? 203 VAL A C   1 
ATOM   1448 O  O   . VAL A 1 203 ? 3.724   0.774   18.571  1.00 22.09 ? 203 VAL A O   1 
ATOM   1449 C  CB  . VAL A 1 203 ? 4.137   0.705   15.568  1.00 20.70 ? 203 VAL A CB  1 
ATOM   1450 C  CG1 . VAL A 1 203 ? 5.654   0.880   15.580  1.00 18.79 ? 203 VAL A CG1 1 
ATOM   1451 C  CG2 . VAL A 1 203 ? 3.648   0.414   14.144  1.00 18.54 ? 203 VAL A CG2 1 
ATOM   1452 N  N   . ASP A 1 204 ? 5.111   -0.991  18.440  1.00 25.87 ? 204 ASP A N   1 
ATOM   1453 C  CA  . ASP A 1 204 ? 5.617   -0.835  19.804  1.00 30.18 ? 204 ASP A CA  1 
ATOM   1454 C  C   . ASP A 1 204 ? 6.955   -0.110  19.846  1.00 32.69 ? 204 ASP A C   1 
ATOM   1455 O  O   . ASP A 1 204 ? 7.201   0.706   20.733  1.00 34.56 ? 204 ASP A O   1 
ATOM   1456 C  CB  . ASP A 1 204 ? 5.749   -2.213  20.470  1.00 28.26 ? 204 ASP A CB  1 
ATOM   1457 C  CG  . ASP A 1 204 ? 4.428   -2.971  20.514  1.00 29.98 ? 204 ASP A CG  1 
ATOM   1458 O  OD1 . ASP A 1 204 ? 3.464   -2.439  21.102  1.00 28.44 ? 204 ASP A OD1 1 
ATOM   1459 O  OD2 . ASP A 1 204 ? 4.350   -4.096  19.958  1.00 30.94 ? 204 ASP A OD2 1 
ATOM   1460 N  N   . LYS A 1 205 ? 7.820   -0.420  18.887  1.00 35.98 ? 205 LYS A N   1 
ATOM   1461 C  CA  . LYS A 1 205 ? 9.131   0.203   18.814  1.00 37.26 ? 205 LYS A CA  1 
ATOM   1462 C  C   . LYS A 1 205 ? 9.419   0.605   17.372  1.00 37.83 ? 205 LYS A C   1 
ATOM   1463 O  O   . LYS A 1 205 ? 9.260   -0.189  16.443  1.00 37.43 ? 205 LYS A O   1 
ATOM   1464 C  CB  . LYS A 1 205 ? 10.205  -0.765  19.315  1.00 38.02 ? 205 LYS A CB  1 
ATOM   1465 C  CG  . LYS A 1 205 ? 11.540  -0.105  19.619  1.00 37.41 ? 205 LYS A CG  1 
ATOM   1466 C  CD  . LYS A 1 205 ? 12.572  -1.120  20.070  1.00 37.58 ? 205 LYS A CD  1 
ATOM   1467 C  CE  . LYS A 1 205 ? 13.904  -0.453  20.349  1.00 37.21 ? 205 LYS A CE  1 
ATOM   1468 N  NZ  . LYS A 1 205 ? 14.992  -1.444  20.583  1.00 38.72 ? 205 LYS A NZ  1 
ATOM   1469 N  N   . ALA A 1 206 ? 9.846   1.847   17.195  1.00 39.45 ? 206 ALA A N   1 
ATOM   1470 C  CA  . ALA A 1 206 ? 10.144  2.366   15.873  1.00 39.79 ? 206 ALA A CA  1 
ATOM   1471 C  C   . ALA A 1 206 ? 11.306  3.343   15.935  1.00 40.78 ? 206 ALA A C   1 
ATOM   1472 O  O   . ALA A 1 206 ? 11.410  4.146   16.864  1.00 37.08 ? 206 ALA A O   1 
ATOM   1473 C  CB  . ALA A 1 206 ? 8.911   3.056   15.302  1.00 40.81 ? 206 ALA A CB  1 
ATOM   1474 N  N   . LYS A 1 207 ? 12.177  3.268   14.932  1.00 43.11 ? 207 LYS A N   1 
ATOM   1475 C  CA  . LYS A 1 207 ? 13.341  4.147   14.845  1.00 45.29 ? 207 LYS A CA  1 
ATOM   1476 C  C   . LYS A 1 207 ? 13.279  4.949   13.548  1.00 44.89 ? 207 LYS A C   1 
ATOM   1477 O  O   . LYS A 1 207 ? 13.337  4.384   12.458  1.00 44.01 ? 207 LYS A O   1 
ATOM   1478 C  CB  . LYS A 1 207 ? 14.632  3.318   14.881  1.00 47.79 ? 207 LYS A CB  1 
ATOM   1479 C  CG  . LYS A 1 207 ? 15.912  4.144   14.904  1.00 50.50 ? 207 LYS A CG  1 
ATOM   1480 C  CD  . LYS A 1 207 ? 17.148  3.251   14.956  1.00 54.20 ? 207 LYS A CD  1 
ATOM   1481 C  CE  . LYS A 1 207 ? 18.430  4.075   15.041  1.00 55.28 ? 207 LYS A CE  1 
ATOM   1482 N  NZ  . LYS A 1 207 ? 19.641  3.208   15.149  1.00 55.84 ? 207 LYS A NZ  1 
ATOM   1483 N  N   . LYS A 1 208 ? 13.151  6.265   13.675  1.00 45.01 ? 208 LYS A N   1 
ATOM   1484 C  CA  . LYS A 1 208 ? 13.084  7.135   12.510  1.00 45.42 ? 208 LYS A CA  1 
ATOM   1485 C  C   . LYS A 1 208 ? 14.453  7.729   12.221  1.00 44.32 ? 208 LYS A C   1 
ATOM   1486 O  O   . LYS A 1 208 ? 15.072  8.314   13.104  1.00 46.34 ? 208 LYS A O   1 
ATOM   1487 C  CB  . LYS A 1 208 ? 12.082  8.271   12.741  1.00 46.24 ? 208 LYS A CB  1 
ATOM   1488 C  CG  . LYS A 1 208 ? 12.387  9.103   13.967  1.00 47.26 ? 208 LYS A CG  1 
ATOM   1489 C  CD  . LYS A 1 208 ? 11.571  10.388  14.026  1.00 47.73 ? 208 LYS A CD  1 
ATOM   1490 C  CE  . LYS A 1 208 ? 10.087  10.127  14.189  1.00 47.32 ? 208 LYS A CE  1 
ATOM   1491 N  NZ  . LYS A 1 208 ? 9.348   11.398  14.387  1.00 46.12 ? 208 LYS A NZ  1 
ATOM   1492 N  N   . VAL A 1 209 ? 14.930  7.564   10.992  1.00 42.86 ? 209 VAL A N   1 
ATOM   1493 C  CA  . VAL A 1 209 ? 16.220  8.111   10.598  1.00 41.46 ? 209 VAL A CA  1 
ATOM   1494 C  C   . VAL A 1 209 ? 16.031  9.202   9.557   1.00 39.66 ? 209 VAL A C   1 
ATOM   1495 O  O   . VAL A 1 209 ? 15.467  8.956   8.496   1.00 38.89 ? 209 VAL A O   1 
ATOM   1496 C  CB  . VAL A 1 209 ? 17.145  7.028   10.008  1.00 42.70 ? 209 VAL A CB  1 
ATOM   1497 C  CG1 . VAL A 1 209 ? 17.595  6.083   11.098  1.00 42.50 ? 209 VAL A CG1 1 
ATOM   1498 C  CG2 . VAL A 1 209 ? 16.419  6.264   8.921   1.00 43.60 ? 209 VAL A CG2 1 
ATOM   1499 N  N   . PRO A 1 212 ? 18.503  16.990  8.722   1.00 68.21 ? 212 PRO A N   1 
ATOM   1500 C  CA  . PRO A 1 212 ? 18.348  16.458  7.366   1.00 67.74 ? 212 PRO A CA  1 
ATOM   1501 C  C   . PRO A 1 212 ? 18.534  17.516  6.281   1.00 67.25 ? 212 PRO A C   1 
ATOM   1502 O  O   . PRO A 1 212 ? 17.679  18.386  6.089   1.00 66.98 ? 212 PRO A O   1 
ATOM   1503 C  CB  . PRO A 1 212 ? 16.936  15.889  7.385   1.00 68.00 ? 212 PRO A CB  1 
ATOM   1504 C  CG  . PRO A 1 212 ? 16.220  16.837  8.294   1.00 69.03 ? 212 PRO A CG  1 
ATOM   1505 C  CD  . PRO A 1 212 ? 17.212  16.991  9.431   1.00 69.34 ? 212 PRO A CD  1 
ATOM   1506 N  N   . CYS A 1 213 ? 19.658  17.429  5.573   1.00 66.22 ? 213 CYS A N   1 
ATOM   1507 C  CA  . CYS A 1 213 ? 19.979  18.360  4.494   1.00 65.24 ? 213 CYS A CA  1 
ATOM   1508 C  C   . CYS A 1 213 ? 18.950  18.262  3.363   1.00 65.32 ? 213 CYS A C   1 
ATOM   1509 O  O   . CYS A 1 213 ? 18.404  19.278  2.916   1.00 65.29 ? 213 CYS A O   1 
ATOM   1510 C  CB  . CYS A 1 213 ? 21.380  18.067  3.954   1.00 64.70 ? 213 CYS A CB  1 
ATOM   1511 S  SG  . CYS A 1 213 ? 21.585  16.395  3.294   1.00 62.35 ? 213 CYS A SG  1 
ATOM   1512 N  N   . THR A 1 214 ? 18.698  17.039  2.895   1.00 65.18 ? 214 THR A N   1 
ATOM   1513 C  CA  . THR A 1 214 ? 17.712  16.816  1.840   1.00 63.17 ? 214 THR A CA  1 
ATOM   1514 C  C   . THR A 1 214 ? 16.354  16.767  2.519   1.00 62.38 ? 214 THR A C   1 
ATOM   1515 O  O   . THR A 1 214 ? 16.038  17.599  3.371   1.00 64.00 ? 214 THR A O   1 
ATOM   1516 C  CB  . THR A 1 214 ? 17.930  15.471  1.100   1.00 61.63 ? 214 THR A CB  1 
ATOM   1517 O  OG1 . THR A 1 214 ? 17.621  14.383  1.979   1.00 60.38 ? 214 THR A OG1 1 
ATOM   1518 C  CG2 . THR A 1 214 ? 19.365  15.342  0.628   1.00 61.74 ? 214 THR A CG2 1 
ATOM   1519 N  N   . SER A 1 215 ? 15.548  15.789  2.147   1.00 59.87 ? 215 SER A N   1 
ATOM   1520 C  CA  . SER A 1 215 ? 14.235  15.650  2.751   1.00 58.90 ? 215 SER A CA  1 
ATOM   1521 C  C   . SER A 1 215 ? 13.880  14.178  2.740   1.00 57.82 ? 215 SER A C   1 
ATOM   1522 O  O   . SER A 1 215 ? 12.709  13.794  2.722   1.00 59.08 ? 215 SER A O   1 
ATOM   1523 C  CB  . SER A 1 215 ? 13.211  16.467  1.968   1.00 58.65 ? 215 SER A CB  1 
ATOM   1524 O  OG  . SER A 1 215 ? 13.309  16.196  0.580   1.00 57.65 ? 215 SER A OG  1 
ATOM   1525 N  N   . SER A 1 216 ? 14.926  13.363  2.737   1.00 56.30 ? 216 SER A N   1 
ATOM   1526 C  CA  . SER A 1 216 ? 14.786  11.925  2.749   1.00 54.82 ? 216 SER A CA  1 
ATOM   1527 C  C   . SER A 1 216 ? 14.703  11.461  4.199   1.00 53.82 ? 216 SER A C   1 
ATOM   1528 O  O   . SER A 1 216 ? 15.417  11.966  5.071   1.00 52.83 ? 216 SER A O   1 
ATOM   1529 C  CB  . SER A 1 216 ? 15.984  11.276  2.047   1.00 54.76 ? 216 SER A CB  1 
ATOM   1530 O  OG  . SER A 1 216 ? 17.200  11.611  2.694   1.00 55.19 ? 216 SER A OG  1 
ATOM   1531 N  N   . GLY A 1 217 ? 13.816  10.504  4.450   1.00 50.76 ? 217 GLY A N   1 
ATOM   1532 C  CA  . GLY A 1 217 ? 13.649  9.987   5.793   1.00 47.82 ? 217 GLY A CA  1 
ATOM   1533 C  C   . GLY A 1 217 ? 12.764  8.757   5.811   1.00 46.41 ? 217 GLY A C   1 
ATOM   1534 O  O   . GLY A 1 217 ? 11.764  8.700   5.099   1.00 45.28 ? 217 GLY A O   1 
ATOM   1535 N  N   . LYS A 1 218 ? 13.140  7.773   6.626   1.00 45.85 ? 218 LYS A N   1 
ATOM   1536 C  CA  . LYS A 1 218 ? 12.389  6.536   6.751   1.00 44.51 ? 218 LYS A CA  1 
ATOM   1537 C  C   . LYS A 1 218 ? 12.157  6.138   8.196   1.00 43.26 ? 218 LYS A C   1 
ATOM   1538 O  O   . LYS A 1 218 ? 12.964  6.447   9.081   1.00 42.73 ? 218 LYS A O   1 
ATOM   1539 C  CB  . LYS A 1 218 ? 13.108  5.386   6.038   1.00 46.30 ? 218 LYS A CB  1 
ATOM   1540 C  CG  . LYS A 1 218 ? 12.935  5.371   4.523   1.00 48.82 ? 218 LYS A CG  1 
ATOM   1541 C  CD  . LYS A 1 218 ? 13.638  4.176   3.865   1.00 49.86 ? 218 LYS A CD  1 
ATOM   1542 C  CE  . LYS A 1 218 ? 13.076  2.815   4.315   1.00 50.93 ? 218 LYS A CE  1 
ATOM   1543 N  NZ  . LYS A 1 218 ? 11.658  2.526   3.915   1.00 49.28 ? 218 LYS A NZ  1 
ATOM   1544 N  N   . LEU A 1 219 ? 11.041  5.446   8.421   1.00 40.59 ? 219 LEU A N   1 
ATOM   1545 C  CA  . LEU A 1 219 ? 10.674  4.959   9.746   1.00 38.66 ? 219 LEU A CA  1 
ATOM   1546 C  C   . LEU A 1 219 ? 10.876  3.451   9.765   1.00 36.53 ? 219 LEU A C   1 
ATOM   1547 O  O   . LEU A 1 219 ? 10.259  2.727   8.987   1.00 35.47 ? 219 LEU A O   1 
ATOM   1548 C  CB  . LEU A 1 219 ? 9.207   5.271   10.047  1.00 40.17 ? 219 LEU A CB  1 
ATOM   1549 C  CG  . LEU A 1 219 ? 8.740   4.882   11.452  1.00 41.18 ? 219 LEU A CG  1 
ATOM   1550 C  CD1 . LEU A 1 219 ? 9.389   5.808   12.475  1.00 41.37 ? 219 LEU A CD1 1 
ATOM   1551 C  CD2 . LEU A 1 219 ? 7.229   4.983   11.546  1.00 39.76 ? 219 LEU A CD2 1 
ATOM   1552 N  N   . ILE A 1 220 ? 11.748  2.975   10.647  1.00 35.45 ? 220 ILE A N   1 
ATOM   1553 C  CA  . ILE A 1 220 ? 12.002  1.542   10.755  1.00 34.88 ? 220 ILE A CA  1 
ATOM   1554 C  C   . ILE A 1 220 ? 11.215  0.956   11.938  1.00 34.41 ? 220 ILE A C   1 
ATOM   1555 O  O   . ILE A 1 220 ? 11.508  1.246   13.101  1.00 35.60 ? 220 ILE A O   1 
ATOM   1556 C  CB  . ILE A 1 220 ? 13.526  1.243   10.935  1.00 34.11 ? 220 ILE A CB  1 
ATOM   1557 C  CG1 . ILE A 1 220 ? 14.327  1.832   9.767   1.00 35.11 ? 220 ILE A CG1 1 
ATOM   1558 C  CG2 . ILE A 1 220 ? 13.758  -0.256  10.978  1.00 33.70 ? 220 ILE A CG2 1 
ATOM   1559 C  CD1 . ILE A 1 220 ? 15.836  1.671   9.897   1.00 37.21 ? 220 ILE A CD1 1 
ATOM   1560 N  N   . ILE A 1 221 ? 10.200  0.152   11.629  1.00 31.96 ? 221 ILE A N   1 
ATOM   1561 C  CA  . ILE A 1 221 ? 9.379   -0.488  12.654  1.00 30.16 ? 221 ILE A CA  1 
ATOM   1562 C  C   . ILE A 1 221 ? 10.195  -1.656  13.227  1.00 29.66 ? 221 ILE A C   1 
ATOM   1563 O  O   . ILE A 1 221 ? 10.490  -2.625  12.524  1.00 27.57 ? 221 ILE A O   1 
ATOM   1564 C  CB  . ILE A 1 221 ? 8.038   -0.984  12.040  1.00 28.60 ? 221 ILE A CB  1 
ATOM   1565 C  CG1 . ILE A 1 221 ? 7.288   0.211   11.445  1.00 27.19 ? 221 ILE A CG1 1 
ATOM   1566 C  CG2 . ILE A 1 221 ? 7.158   -1.648  13.106  1.00 26.35 ? 221 ILE A CG2 1 
ATOM   1567 C  CD1 . ILE A 1 221 ? 6.095   -0.164  10.600  1.00 27.40 ? 221 ILE A CD1 1 
ATOM   1568 N  N   . GLU A 1 222 ? 10.580  -1.538  14.495  1.00 30.01 ? 222 GLU A N   1 
ATOM   1569 C  CA  . GLU A 1 222 ? 11.386  -2.562  15.158  1.00 30.85 ? 222 GLU A CA  1 
ATOM   1570 C  C   . GLU A 1 222 ? 10.534  -3.639  15.818  1.00 28.45 ? 222 GLU A C   1 
ATOM   1571 O  O   . GLU A 1 222 ? 10.856  -4.822  15.739  1.00 28.95 ? 222 GLU A O   1 
ATOM   1572 C  CB  . GLU A 1 222 ? 12.306  -1.908  16.198  1.00 31.73 ? 222 GLU A CB  1 
ATOM   1573 C  CG  . GLU A 1 222 ? 13.118  -0.756  15.623  1.00 36.53 ? 222 GLU A CG  1 
ATOM   1574 C  CD  . GLU A 1 222 ? 14.361  -0.426  16.428  1.00 39.01 ? 222 GLU A CD  1 
ATOM   1575 O  OE1 . GLU A 1 222 ? 15.383  -1.132  16.277  1.00 40.32 ? 222 GLU A OE1 1 
ATOM   1576 O  OE2 . GLU A 1 222 ? 14.312  0.537   17.223  1.00 41.28 ? 222 GLU A OE2 1 
ATOM   1577 N  N   . GLU A 1 223 ? 9.451   -3.216  16.466  1.00 27.88 ? 223 GLU A N   1 
ATOM   1578 C  CA  . GLU A 1 223 ? 8.534   -4.122  17.147  1.00 28.09 ? 223 GLU A CA  1 
ATOM   1579 C  C   . GLU A 1 223 ? 7.082   -3.727  16.888  1.00 26.35 ? 223 GLU A C   1 
ATOM   1580 O  O   . GLU A 1 223 ? 6.730   -2.551  16.953  1.00 27.58 ? 223 GLU A O   1 
ATOM   1581 C  CB  . GLU A 1 223 ? 8.773   -4.103  18.663  1.00 30.07 ? 223 GLU A CB  1 
ATOM   1582 C  CG  . GLU A 1 223 ? 10.215  -4.287  19.111  1.00 33.56 ? 223 GLU A CG  1 
ATOM   1583 C  CD  . GLU A 1 223 ? 10.347  -4.338  20.633  1.00 37.36 ? 223 GLU A CD  1 
ATOM   1584 O  OE1 . GLU A 1 223 ? 9.674   -3.537  21.325  1.00 38.71 ? 223 GLU A OE1 1 
ATOM   1585 O  OE2 . GLU A 1 223 ? 11.135  -5.168  21.138  1.00 38.88 ? 223 GLU A OE2 1 
ATOM   1586 N  N   . ALA A 1 224 ? 6.245   -4.723  16.606  1.00 25.05 ? 224 ALA A N   1 
ATOM   1587 C  CA  . ALA A 1 224 ? 4.815   -4.518  16.351  1.00 22.76 ? 224 ALA A CA  1 
ATOM   1588 C  C   . ALA A 1 224 ? 4.077   -5.821  16.629  1.00 21.38 ? 224 ALA A C   1 
ATOM   1589 O  O   . ALA A 1 224 ? 4.685   -6.889  16.622  1.00 22.86 ? 224 ALA A O   1 
ATOM   1590 C  CB  . ALA A 1 224 ? 4.590   -4.103  14.896  1.00 19.63 ? 224 ALA A CB  1 
ATOM   1591 N  N   . HIS A 1 225 ? 2.771   -5.732  16.867  1.00 20.97 ? 225 HIS A N   1 
ATOM   1592 C  CA  . HIS A 1 225 ? 1.960   -6.914  17.126  1.00 18.62 ? 225 HIS A CA  1 
ATOM   1593 C  C   . HIS A 1 225 ? 0.520   -6.680  16.682  1.00 19.06 ? 225 HIS A C   1 
ATOM   1594 O  O   . HIS A 1 225 ? 0.115   -5.543  16.435  1.00 19.33 ? 225 HIS A O   1 
ATOM   1595 C  CB  . HIS A 1 225 ? 1.963   -7.267  18.622  1.00 17.93 ? 225 HIS A CB  1 
ATOM   1596 C  CG  . HIS A 1 225 ? 1.165   -6.324  19.473  1.00 19.24 ? 225 HIS A CG  1 
ATOM   1597 N  ND1 . HIS A 1 225 ? 1.689   -5.159  19.994  1.00 20.71 ? 225 HIS A ND1 1 
ATOM   1598 C  CD2 . HIS A 1 225 ? -0.119  -6.384  19.902  1.00 17.99 ? 225 HIS A CD2 1 
ATOM   1599 C  CE1 . HIS A 1 225 ? 0.765   -4.547  20.713  1.00 19.78 ? 225 HIS A CE1 1 
ATOM   1600 N  NE2 . HIS A 1 225 ? -0.341  -5.267  20.675  1.00 17.95 ? 225 HIS A NE2 1 
ATOM   1601 N  N   . LEU A 1 226 ? -0.237  -7.771  16.600  1.00 18.87 ? 226 LEU A N   1 
ATOM   1602 C  CA  . LEU A 1 226 ? -1.644  -7.756  16.212  1.00 21.72 ? 226 LEU A CA  1 
ATOM   1603 C  C   . LEU A 1 226 ? -2.549  -7.848  17.447  1.00 23.07 ? 226 LEU A C   1 
ATOM   1604 O  O   . LEU A 1 226 ? -2.285  -8.627  18.364  1.00 23.50 ? 226 LEU A O   1 
ATOM   1605 C  CB  . LEU A 1 226 ? -1.959  -8.947  15.293  1.00 19.63 ? 226 LEU A CB  1 
ATOM   1606 C  CG  . LEU A 1 226 ? -1.291  -9.026  13.912  1.00 21.70 ? 226 LEU A CG  1 
ATOM   1607 C  CD1 . LEU A 1 226 ? -1.759  -10.275 13.199  1.00 21.59 ? 226 LEU A CD1 1 
ATOM   1608 C  CD2 . LEU A 1 226 ? -1.638  -7.802  13.082  1.00 19.28 ? 226 LEU A CD2 1 
ATOM   1609 N  N   . GLU A 1 227 ? -3.610  -7.048  17.472  1.00 24.51 ? 227 GLU A N   1 
ATOM   1610 C  CA  . GLU A 1 227 ? -4.566  -7.084  18.578  1.00 26.24 ? 227 GLU A CA  1 
ATOM   1611 C  C   . GLU A 1 227 ? -5.920  -7.456  18.022  1.00 25.87 ? 227 GLU A C   1 
ATOM   1612 O  O   . GLU A 1 227 ? -6.394  -6.860  17.061  1.00 24.34 ? 227 GLU A O   1 
ATOM   1613 C  CB  . GLU A 1 227 ? -4.641  -5.737  19.290  1.00 26.33 ? 227 GLU A CB  1 
ATOM   1614 C  CG  . GLU A 1 227 ? -3.593  -5.590  20.360  1.00 29.23 ? 227 GLU A CG  1 
ATOM   1615 C  CD  . GLU A 1 227 ? -3.667  -4.261  21.057  1.00 31.79 ? 227 GLU A CD  1 
ATOM   1616 O  OE1 . GLU A 1 227 ? -4.797  -3.756  21.237  1.00 32.65 ? 227 GLU A OE1 1 
ATOM   1617 O  OE2 . GLU A 1 227 ? -2.597  -3.730  21.437  1.00 32.99 ? 227 GLU A OE2 1 
ATOM   1618 N  N   . SER A 1 228 ? -6.527  -8.462  18.636  1.00 27.70 ? 228 SER A N   1 
ATOM   1619 C  CA  . SER A 1 228 ? -7.819  -8.969  18.211  1.00 30.47 ? 228 SER A CA  1 
ATOM   1620 C  C   . SER A 1 228 ? -8.918  -7.916  18.113  1.00 30.65 ? 228 SER A C   1 
ATOM   1621 O  O   . SER A 1 228 ? -9.030  -7.050  18.970  1.00 31.04 ? 228 SER A O   1 
ATOM   1622 C  CB  . SER A 1 228 ? -8.265  -10.090 19.157  1.00 32.01 ? 228 SER A CB  1 
ATOM   1623 O  OG  . SER A 1 228 ? -7.351  -11.177 19.133  1.00 33.58 ? 228 SER A OG  1 
ATOM   1624 N  N   . LYS A 1 229 ? -9.714  -7.993  17.050  1.00 31.44 ? 229 LYS A N   1 
ATOM   1625 C  CA  . LYS A 1 229 ? -10.833 -7.082  16.849  1.00 34.09 ? 229 LYS A CA  1 
ATOM   1626 C  C   . LYS A 1 229 ? -12.106 -7.936  16.909  1.00 36.03 ? 229 LYS A C   1 
ATOM   1627 O  O   . LYS A 1 229 ? -12.090 -9.105  16.510  1.00 37.50 ? 229 LYS A O   1 
ATOM   1628 C  CB  . LYS A 1 229 ? -10.751 -6.396  15.476  1.00 33.07 ? 229 LYS A CB  1 
ATOM   1629 C  CG  . LYS A 1 229 ? -9.597  -5.415  15.279  1.00 31.38 ? 229 LYS A CG  1 
ATOM   1630 C  CD  . LYS A 1 229 ? -9.465  -4.988  13.805  1.00 29.72 ? 229 LYS A CD  1 
ATOM   1631 C  CE  . LYS A 1 229 ? -10.733 -4.313  13.275  1.00 28.91 ? 229 LYS A CE  1 
ATOM   1632 N  NZ  . LYS A 1 229 ? -10.687 -4.003  11.817  1.00 23.30 ? 229 LYS A NZ  1 
ATOM   1633 N  N   . LEU A 1 230 ? -13.194 -7.354  17.415  1.00 37.65 ? 230 LEU A N   1 
ATOM   1634 C  CA  . LEU A 1 230 ? -14.492 -8.039  17.524  1.00 39.00 ? 230 LEU A CA  1 
ATOM   1635 C  C   . LEU A 1 230 ? -15.392 -7.730  16.329  1.00 39.84 ? 230 LEU A C   1 
ATOM   1636 O  O   . LEU A 1 230 ? -16.322 -6.913  16.418  1.00 42.65 ? 230 LEU A O   1 
ATOM   1637 C  CB  . LEU A 1 230 ? -15.198 -7.634  18.815  1.00 37.96 ? 230 LEU A CB  1 
ATOM   1638 C  CG  . LEU A 1 230 ? -14.686 -8.397  20.034  1.00 36.16 ? 230 LEU A CG  1 
ATOM   1639 C  CD1 . LEU A 1 230 ? -15.018 -9.874  19.863  1.00 34.66 ? 230 LEU A CD1 1 
ATOM   1640 C  CD2 . LEU A 1 230 ? -13.179 -8.189  20.193  1.00 34.55 ? 230 LEU A CD2 1 
ATOM   1641 N  N   . GLU A 1 231 ? -15.114 -8.413  15.223  1.00 39.71 ? 231 GLU A N   1 
ATOM   1642 C  CA  . GLU A 1 231 ? -15.850 -8.217  13.986  1.00 40.25 ? 231 GLU A CA  1 
ATOM   1643 C  C   . GLU A 1 231 ? -16.307 -9.524  13.339  1.00 40.72 ? 231 GLU A C   1 
ATOM   1644 O  O   . GLU A 1 231 ? -16.414 -10.554 14.009  1.00 41.05 ? 231 GLU A O   1 
ATOM   1645 C  CB  . GLU A 1 231 ? -14.986 -7.402  12.999  1.00 41.17 ? 231 GLU A CB  1 
ATOM   1646 C  CG  . GLU A 1 231 ? -13.571 -7.947  12.697  1.00 39.38 ? 231 GLU A CG  1 
ATOM   1647 C  CD  . GLU A 1 231 ? -13.519 -8.795  11.418  1.00 40.64 ? 231 GLU A CD  1 
ATOM   1648 O  OE1 . GLU A 1 231 ? -13.864 -9.996  11.487  1.00 38.14 ? 231 GLU A OE1 1 
ATOM   1649 O  OE2 . GLU A 1 231 ? -13.136 -8.258  10.346  1.00 41.98 ? 231 GLU A OE2 1 
HETATM 1650 O  O   . HOH B 2 .   ? -11.445 11.513  -8.757  1.00 25.96 ? 301 HOH A O   1 
HETATM 1651 O  O   . HOH B 2 .   ? -5.513  6.994   8.608   1.00 15.96 ? 302 HOH A O   1 
HETATM 1652 O  O   . HOH B 2 .   ? -7.512  -3.928  21.090  1.00 49.92 ? 303 HOH A O   1 
HETATM 1653 O  O   . HOH B 2 .   ? -11.373 -11.992 -12.794 1.00 16.00 ? 304 HOH A O   1 
HETATM 1654 O  O   . HOH B 2 .   ? -8.405  14.907  12.936  1.00 39.67 ? 305 HOH A O   1 
HETATM 1655 O  O   . HOH B 2 .   ? -14.882 6.233   9.248   1.00 49.07 ? 306 HOH A O   1 
HETATM 1656 O  O   . HOH B 2 .   ? -6.903  -15.480 9.610   1.00 43.74 ? 307 HOH A O   1 
HETATM 1657 O  O   . HOH B 2 .   ? -4.106  8.327   -7.080  1.00 37.48 ? 308 HOH A O   1 
HETATM 1658 O  O   . HOH B 2 .   ? 7.777   -5.799  4.098   1.00 50.81 ? 309 HOH A O   1 
HETATM 1659 O  O   . HOH B 2 .   ? -16.608 -13.237 14.389  1.00 45.38 ? 310 HOH A O   1 
HETATM 1660 O  O   . HOH B 2 .   ? -13.480 -12.864 15.872  1.00 33.97 ? 311 HOH A O   1 
HETATM 1661 O  O   . HOH B 2 .   ? -11.931 -12.809 -1.777  1.00 23.26 ? 312 HOH A O   1 
HETATM 1662 O  O   . HOH B 2 .   ? 14.486  -3.589  8.303   1.00 51.82 ? 313 HOH A O   1 
HETATM 1663 O  O   . HOH B 2 .   ? -9.688  6.686   8.839   1.00 21.80 ? 314 HOH A O   1 
HETATM 1664 O  O   . HOH B 2 .   ? 4.493   16.812  11.311  1.00 61.44 ? 315 HOH A O   1 
HETATM 1665 O  O   . HOH B 2 .   ? 14.101  14.242  5.686   1.00 60.93 ? 316 HOH A O   1 
HETATM 1666 O  O   . HOH B 2 .   ? -9.406  -4.043  -16.902 1.00 43.80 ? 317 HOH A O   1 
HETATM 1667 O  O   . HOH B 2 .   ? -0.827  -7.476  22.816  1.00 33.15 ? 318 HOH A O   1 
HETATM 1668 O  O   . HOH B 2 .   ? -11.192 -11.488 16.428  1.00 38.17 ? 319 HOH A O   1 
HETATM 1669 O  O   . HOH B 2 .   ? -6.177  22.433  4.719   1.00 46.07 ? 320 HOH A O   1 
HETATM 1670 O  O   . HOH B 2 .   ? -8.250  2.185   -14.475 1.00 36.60 ? 321 HOH A O   1 
HETATM 1671 O  O   . HOH B 2 .   ? 10.981  -10.274 3.380   1.00 45.86 ? 322 HOH A O   1 
HETATM 1672 O  O   . HOH B 2 .   ? 0.833   1.588   16.422  1.00 26.92 ? 323 HOH A O   1 
HETATM 1673 O  O   . HOH B 2 .   ? -11.217 -4.382  20.368  1.00 62.42 ? 324 HOH A O   1 
HETATM 1674 O  O   . HOH B 2 .   ? -3.582  10.359  14.761  1.00 51.00 ? 325 HOH A O   1 
HETATM 1675 O  O   . HOH B 2 .   ? -14.874 10.799  0.231   1.00 49.19 ? 326 HOH A O   1 
HETATM 1676 O  O   . HOH B 2 .   ? -2.727  -5.809  -19.781 1.00 30.72 ? 327 HOH A O   1 
HETATM 1677 O  O   . HOH B 2 .   ? 20.328  -6.329  1.121   1.00 31.23 ? 328 HOH A O   1 
HETATM 1678 O  O   . HOH B 2 .   ? -6.366  -18.509 -1.720  1.00 28.77 ? 329 HOH A O   1 
HETATM 1679 O  O   . HOH B 2 .   ? 2.367   -2.110  -21.626 1.00 38.35 ? 330 HOH A O   1 
HETATM 1680 O  O   . HOH B 2 .   ? 1.890   4.925   -0.011  1.00 28.10 ? 331 HOH A O   1 
HETATM 1681 O  O   . HOH B 2 .   ? 4.008   0.660   0.421   1.00 41.19 ? 332 HOH A O   1 
HETATM 1682 O  O   . HOH B 2 .   ? 0.839   0.871   -1.238  1.00 16.93 ? 333 HOH A O   1 
HETATM 1683 O  O   . HOH B 2 .   ? 2.909   2.789   -2.340  1.00 34.94 ? 334 HOH A O   1 
HETATM 1684 O  O   . HOH B 2 .   ? 4.377   -6.380  -5.022  1.00 32.08 ? 335 HOH A O   1 
HETATM 1685 O  O   . HOH B 2 .   ? 5.760   -1.294  3.654   1.00 45.19 ? 336 HOH A O   1 
HETATM 1686 O  O   . HOH B 2 .   ? -8.235  -20.103 -7.992  1.00 33.66 ? 337 HOH A O   1 
HETATM 1687 O  O   . HOH B 2 .   ? -11.944 -20.062 -7.924  1.00 30.90 ? 338 HOH A O   1 
HETATM 1688 O  O   . HOH B 2 .   ? 8.920   -2.566  4.372   1.00 43.14 ? 339 HOH A O   1 
HETATM 1689 O  O   . HOH B 2 .   ? -5.103  -18.438 4.427   1.00 30.11 ? 340 HOH A O   1 
HETATM 1690 O  O   . HOH B 2 .   ? -9.190  20.137  -6.480  1.00 41.70 ? 341 HOH A O   1 
HETATM 1691 O  O   . HOH B 2 .   ? -14.603 14.418  -1.931  1.00 35.86 ? 342 HOH A O   1 
HETATM 1692 O  O   . HOH B 2 .   ? -16.199 8.491   0.444   1.00 37.67 ? 343 HOH A O   1 
HETATM 1693 O  O   . HOH B 2 .   ? -6.353  17.080  -5.581  1.00 42.65 ? 344 HOH A O   1 
HETATM 1694 O  O   . HOH B 2 .   ? -13.041 8.505   10.215  1.00 36.77 ? 345 HOH A O   1 
HETATM 1695 O  O   . HOH B 2 .   ? -18.170 3.874   5.059   1.00 51.52 ? 346 HOH A O   1 
HETATM 1696 O  O   . HOH B 2 .   ? -2.076  -1.476  22.604  1.00 39.60 ? 347 HOH A O   1 
HETATM 1697 O  O   . HOH B 2 .   ? -2.734  0.642   15.748  1.00 31.35 ? 348 HOH A O   1 
HETATM 1698 O  O   . HOH B 2 .   ? -8.219  -4.901  18.600  1.00 18.96 ? 349 HOH A O   1 
HETATM 1699 O  O   . HOH B 2 .   ? 2.356   4.626   -8.685  1.00 32.89 ? 350 HOH A O   1 
HETATM 1700 O  O   . HOH B 2 .   ? 0.630   3.282   -1.288  1.00 31.28 ? 351 HOH A O   1 
HETATM 1701 O  O   . HOH B 2 .   ? 19.391  -10.068 -8.087  1.00 46.53 ? 352 HOH A O   1 
HETATM 1702 O  O   . HOH B 2 .   ? -9.790  -10.504 -14.235 1.00 21.52 ? 353 HOH A O   1 
HETATM 1703 O  O   . HOH B 2 .   ? -1.225  28.620  0.682   1.00 48.46 ? 354 HOH A O   1 
HETATM 1704 O  O   . HOH B 2 .   ? 16.864  -5.956  -8.118  1.00 34.92 ? 355 HOH A O   1 
HETATM 1705 O  O   . HOH B 2 .   ? -0.629  -16.873 -17.263 1.00 22.73 ? 356 HOH A O   1 
HETATM 1706 O  O   . HOH B 2 .   ? -8.442  -0.214  -14.008 1.00 43.82 ? 357 HOH A O   1 
HETATM 1707 O  O   . HOH B 2 .   ? 1.717   28.318  -7.321  1.00 32.59 ? 358 HOH A O   1 
HETATM 1708 O  O   . HOH B 2 .   ? -7.771  -5.867  -18.807 1.00 41.90 ? 359 HOH A O   1 
HETATM 1709 O  O   . HOH B 2 .   ? 1.860   -7.558  22.526  1.00 29.22 ? 360 HOH A O   1 
HETATM 1710 O  O   . HOH B 2 .   ? 3.761   3.317   0.157   1.00 52.67 ? 361 HOH A O   1 
HETATM 1711 O  O   . HOH B 2 .   ? 17.475  -9.894  13.534  1.00 22.24 ? 362 HOH A O   1 
HETATM 1712 O  O   . HOH B 2 .   ? 21.669  -13.797 -5.577  1.00 36.20 ? 363 HOH A O   1 
HETATM 1713 O  O   . HOH B 2 .   ? -2.397  -8.902  21.535  1.00 30.77 ? 364 HOH A O   1 
HETATM 1714 O  O   . HOH B 2 .   ? -7.533  -13.962 -17.908 1.00 28.27 ? 365 HOH A O   1 
HETATM 1715 O  O   . HOH B 2 .   ? -9.811  -10.259 5.474   1.00 25.16 ? 366 HOH A O   1 
HETATM 1716 O  O   . HOH B 2 .   ? -7.457  2.554   -18.140 1.00 44.45 ? 367 HOH A O   1 
HETATM 1717 O  O   . HOH B 2 .   ? -17.723 -7.662  1.401   1.00 48.55 ? 368 HOH A O   1 
HETATM 1718 O  O   . HOH B 2 .   ? -4.905  -7.029  -20.243 1.00 45.21 ? 369 HOH A O   1 
HETATM 1719 O  O   . HOH B 2 .   ? -11.326 3.923   -7.996  1.00 41.92 ? 370 HOH A O   1 
HETATM 1720 O  O   . HOH B 2 .   ? -4.345  20.930  -1.918  1.00 53.28 ? 371 HOH A O   1 
HETATM 1721 O  O   . HOH B 2 .   ? -12.156 -22.239 -12.390 1.00 38.39 ? 372 HOH A O   1 
HETATM 1722 O  O   . HOH B 2 .   ? -5.728  14.909  -8.299  1.00 46.55 ? 373 HOH A O   1 
HETATM 1723 O  O   . HOH B 2 .   ? 14.847  -6.055  -15.016 1.00 43.89 ? 374 HOH A O   1 
HETATM 1724 O  O   . HOH B 2 .   ? -1.347  -4.584  24.049  1.00 33.29 ? 375 HOH A O   1 
HETATM 1725 O  O   . HOH B 2 .   ? -12.010 -1.335  11.675  1.00 38.34 ? 376 HOH A O   1 
HETATM 1726 O  O   . HOH B 2 .   ? -13.054 -16.080 -2.499  1.00 35.14 ? 377 HOH A O   1 
HETATM 1727 O  O   . HOH B 2 .   ? -16.980 -4.353  5.123   1.00 38.33 ? 378 HOH A O   1 
HETATM 1728 O  O   . HOH B 2 .   ? 9.360   -18.669 -12.765 1.00 40.10 ? 379 HOH A O   1 
HETATM 1729 O  O   . HOH B 2 .   ? -10.516 -0.498  -11.964 1.00 37.84 ? 380 HOH A O   1 
HETATM 1730 O  O   . HOH B 2 .   ? -9.059  15.371  -10.300 1.00 34.88 ? 381 HOH A O   1 
HETATM 1731 O  O   . HOH B 2 .   ? -13.020 15.002  -6.840  1.00 40.58 ? 382 HOH A O   1 
HETATM 1732 O  O   . HOH B 2 .   ? -11.173 1.385   11.365  1.00 28.38 ? 383 HOH A O   1 
HETATM 1733 O  O   . HOH B 2 .   ? 6.130   5.677   15.971  1.00 35.34 ? 384 HOH A O   1 
HETATM 1734 O  O   . HOH B 2 .   ? 5.940   19.555  8.859   1.00 37.85 ? 385 HOH A O   1 
# 
